data_1IOP
# 
_entry.id   1IOP 
# 
_audit_conform.dict_name       mmcif_pdbx.dic 
_audit_conform.dict_version    5.389 
_audit_conform.dict_location   http://mmcif.pdb.org/dictionaries/ascii/mmcif_pdbx.dic 
# 
loop_
_database_2.database_id 
_database_2.database_code 
_database_2.pdbx_database_accession 
_database_2.pdbx_DOI 
PDB   1IOP         pdb_00001iop 10.2210/pdb1iop/pdb 
WWPDB D_1000174225 ?            ?                   
# 
loop_
_pdbx_audit_revision_history.ordinal 
_pdbx_audit_revision_history.data_content_type 
_pdbx_audit_revision_history.major_revision 
_pdbx_audit_revision_history.minor_revision 
_pdbx_audit_revision_history.revision_date 
1 'Structure model' 1 0 1998-04-08 
2 'Structure model' 1 1 2008-03-24 
3 'Structure model' 1 2 2011-07-13 
4 'Structure model' 1 3 2024-02-07 
5 'Structure model' 1 4 2024-04-03 
# 
_pdbx_audit_revision_details.ordinal             1 
_pdbx_audit_revision_details.revision_ordinal    1 
_pdbx_audit_revision_details.data_content_type   'Structure model' 
_pdbx_audit_revision_details.provider            repository 
_pdbx_audit_revision_details.type                'Initial release' 
_pdbx_audit_revision_details.description         ? 
_pdbx_audit_revision_details.details             ? 
# 
loop_
_pdbx_audit_revision_group.ordinal 
_pdbx_audit_revision_group.revision_ordinal 
_pdbx_audit_revision_group.data_content_type 
_pdbx_audit_revision_group.group 
1 2 'Structure model' 'Version format compliance' 
2 3 'Structure model' 'Version format compliance' 
3 4 'Structure model' 'Data collection'           
4 4 'Structure model' 'Database references'       
5 4 'Structure model' 'Derived calculations'      
6 4 'Structure model' Other                       
7 5 'Structure model' 'Refinement description'    
# 
loop_
_pdbx_audit_revision_category.ordinal 
_pdbx_audit_revision_category.revision_ordinal 
_pdbx_audit_revision_category.data_content_type 
_pdbx_audit_revision_category.category 
1 4 'Structure model' chem_comp_atom                
2 4 'Structure model' chem_comp_bond                
3 4 'Structure model' database_2                    
4 4 'Structure model' pdbx_database_status          
5 4 'Structure model' pdbx_validate_chiral          
6 4 'Structure model' struct_conn                   
7 4 'Structure model' struct_site                   
8 5 'Structure model' pdbx_initial_refinement_model 
# 
loop_
_pdbx_audit_revision_item.ordinal 
_pdbx_audit_revision_item.revision_ordinal 
_pdbx_audit_revision_item.data_content_type 
_pdbx_audit_revision_item.item 
1  4 'Structure model' '_database_2.pdbx_DOI'                
2  4 'Structure model' '_database_2.pdbx_database_accession' 
3  4 'Structure model' '_pdbx_database_status.process_site'  
4  4 'Structure model' '_struct_conn.ptnr1_auth_comp_id'     
5  4 'Structure model' '_struct_conn.ptnr1_auth_seq_id'      
6  4 'Structure model' '_struct_conn.ptnr1_label_asym_id'    
7  4 'Structure model' '_struct_conn.ptnr1_label_atom_id'    
8  4 'Structure model' '_struct_conn.ptnr1_label_comp_id'    
9  4 'Structure model' '_struct_conn.ptnr1_label_seq_id'     
10 4 'Structure model' '_struct_conn.ptnr2_auth_comp_id'     
11 4 'Structure model' '_struct_conn.ptnr2_auth_seq_id'      
12 4 'Structure model' '_struct_conn.ptnr2_label_asym_id'    
13 4 'Structure model' '_struct_conn.ptnr2_label_atom_id'    
14 4 'Structure model' '_struct_conn.ptnr2_label_comp_id'    
15 4 'Structure model' '_struct_conn.ptnr2_label_seq_id'     
16 4 'Structure model' '_struct_site.pdbx_auth_asym_id'      
17 4 'Structure model' '_struct_site.pdbx_auth_comp_id'      
18 4 'Structure model' '_struct_site.pdbx_auth_seq_id'       
# 
_pdbx_database_status.status_code                     REL 
_pdbx_database_status.entry_id                        1IOP 
_pdbx_database_status.recvd_initial_deposition_date   1997-12-12 
_pdbx_database_status.deposit_site                    ? 
_pdbx_database_status.process_site                    BNL 
_pdbx_database_status.SG_entry                        . 
_pdbx_database_status.pdb_format_compatible           Y 
_pdbx_database_status.status_code_mr                  ? 
_pdbx_database_status.status_code_sf                  ? 
_pdbx_database_status.status_code_cs                  ? 
_pdbx_database_status.status_code_nmr_data            ? 
_pdbx_database_status.methods_development_category    ? 
# 
loop_
_audit_author.name 
_audit_author.pdbx_ordinal 
'Igarashi, N.' 1 
'Neya, S.'     2 
'Funasaki, N.' 3 
'Tanaka, N.'   4 
# 
_citation.id                        primary 
_citation.title                     'Structure and function of 6,7-dicarboxyheme-substituted myoglobin' 
_citation.journal_abbrev            Biochemistry 
_citation.journal_volume            37 
_citation.page_first                5487 
_citation.page_last                 5493 
_citation.year                      1998 
_citation.journal_id_ASTM           BICHAW 
_citation.country                   US 
_citation.journal_id_ISSN           0006-2960 
_citation.journal_id_CSD            0033 
_citation.book_publisher            ? 
_citation.pdbx_database_id_PubMed   9548931 
_citation.pdbx_database_id_DOI      10.1021/bi972632c 
# 
loop_
_citation_author.citation_id 
_citation_author.name 
_citation_author.ordinal 
_citation_author.identifier_ORCID 
primary 'Neya, S.'     1 ? 
primary 'Funasaki, N.' 2 ? 
primary 'Igarashi, N.' 3 ? 
primary 'Ikezaki, A.'  4 ? 
primary 'Sato, T.'     5 ? 
primary 'Imai, K.'     6 ? 
primary 'Tanaka, N.'   7 ? 
# 
loop_
_entity.id 
_entity.type 
_entity.src_method 
_entity.pdbx_description 
_entity.formula_weight 
_entity.pdbx_number_of_molecules 
_entity.pdbx_ec 
_entity.pdbx_mutation 
_entity.pdbx_fragment 
_entity.details 
1 polymer     nat MYOGLOBIN                                  17234.951 1   ? ? ? 
'CYANOMET MYOGLOBIN SUBSTITUTED WITH 6,7-DICARBOXYLHEMIN' 
2 non-polymer syn 'CYANIDE ION'                              26.017    1   ? ? ? ? 
3 non-polymer syn 'SULFATE ION'                              96.063    1   ? ? ? ? 
4 non-polymer syn 6,7-DICARBOXYL-1,2,3,4,5,8-HEXAMETHYLHEMIN 536.360   1   ? ? ? ? 
5 water       nat water                                      18.015    136 ? ? ? ? 
# 
_entity_poly.entity_id                      1 
_entity_poly.type                           'polypeptide(L)' 
_entity_poly.nstd_linkage                   no 
_entity_poly.nstd_monomer                   no 
_entity_poly.pdbx_seq_one_letter_code       
;VLSEGEWQLVLHVWAKVEADVAGHGQDILIRLFKSHPETLEKFDRFKHLKTEAEMKASEDLKKHGVTVLTALGAILKKKG
HHEAELKPLAQSHATKHKIPIKYLEFISEAIIHVLHSRHPGDFGADAQGAMNKALELFRKDIAAKYKELGYQG
;
_entity_poly.pdbx_seq_one_letter_code_can   
;VLSEGEWQLVLHVWAKVEADVAGHGQDILIRLFKSHPETLEKFDRFKHLKTEAEMKASEDLKKHGVTVLTALGAILKKKG
HHEAELKPLAQSHATKHKIPIKYLEFISEAIIHVLHSRHPGDFGADAQGAMNKALELFRKDIAAKYKELGYQG
;
_entity_poly.pdbx_strand_id                 A 
_entity_poly.pdbx_target_identifier         ? 
# 
loop_
_pdbx_entity_nonpoly.entity_id 
_pdbx_entity_nonpoly.name 
_pdbx_entity_nonpoly.comp_id 
2 'CYANIDE ION'                              CYN 
3 'SULFATE ION'                              SO4 
4 6,7-DICARBOXYL-1,2,3,4,5,8-HEXAMETHYLHEMIN HE6 
5 water                                      HOH 
# 
loop_
_entity_poly_seq.entity_id 
_entity_poly_seq.num 
_entity_poly_seq.mon_id 
_entity_poly_seq.hetero 
1 1   VAL n 
1 2   LEU n 
1 3   SER n 
1 4   GLU n 
1 5   GLY n 
1 6   GLU n 
1 7   TRP n 
1 8   GLN n 
1 9   LEU n 
1 10  VAL n 
1 11  LEU n 
1 12  HIS n 
1 13  VAL n 
1 14  TRP n 
1 15  ALA n 
1 16  LYS n 
1 17  VAL n 
1 18  GLU n 
1 19  ALA n 
1 20  ASP n 
1 21  VAL n 
1 22  ALA n 
1 23  GLY n 
1 24  HIS n 
1 25  GLY n 
1 26  GLN n 
1 27  ASP n 
1 28  ILE n 
1 29  LEU n 
1 30  ILE n 
1 31  ARG n 
1 32  LEU n 
1 33  PHE n 
1 34  LYS n 
1 35  SER n 
1 36  HIS n 
1 37  PRO n 
1 38  GLU n 
1 39  THR n 
1 40  LEU n 
1 41  GLU n 
1 42  LYS n 
1 43  PHE n 
1 44  ASP n 
1 45  ARG n 
1 46  PHE n 
1 47  LYS n 
1 48  HIS n 
1 49  LEU n 
1 50  LYS n 
1 51  THR n 
1 52  GLU n 
1 53  ALA n 
1 54  GLU n 
1 55  MET n 
1 56  LYS n 
1 57  ALA n 
1 58  SER n 
1 59  GLU n 
1 60  ASP n 
1 61  LEU n 
1 62  LYS n 
1 63  LYS n 
1 64  HIS n 
1 65  GLY n 
1 66  VAL n 
1 67  THR n 
1 68  VAL n 
1 69  LEU n 
1 70  THR n 
1 71  ALA n 
1 72  LEU n 
1 73  GLY n 
1 74  ALA n 
1 75  ILE n 
1 76  LEU n 
1 77  LYS n 
1 78  LYS n 
1 79  LYS n 
1 80  GLY n 
1 81  HIS n 
1 82  HIS n 
1 83  GLU n 
1 84  ALA n 
1 85  GLU n 
1 86  LEU n 
1 87  LYS n 
1 88  PRO n 
1 89  LEU n 
1 90  ALA n 
1 91  GLN n 
1 92  SER n 
1 93  HIS n 
1 94  ALA n 
1 95  THR n 
1 96  LYS n 
1 97  HIS n 
1 98  LYS n 
1 99  ILE n 
1 100 PRO n 
1 101 ILE n 
1 102 LYS n 
1 103 TYR n 
1 104 LEU n 
1 105 GLU n 
1 106 PHE n 
1 107 ILE n 
1 108 SER n 
1 109 GLU n 
1 110 ALA n 
1 111 ILE n 
1 112 ILE n 
1 113 HIS n 
1 114 VAL n 
1 115 LEU n 
1 116 HIS n 
1 117 SER n 
1 118 ARG n 
1 119 HIS n 
1 120 PRO n 
1 121 GLY n 
1 122 ASP n 
1 123 PHE n 
1 124 GLY n 
1 125 ALA n 
1 126 ASP n 
1 127 ALA n 
1 128 GLN n 
1 129 GLY n 
1 130 ALA n 
1 131 MET n 
1 132 ASN n 
1 133 LYS n 
1 134 ALA n 
1 135 LEU n 
1 136 GLU n 
1 137 LEU n 
1 138 PHE n 
1 139 ARG n 
1 140 LYS n 
1 141 ASP n 
1 142 ILE n 
1 143 ALA n 
1 144 ALA n 
1 145 LYS n 
1 146 TYR n 
1 147 LYS n 
1 148 GLU n 
1 149 LEU n 
1 150 GLY n 
1 151 TYR n 
1 152 GLN n 
1 153 GLY n 
# 
_entity_src_nat.entity_id                  1 
_entity_src_nat.pdbx_src_id                1 
_entity_src_nat.pdbx_alt_source_flag       sample 
_entity_src_nat.pdbx_beg_seq_num           ? 
_entity_src_nat.pdbx_end_seq_num           ? 
_entity_src_nat.common_name                'sperm whale' 
_entity_src_nat.pdbx_organism_scientific   'Physeter catodon' 
_entity_src_nat.pdbx_ncbi_taxonomy_id      9755 
_entity_src_nat.genus                      Physeter 
_entity_src_nat.species                    ? 
_entity_src_nat.strain                     ? 
_entity_src_nat.tissue                     ? 
_entity_src_nat.tissue_fraction            ? 
_entity_src_nat.pdbx_secretion             ? 
_entity_src_nat.pdbx_fragment              ? 
_entity_src_nat.pdbx_variant               ? 
_entity_src_nat.pdbx_cell_line             ? 
_entity_src_nat.pdbx_atcc                  ? 
_entity_src_nat.pdbx_cellular_location     ? 
_entity_src_nat.pdbx_organ                 ? 
_entity_src_nat.pdbx_organelle             ? 
_entity_src_nat.pdbx_cell                  ? 
_entity_src_nat.pdbx_plasmid_name          ? 
_entity_src_nat.pdbx_plasmid_details       ? 
_entity_src_nat.details                    ? 
# 
loop_
_chem_comp.id 
_chem_comp.type 
_chem_comp.mon_nstd_flag 
_chem_comp.name 
_chem_comp.pdbx_synonyms 
_chem_comp.formula 
_chem_comp.formula_weight 
ALA 'L-peptide linking' y ALANINE                                    ? 'C3 H7 N O2'       89.093  
ARG 'L-peptide linking' y ARGININE                                   ? 'C6 H15 N4 O2 1'   175.209 
ASN 'L-peptide linking' y ASPARAGINE                                 ? 'C4 H8 N2 O3'      132.118 
ASP 'L-peptide linking' y 'ASPARTIC ACID'                            ? 'C4 H7 N O4'       133.103 
CYN non-polymer         . 'CYANIDE ION'                              ? 'C N -1'           26.017  
GLN 'L-peptide linking' y GLUTAMINE                                  ? 'C5 H10 N2 O3'     146.144 
GLU 'L-peptide linking' y 'GLUTAMIC ACID'                            ? 'C5 H9 N O4'       147.129 
GLY 'peptide linking'   y GLYCINE                                    ? 'C2 H5 N O2'       75.067  
HE6 non-polymer         . 6,7-DICARBOXYL-1,2,3,4,5,8-HEXAMETHYLHEMIN ? 'C28 H24 Fe N4 O4' 536.360 
HIS 'L-peptide linking' y HISTIDINE                                  ? 'C6 H10 N3 O2 1'   156.162 
HOH non-polymer         . WATER                                      ? 'H2 O'             18.015  
ILE 'L-peptide linking' y ISOLEUCINE                                 ? 'C6 H13 N O2'      131.173 
LEU 'L-peptide linking' y LEUCINE                                    ? 'C6 H13 N O2'      131.173 
LYS 'L-peptide linking' y LYSINE                                     ? 'C6 H15 N2 O2 1'   147.195 
MET 'L-peptide linking' y METHIONINE                                 ? 'C5 H11 N O2 S'    149.211 
PHE 'L-peptide linking' y PHENYLALANINE                              ? 'C9 H11 N O2'      165.189 
PRO 'L-peptide linking' y PROLINE                                    ? 'C5 H9 N O2'       115.130 
SER 'L-peptide linking' y SERINE                                     ? 'C3 H7 N O3'       105.093 
SO4 non-polymer         . 'SULFATE ION'                              ? 'O4 S -2'          96.063  
THR 'L-peptide linking' y THREONINE                                  ? 'C4 H9 N O3'       119.119 
TRP 'L-peptide linking' y TRYPTOPHAN                                 ? 'C11 H12 N2 O2'    204.225 
TYR 'L-peptide linking' y TYROSINE                                   ? 'C9 H11 N O3'      181.189 
VAL 'L-peptide linking' y VALINE                                     ? 'C5 H11 N O2'      117.146 
# 
loop_
_pdbx_poly_seq_scheme.asym_id 
_pdbx_poly_seq_scheme.entity_id 
_pdbx_poly_seq_scheme.seq_id 
_pdbx_poly_seq_scheme.mon_id 
_pdbx_poly_seq_scheme.ndb_seq_num 
_pdbx_poly_seq_scheme.pdb_seq_num 
_pdbx_poly_seq_scheme.auth_seq_num 
_pdbx_poly_seq_scheme.pdb_mon_id 
_pdbx_poly_seq_scheme.auth_mon_id 
_pdbx_poly_seq_scheme.pdb_strand_id 
_pdbx_poly_seq_scheme.pdb_ins_code 
_pdbx_poly_seq_scheme.hetero 
A 1 1   VAL 1   1   1   VAL VAL A . n 
A 1 2   LEU 2   2   2   LEU LEU A . n 
A 1 3   SER 3   3   3   SER SER A . n 
A 1 4   GLU 4   4   4   GLU GLU A . n 
A 1 5   GLY 5   5   5   GLY GLY A . n 
A 1 6   GLU 6   6   6   GLU GLU A . n 
A 1 7   TRP 7   7   7   TRP TRP A . n 
A 1 8   GLN 8   8   8   GLN GLN A . n 
A 1 9   LEU 9   9   9   LEU LEU A . n 
A 1 10  VAL 10  10  10  VAL VAL A . n 
A 1 11  LEU 11  11  11  LEU LEU A . n 
A 1 12  HIS 12  12  12  HIS HIS A . n 
A 1 13  VAL 13  13  13  VAL VAL A . n 
A 1 14  TRP 14  14  14  TRP TRP A . n 
A 1 15  ALA 15  15  15  ALA ALA A . n 
A 1 16  LYS 16  16  16  LYS LYS A . n 
A 1 17  VAL 17  17  17  VAL VAL A . n 
A 1 18  GLU 18  18  18  GLU GLU A . n 
A 1 19  ALA 19  19  19  ALA ALA A . n 
A 1 20  ASP 20  20  20  ASP ASP A . n 
A 1 21  VAL 21  21  21  VAL VAL A . n 
A 1 22  ALA 22  22  22  ALA ALA A . n 
A 1 23  GLY 23  23  23  GLY GLY A . n 
A 1 24  HIS 24  24  24  HIS HIS A . n 
A 1 25  GLY 25  25  25  GLY GLY A . n 
A 1 26  GLN 26  26  26  GLN GLN A . n 
A 1 27  ASP 27  27  27  ASP ASP A . n 
A 1 28  ILE 28  28  28  ILE ILE A . n 
A 1 29  LEU 29  29  29  LEU LEU A . n 
A 1 30  ILE 30  30  30  ILE ILE A . n 
A 1 31  ARG 31  31  31  ARG ARG A . n 
A 1 32  LEU 32  32  32  LEU LEU A . n 
A 1 33  PHE 33  33  33  PHE PHE A . n 
A 1 34  LYS 34  34  34  LYS LYS A . n 
A 1 35  SER 35  35  35  SER SER A . n 
A 1 36  HIS 36  36  36  HIS HIS A . n 
A 1 37  PRO 37  37  37  PRO PRO A . n 
A 1 38  GLU 38  38  38  GLU GLU A . n 
A 1 39  THR 39  39  39  THR THR A . n 
A 1 40  LEU 40  40  40  LEU LEU A . n 
A 1 41  GLU 41  41  41  GLU GLU A . n 
A 1 42  LYS 42  42  42  LYS LYS A . n 
A 1 43  PHE 43  43  43  PHE PHE A . n 
A 1 44  ASP 44  44  44  ASP ASP A . n 
A 1 45  ARG 45  45  45  ARG ARG A . n 
A 1 46  PHE 46  46  46  PHE PHE A . n 
A 1 47  LYS 47  47  47  LYS LYS A . n 
A 1 48  HIS 48  48  48  HIS HIS A . n 
A 1 49  LEU 49  49  49  LEU LEU A . n 
A 1 50  LYS 50  50  50  LYS LYS A . n 
A 1 51  THR 51  51  51  THR THR A . n 
A 1 52  GLU 52  52  52  GLU GLU A . n 
A 1 53  ALA 53  53  53  ALA ALA A . n 
A 1 54  GLU 54  54  54  GLU GLU A . n 
A 1 55  MET 55  55  55  MET MET A . n 
A 1 56  LYS 56  56  56  LYS LYS A . n 
A 1 57  ALA 57  57  57  ALA ALA A . n 
A 1 58  SER 58  58  58  SER SER A . n 
A 1 59  GLU 59  59  59  GLU GLU A . n 
A 1 60  ASP 60  60  60  ASP ASP A . n 
A 1 61  LEU 61  61  61  LEU LEU A . n 
A 1 62  LYS 62  62  62  LYS LYS A . n 
A 1 63  LYS 63  63  63  LYS LYS A . n 
A 1 64  HIS 64  64  64  HIS HIS A . n 
A 1 65  GLY 65  65  65  GLY GLY A . n 
A 1 66  VAL 66  66  66  VAL VAL A . n 
A 1 67  THR 67  67  67  THR THR A . n 
A 1 68  VAL 68  68  68  VAL VAL A . n 
A 1 69  LEU 69  69  69  LEU LEU A . n 
A 1 70  THR 70  70  70  THR THR A . n 
A 1 71  ALA 71  71  71  ALA ALA A . n 
A 1 72  LEU 72  72  72  LEU LEU A . n 
A 1 73  GLY 73  73  73  GLY GLY A . n 
A 1 74  ALA 74  74  74  ALA ALA A . n 
A 1 75  ILE 75  75  75  ILE ILE A . n 
A 1 76  LEU 76  76  76  LEU LEU A . n 
A 1 77  LYS 77  77  77  LYS LYS A . n 
A 1 78  LYS 78  78  78  LYS LYS A . n 
A 1 79  LYS 79  79  79  LYS LYS A . n 
A 1 80  GLY 80  80  80  GLY GLY A . n 
A 1 81  HIS 81  81  81  HIS HIS A . n 
A 1 82  HIS 82  82  82  HIS HIS A . n 
A 1 83  GLU 83  83  83  GLU GLU A . n 
A 1 84  ALA 84  84  84  ALA ALA A . n 
A 1 85  GLU 85  85  85  GLU GLU A . n 
A 1 86  LEU 86  86  86  LEU LEU A . n 
A 1 87  LYS 87  87  87  LYS LYS A . n 
A 1 88  PRO 88  88  88  PRO PRO A . n 
A 1 89  LEU 89  89  89  LEU LEU A . n 
A 1 90  ALA 90  90  90  ALA ALA A . n 
A 1 91  GLN 91  91  91  GLN GLN A . n 
A 1 92  SER 92  92  92  SER SER A . n 
A 1 93  HIS 93  93  93  HIS HIS A . n 
A 1 94  ALA 94  94  94  ALA ALA A . n 
A 1 95  THR 95  95  95  THR THR A . n 
A 1 96  LYS 96  96  96  LYS LYS A . n 
A 1 97  HIS 97  97  97  HIS HIS A . n 
A 1 98  LYS 98  98  98  LYS LYS A . n 
A 1 99  ILE 99  99  99  ILE ILE A . n 
A 1 100 PRO 100 100 100 PRO PRO A . n 
A 1 101 ILE 101 101 101 ILE ILE A . n 
A 1 102 LYS 102 102 102 LYS LYS A . n 
A 1 103 TYR 103 103 103 TYR TYR A . n 
A 1 104 LEU 104 104 104 LEU LEU A . n 
A 1 105 GLU 105 105 105 GLU GLU A . n 
A 1 106 PHE 106 106 106 PHE PHE A . n 
A 1 107 ILE 107 107 107 ILE ILE A . n 
A 1 108 SER 108 108 108 SER SER A . n 
A 1 109 GLU 109 109 109 GLU GLU A . n 
A 1 110 ALA 110 110 110 ALA ALA A . n 
A 1 111 ILE 111 111 111 ILE ILE A . n 
A 1 112 ILE 112 112 112 ILE ILE A . n 
A 1 113 HIS 113 113 113 HIS HIS A . n 
A 1 114 VAL 114 114 114 VAL VAL A . n 
A 1 115 LEU 115 115 115 LEU LEU A . n 
A 1 116 HIS 116 116 116 HIS HIS A . n 
A 1 117 SER 117 117 117 SER SER A . n 
A 1 118 ARG 118 118 118 ARG ARG A . n 
A 1 119 HIS 119 119 119 HIS HIS A . n 
A 1 120 PRO 120 120 120 PRO PRO A . n 
A 1 121 GLY 121 121 121 GLY GLY A . n 
A 1 122 ASP 122 122 122 ASP ASP A . n 
A 1 123 PHE 123 123 123 PHE PHE A . n 
A 1 124 GLY 124 124 124 GLY GLY A . n 
A 1 125 ALA 125 125 125 ALA ALA A . n 
A 1 126 ASP 126 126 126 ASP ASP A . n 
A 1 127 ALA 127 127 127 ALA ALA A . n 
A 1 128 GLN 128 128 128 GLN GLN A . n 
A 1 129 GLY 129 129 129 GLY GLY A . n 
A 1 130 ALA 130 130 130 ALA ALA A . n 
A 1 131 MET 131 131 131 MET MET A . n 
A 1 132 ASN 132 132 132 ASN ASN A . n 
A 1 133 LYS 133 133 133 LYS LYS A . n 
A 1 134 ALA 134 134 134 ALA ALA A . n 
A 1 135 LEU 135 135 135 LEU LEU A . n 
A 1 136 GLU 136 136 136 GLU GLU A . n 
A 1 137 LEU 137 137 137 LEU LEU A . n 
A 1 138 PHE 138 138 138 PHE PHE A . n 
A 1 139 ARG 139 139 139 ARG ARG A . n 
A 1 140 LYS 140 140 140 LYS LYS A . n 
A 1 141 ASP 141 141 141 ASP ASP A . n 
A 1 142 ILE 142 142 142 ILE ILE A . n 
A 1 143 ALA 143 143 143 ALA ALA A . n 
A 1 144 ALA 144 144 144 ALA ALA A . n 
A 1 145 LYS 145 145 145 LYS LYS A . n 
A 1 146 TYR 146 146 146 TYR TYR A . n 
A 1 147 LYS 147 147 147 LYS LYS A . n 
A 1 148 GLU 148 148 148 GLU GLU A . n 
A 1 149 LEU 149 149 149 LEU LEU A . n 
A 1 150 GLY 150 150 150 GLY GLY A . n 
A 1 151 TYR 151 151 151 TYR TYR A . n 
A 1 152 GLN 152 152 152 GLN GLN A . n 
A 1 153 GLY 153 153 153 GLY GLY A . n 
# 
loop_
_pdbx_nonpoly_scheme.asym_id 
_pdbx_nonpoly_scheme.entity_id 
_pdbx_nonpoly_scheme.mon_id 
_pdbx_nonpoly_scheme.ndb_seq_num 
_pdbx_nonpoly_scheme.pdb_seq_num 
_pdbx_nonpoly_scheme.auth_seq_num 
_pdbx_nonpoly_scheme.pdb_mon_id 
_pdbx_nonpoly_scheme.auth_mon_id 
_pdbx_nonpoly_scheme.pdb_strand_id 
_pdbx_nonpoly_scheme.pdb_ins_code 
B 2 CYN 1   155 155 CYN CYN A . 
C 3 SO4 1   300 300 SO4 SO4 A . 
D 4 HE6 1   154 154 HE6 HE6 A . 
E 5 HOH 1   156 156 HOH HOH A . 
E 5 HOH 2   157 157 HOH HOH A . 
E 5 HOH 3   158 158 HOH HOH A . 
E 5 HOH 4   159 159 HOH HOH A . 
E 5 HOH 5   160 160 HOH HOH A . 
E 5 HOH 6   161 161 HOH HOH A . 
E 5 HOH 7   162 162 HOH HOH A . 
E 5 HOH 8   163 163 HOH HOH A . 
E 5 HOH 9   164 164 HOH HOH A . 
E 5 HOH 10  165 165 HOH HOH A . 
E 5 HOH 11  166 166 HOH HOH A . 
E 5 HOH 12  167 167 HOH HOH A . 
E 5 HOH 13  168 168 HOH HOH A . 
E 5 HOH 14  169 169 HOH HOH A . 
E 5 HOH 15  170 170 HOH HOH A . 
E 5 HOH 16  171 171 HOH HOH A . 
E 5 HOH 17  172 172 HOH HOH A . 
E 5 HOH 18  173 173 HOH HOH A . 
E 5 HOH 19  174 174 HOH HOH A . 
E 5 HOH 20  175 175 HOH HOH A . 
E 5 HOH 21  176 176 HOH HOH A . 
E 5 HOH 22  177 177 HOH HOH A . 
E 5 HOH 23  178 178 HOH HOH A . 
E 5 HOH 24  179 179 HOH HOH A . 
E 5 HOH 25  180 180 HOH HOH A . 
E 5 HOH 26  181 181 HOH HOH A . 
E 5 HOH 27  182 182 HOH HOH A . 
E 5 HOH 28  183 183 HOH HOH A . 
E 5 HOH 29  184 184 HOH HOH A . 
E 5 HOH 30  185 185 HOH HOH A . 
E 5 HOH 31  186 186 HOH HOH A . 
E 5 HOH 32  187 187 HOH HOH A . 
E 5 HOH 33  188 188 HOH HOH A . 
E 5 HOH 34  189 189 HOH HOH A . 
E 5 HOH 35  190 190 HOH HOH A . 
E 5 HOH 36  191 191 HOH HOH A . 
E 5 HOH 37  192 192 HOH HOH A . 
E 5 HOH 38  193 193 HOH HOH A . 
E 5 HOH 39  194 194 HOH HOH A . 
E 5 HOH 40  195 195 HOH HOH A . 
E 5 HOH 41  196 196 HOH HOH A . 
E 5 HOH 42  197 197 HOH HOH A . 
E 5 HOH 43  198 198 HOH HOH A . 
E 5 HOH 44  199 199 HOH HOH A . 
E 5 HOH 45  200 200 HOH HOH A . 
E 5 HOH 46  201 201 HOH HOH A . 
E 5 HOH 47  202 202 HOH HOH A . 
E 5 HOH 48  203 203 HOH HOH A . 
E 5 HOH 49  204 204 HOH HOH A . 
E 5 HOH 50  205 205 HOH HOH A . 
E 5 HOH 51  206 206 HOH HOH A . 
E 5 HOH 52  207 207 HOH HOH A . 
E 5 HOH 53  208 208 HOH HOH A . 
E 5 HOH 54  209 209 HOH HOH A . 
E 5 HOH 55  210 210 HOH HOH A . 
E 5 HOH 56  211 211 HOH HOH A . 
E 5 HOH 57  212 212 HOH HOH A . 
E 5 HOH 58  213 213 HOH HOH A . 
E 5 HOH 59  214 214 HOH HOH A . 
E 5 HOH 60  215 215 HOH HOH A . 
E 5 HOH 61  216 216 HOH HOH A . 
E 5 HOH 62  217 217 HOH HOH A . 
E 5 HOH 63  218 218 HOH HOH A . 
E 5 HOH 64  219 219 HOH HOH A . 
E 5 HOH 65  220 220 HOH HOH A . 
E 5 HOH 66  221 221 HOH HOH A . 
E 5 HOH 67  222 222 HOH HOH A . 
E 5 HOH 68  223 223 HOH HOH A . 
E 5 HOH 69  224 224 HOH HOH A . 
E 5 HOH 70  225 225 HOH HOH A . 
E 5 HOH 71  226 226 HOH HOH A . 
E 5 HOH 72  227 227 HOH HOH A . 
E 5 HOH 73  228 228 HOH HOH A . 
E 5 HOH 74  229 229 HOH HOH A . 
E 5 HOH 75  230 230 HOH HOH A . 
E 5 HOH 76  231 231 HOH HOH A . 
E 5 HOH 77  232 232 HOH HOH A . 
E 5 HOH 78  233 233 HOH HOH A . 
E 5 HOH 79  234 234 HOH HOH A . 
E 5 HOH 80  235 235 HOH HOH A . 
E 5 HOH 81  236 236 HOH HOH A . 
E 5 HOH 82  237 237 HOH HOH A . 
E 5 HOH 83  238 238 HOH HOH A . 
E 5 HOH 84  239 239 HOH HOH A . 
E 5 HOH 85  240 240 HOH HOH A . 
E 5 HOH 86  241 241 HOH HOH A . 
E 5 HOH 87  242 242 HOH HOH A . 
E 5 HOH 88  243 243 HOH HOH A . 
E 5 HOH 89  244 244 HOH HOH A . 
E 5 HOH 90  245 245 HOH HOH A . 
E 5 HOH 91  246 246 HOH HOH A . 
E 5 HOH 92  247 247 HOH HOH A . 
E 5 HOH 93  248 248 HOH HOH A . 
E 5 HOH 94  249 249 HOH HOH A . 
E 5 HOH 95  250 250 HOH HOH A . 
E 5 HOH 96  251 251 HOH HOH A . 
E 5 HOH 97  252 252 HOH HOH A . 
E 5 HOH 98  253 253 HOH HOH A . 
E 5 HOH 99  254 254 HOH HOH A . 
E 5 HOH 100 255 255 HOH HOH A . 
E 5 HOH 101 256 256 HOH HOH A . 
E 5 HOH 102 257 257 HOH HOH A . 
E 5 HOH 103 258 258 HOH HOH A . 
E 5 HOH 104 259 259 HOH HOH A . 
E 5 HOH 105 260 260 HOH HOH A . 
E 5 HOH 106 261 261 HOH HOH A . 
E 5 HOH 107 262 262 HOH HOH A . 
E 5 HOH 108 263 263 HOH HOH A . 
E 5 HOH 109 264 264 HOH HOH A . 
E 5 HOH 110 265 265 HOH HOH A . 
E 5 HOH 111 266 266 HOH HOH A . 
E 5 HOH 112 267 267 HOH HOH A . 
E 5 HOH 113 268 268 HOH HOH A . 
E 5 HOH 114 269 269 HOH HOH A . 
E 5 HOH 115 270 270 HOH HOH A . 
E 5 HOH 116 271 271 HOH HOH A . 
E 5 HOH 117 272 272 HOH HOH A . 
E 5 HOH 118 273 273 HOH HOH A . 
E 5 HOH 119 274 274 HOH HOH A . 
E 5 HOH 120 275 275 HOH HOH A . 
E 5 HOH 121 276 276 HOH HOH A . 
E 5 HOH 122 277 277 HOH HOH A . 
E 5 HOH 123 278 278 HOH HOH A . 
E 5 HOH 124 279 279 HOH HOH A . 
E 5 HOH 125 280 280 HOH HOH A . 
E 5 HOH 126 281 281 HOH HOH A . 
E 5 HOH 127 282 282 HOH HOH A . 
E 5 HOH 128 283 283 HOH HOH A . 
E 5 HOH 129 284 284 HOH HOH A . 
E 5 HOH 130 285 285 HOH HOH A . 
E 5 HOH 131 286 286 HOH HOH A . 
E 5 HOH 132 287 287 HOH HOH A . 
E 5 HOH 133 288 288 HOH HOH A . 
E 5 HOH 134 289 289 HOH HOH A . 
E 5 HOH 135 290 290 HOH HOH A . 
E 5 HOH 136 291 291 HOH HOH A . 
# 
loop_
_software.name 
_software.classification 
_software.version 
_software.citation_id 
_software.pdbx_ordinal 
X-PLOR  'model building' 3.1 ? 1 
X-PLOR  refinement       3.1 ? 2 
PROCESS 'data reduction' .   ? 3 
PROCESS 'data scaling'   .   ? 4 
X-PLOR  phasing          3.1 ? 5 
# 
_cell.entry_id           1IOP 
_cell.length_a           91.020 
_cell.length_b           91.020 
_cell.length_c           45.680 
_cell.angle_alpha        90.00 
_cell.angle_beta         90.00 
_cell.angle_gamma        120.00 
_cell.Z_PDB              6 
_cell.pdbx_unique_axis   ? 
# 
_symmetry.entry_id                         1IOP 
_symmetry.space_group_name_H-M             'P 6' 
_symmetry.pdbx_full_space_group_name_H-M   ? 
_symmetry.cell_setting                     ? 
_symmetry.Int_Tables_number                168 
# 
_exptl.entry_id          1IOP 
_exptl.method            'X-RAY DIFFRACTION' 
_exptl.crystals_number   2 
# 
_exptl_crystal.id                    1 
_exptl_crystal.density_meas          ? 
_exptl_crystal.density_Matthews      3.08 
_exptl_crystal.density_percent_sol   60. 
_exptl_crystal.description           ? 
# 
_exptl_crystal_grow.crystal_id      1 
_exptl_crystal_grow.method          ? 
_exptl_crystal_grow.temp            ? 
_exptl_crystal_grow.temp_details    ? 
_exptl_crystal_grow.pH              7.0 
_exptl_crystal_grow.pdbx_pH_range   ? 
_exptl_crystal_grow.pdbx_details    'pH 7.0' 
# 
_diffrn.id                     1 
_diffrn.ambient_temp           297 
_diffrn.ambient_temp_details   ? 
_diffrn.crystal_id             1 
# 
_diffrn_detector.diffrn_id              1 
_diffrn_detector.detector               'IMAGE PLATE' 
_diffrn_detector.type                   'RIGAKU RAXIS IIC' 
_diffrn_detector.pdbx_collection_date   1995-04-05 
_diffrn_detector.details                ? 
# 
_diffrn_radiation.diffrn_id                        1 
_diffrn_radiation.wavelength_id                    1 
_diffrn_radiation.pdbx_monochromatic_or_laue_m_l   M 
_diffrn_radiation.monochromator                    'DOUBLE CRYSTAL SI(111)' 
_diffrn_radiation.pdbx_diffrn_protocol             ? 
_diffrn_radiation.pdbx_scattering_type             x-ray 
# 
_diffrn_radiation_wavelength.id           1 
_diffrn_radiation_wavelength.wavelength   1.5418 
_diffrn_radiation_wavelength.wt           1.0 
# 
_diffrn_source.diffrn_id                   1 
_diffrn_source.source                      'ROTATING ANODE' 
_diffrn_source.type                        'RIGAKU RUH3R' 
_diffrn_source.pdbx_synchrotron_site       ? 
_diffrn_source.pdbx_synchrotron_beamline   ? 
_diffrn_source.pdbx_wavelength             1.5418 
_diffrn_source.pdbx_wavelength_list        ? 
# 
_reflns.entry_id                     1IOP 
_reflns.observed_criterion_sigma_I   1. 
_reflns.observed_criterion_sigma_F   ? 
_reflns.d_resolution_low             80. 
_reflns.d_resolution_high            1.9 
_reflns.number_obs                   17073 
_reflns.number_all                   ? 
_reflns.percent_possible_obs         96.3 
_reflns.pdbx_Rmerge_I_obs            0.0670000 
_reflns.pdbx_Rsym_value              ? 
_reflns.pdbx_netI_over_sigmaI        8.0 
_reflns.B_iso_Wilson_estimate        ? 
_reflns.pdbx_redundancy              10.8 
_reflns.pdbx_diffrn_id               1 
_reflns.pdbx_ordinal                 1 
# 
_reflns_shell.d_res_high             1.90 
_reflns_shell.d_res_low              1.99 
_reflns_shell.percent_possible_all   94.4 
_reflns_shell.Rmerge_I_obs           0.1450000 
_reflns_shell.pdbx_Rsym_value        ? 
_reflns_shell.meanI_over_sigI_obs    ? 
_reflns_shell.pdbx_redundancy        ? 
_reflns_shell.pdbx_diffrn_id         ? 
_reflns_shell.pdbx_ordinal           1 
# 
_refine.entry_id                                 1IOP 
_refine.ls_number_reflns_obs                     16116 
_refine.ls_number_reflns_all                     ? 
_refine.pdbx_ls_sigma_I                          ? 
_refine.pdbx_ls_sigma_F                          2. 
_refine.pdbx_data_cutoff_high_absF               ? 
_refine.pdbx_data_cutoff_low_absF                ? 
_refine.pdbx_data_cutoff_high_rms_absF           ? 
_refine.ls_d_res_low                             10.0 
_refine.ls_d_res_high                            1.9 
_refine.ls_percent_reflns_obs                    94.4 
_refine.ls_R_factor_obs                          ? 
_refine.ls_R_factor_all                          ? 
_refine.ls_R_factor_R_work                       ? 
_refine.ls_R_factor_R_free                       ? 
_refine.ls_R_factor_R_free_error                 ? 
_refine.ls_R_factor_R_free_error_details         ? 
_refine.ls_percent_reflns_R_free                 ? 
_refine.ls_number_reflns_R_free                  ? 
_refine.ls_number_parameters                     ? 
_refine.ls_number_restraints                     ? 
_refine.occupancy_min                            ? 
_refine.occupancy_max                            ? 
_refine.B_iso_mean                               24.25 
_refine.aniso_B[1][1]                            ? 
_refine.aniso_B[2][2]                            ? 
_refine.aniso_B[3][3]                            ? 
_refine.aniso_B[1][2]                            ? 
_refine.aniso_B[1][3]                            ? 
_refine.aniso_B[2][3]                            ? 
_refine.solvent_model_details                    ? 
_refine.solvent_model_param_ksol                 ? 
_refine.solvent_model_param_bsol                 ? 
_refine.pdbx_ls_cross_valid_method               ? 
_refine.details                                  'PARAMETER AND TOPOLOGY FILES FOR HEME AND SULFATE ION WERE MODIFIED.' 
_refine.pdbx_starting_model                      'SPERM WHALE MYOGLOBIN' 
_refine.pdbx_method_to_determine_struct          'MOLECULAR REPLACEMENT' 
_refine.pdbx_isotropic_thermal_model             ? 
_refine.pdbx_stereochemistry_target_values       ? 
_refine.pdbx_stereochem_target_val_spec_case     ? 
_refine.pdbx_R_Free_selection_details            ? 
_refine.pdbx_overall_ESU_R                       ? 
_refine.pdbx_overall_ESU_R_Free                  ? 
_refine.overall_SU_ML                            ? 
_refine.overall_SU_B                             ? 
_refine.pdbx_refine_id                           'X-RAY DIFFRACTION' 
_refine.pdbx_diffrn_id                           1 
_refine.pdbx_TLS_residual_ADP_flag               ? 
_refine.correlation_coeff_Fo_to_Fc               ? 
_refine.correlation_coeff_Fo_to_Fc_free          ? 
_refine.pdbx_solvent_vdw_probe_radii             ? 
_refine.pdbx_solvent_ion_probe_radii             ? 
_refine.pdbx_solvent_shrinkage_radii             ? 
_refine.pdbx_overall_phase_error                 ? 
_refine.overall_SU_R_Cruickshank_DPI             ? 
_refine.pdbx_overall_SU_R_free_Cruickshank_DPI   ? 
_refine.pdbx_overall_SU_R_Blow_DPI               ? 
_refine.pdbx_overall_SU_R_free_Blow_DPI          ? 
# 
_refine_hist.pdbx_refine_id                   'X-RAY DIFFRACTION' 
_refine_hist.cycle_id                         LAST 
_refine_hist.pdbx_number_atoms_protein        1217 
_refine_hist.pdbx_number_atoms_nucleic_acid   0 
_refine_hist.pdbx_number_atoms_ligand         44 
_refine_hist.number_atoms_solvent             136 
_refine_hist.number_atoms_total               1397 
_refine_hist.d_res_high                       1.9 
_refine_hist.d_res_low                        10.0 
# 
loop_
_refine_ls_restr.type 
_refine_ls_restr.dev_ideal 
_refine_ls_restr.dev_ideal_target 
_refine_ls_restr.weight 
_refine_ls_restr.number 
_refine_ls_restr.pdbx_refine_id 
_refine_ls_restr.pdbx_restraint_function 
x_bond_d                0.007 ? ? ? 'X-RAY DIFFRACTION' ? 
x_bond_d_na             ?     ? ? ? 'X-RAY DIFFRACTION' ? 
x_bond_d_prot           ?     ? ? ? 'X-RAY DIFFRACTION' ? 
x_angle_d               ?     ? ? ? 'X-RAY DIFFRACTION' ? 
x_angle_d_na            ?     ? ? ? 'X-RAY DIFFRACTION' ? 
x_angle_d_prot          ?     ? ? ? 'X-RAY DIFFRACTION' ? 
x_angle_deg             1.645 ? ? ? 'X-RAY DIFFRACTION' ? 
x_angle_deg_na          ?     ? ? ? 'X-RAY DIFFRACTION' ? 
x_angle_deg_prot        ?     ? ? ? 'X-RAY DIFFRACTION' ? 
x_dihedral_angle_d      ?     ? ? ? 'X-RAY DIFFRACTION' ? 
x_dihedral_angle_d_na   ?     ? ? ? 'X-RAY DIFFRACTION' ? 
x_dihedral_angle_d_prot ?     ? ? ? 'X-RAY DIFFRACTION' ? 
x_improper_angle_d      ?     ? ? ? 'X-RAY DIFFRACTION' ? 
x_improper_angle_d_na   ?     ? ? ? 'X-RAY DIFFRACTION' ? 
x_improper_angle_d_prot ?     ? ? ? 'X-RAY DIFFRACTION' ? 
x_mcbond_it             ?     ? ? ? 'X-RAY DIFFRACTION' ? 
x_mcangle_it            ?     ? ? ? 'X-RAY DIFFRACTION' ? 
x_scbond_it             ?     ? ? ? 'X-RAY DIFFRACTION' ? 
x_scangle_it            ?     ? ? ? 'X-RAY DIFFRACTION' ? 
# 
_refine_ls_shell.pdbx_total_number_of_bins_used   8 
_refine_ls_shell.d_res_high                       1.9 
_refine_ls_shell.d_res_low                        1.99 
_refine_ls_shell.number_reflns_R_work             1897 
_refine_ls_shell.R_factor_R_work                  0.2970000 
_refine_ls_shell.percent_reflns_obs               89.7 
_refine_ls_shell.R_factor_R_free                  ? 
_refine_ls_shell.R_factor_R_free_error            ? 
_refine_ls_shell.percent_reflns_R_free            ? 
_refine_ls_shell.number_reflns_R_free             ? 
_refine_ls_shell.pdbx_refine_id                   'X-RAY DIFFRACTION' 
_refine_ls_shell.number_reflns_all                ? 
_refine_ls_shell.R_factor_all                     ? 
# 
loop_
_pdbx_xplor_file.serial_no 
_pdbx_xplor_file.param_file 
_pdbx_xplor_file.topol_file 
_pdbx_xplor_file.pdbx_refine_id 
1 PARHCSDX.PRO TOPHCSDX.PRO 'X-RAY DIFFRACTION' 
2 PARAM.HEME   TOPH.HEME    'X-RAY DIFFRACTION' 
3 PARAM19.SOL  TOPH19.SOL   'X-RAY DIFFRACTION' 
4 SO4.PARAM    SO4.TOP      'X-RAY DIFFRACTION' 
# 
_struct.entry_id                  1IOP 
_struct.title                     'INCORPORATION OF A HEMIN WITH THE SHORTEST ACID SIDE-CHAINS INTO MYOGLOBIN' 
_struct.pdbx_model_details        ? 
_struct.pdbx_CASP_flag            ? 
_struct.pdbx_model_type_details   ? 
# 
_struct_keywords.entry_id        1IOP 
_struct_keywords.pdbx_keywords   'OXYGEN TRANSPORT' 
_struct_keywords.text            'OXYGEN TRANSPORT, GLOBIN FOLD' 
# 
loop_
_struct_asym.id 
_struct_asym.pdbx_blank_PDB_chainid_flag 
_struct_asym.pdbx_modified 
_struct_asym.entity_id 
_struct_asym.details 
A N N 1 ? 
B N N 2 ? 
C N N 3 ? 
D N N 4 ? 
E N N 5 ? 
# 
_struct_ref.id                         1 
_struct_ref.db_name                    UNP 
_struct_ref.db_code                    MYG_PHYCA 
_struct_ref.entity_id                  1 
_struct_ref.pdbx_db_accession          P02185 
_struct_ref.pdbx_align_begin           1 
_struct_ref.pdbx_seq_one_letter_code   
;VLSEGEWQLVLHVWAKVEADVAGHGQDILIRLFKSHPETLEKFDRFKHLKTEAEMKASEDLKKHGVTVLTALGAILKKKG
HHEAELKPLAQSHATKHKIPIKYLEFISEAIIHVLHSRHPGDFGADAQGAMNKALELFRKDIAAKYKELGYQG
;
_struct_ref.pdbx_db_isoform            ? 
# 
_struct_ref_seq.align_id                      1 
_struct_ref_seq.ref_id                        1 
_struct_ref_seq.pdbx_PDB_id_code              1IOP 
_struct_ref_seq.pdbx_strand_id                A 
_struct_ref_seq.seq_align_beg                 1 
_struct_ref_seq.pdbx_seq_align_beg_ins_code   ? 
_struct_ref_seq.seq_align_end                 153 
_struct_ref_seq.pdbx_seq_align_end_ins_code   ? 
_struct_ref_seq.pdbx_db_accession             P02185 
_struct_ref_seq.db_align_beg                  1 
_struct_ref_seq.pdbx_db_align_beg_ins_code    ? 
_struct_ref_seq.db_align_end                  153 
_struct_ref_seq.pdbx_db_align_end_ins_code    ? 
_struct_ref_seq.pdbx_auth_seq_align_beg       1 
_struct_ref_seq.pdbx_auth_seq_align_end       153 
# 
_pdbx_struct_assembly.id                   1 
_pdbx_struct_assembly.details              author_defined_assembly 
_pdbx_struct_assembly.method_details       ? 
_pdbx_struct_assembly.oligomeric_details   monomeric 
_pdbx_struct_assembly.oligomeric_count     1 
# 
_pdbx_struct_assembly_gen.assembly_id       1 
_pdbx_struct_assembly_gen.oper_expression   1 
_pdbx_struct_assembly_gen.asym_id_list      A,B,C,D,E 
# 
_pdbx_struct_oper_list.id                   1 
_pdbx_struct_oper_list.type                 'identity operation' 
_pdbx_struct_oper_list.name                 1_555 
_pdbx_struct_oper_list.symmetry_operation   x,y,z 
_pdbx_struct_oper_list.matrix[1][1]         1.0000000000 
_pdbx_struct_oper_list.matrix[1][2]         0.0000000000 
_pdbx_struct_oper_list.matrix[1][3]         0.0000000000 
_pdbx_struct_oper_list.vector[1]            0.0000000000 
_pdbx_struct_oper_list.matrix[2][1]         0.0000000000 
_pdbx_struct_oper_list.matrix[2][2]         1.0000000000 
_pdbx_struct_oper_list.matrix[2][3]         0.0000000000 
_pdbx_struct_oper_list.vector[2]            0.0000000000 
_pdbx_struct_oper_list.matrix[3][1]         0.0000000000 
_pdbx_struct_oper_list.matrix[3][2]         0.0000000000 
_pdbx_struct_oper_list.matrix[3][3]         1.0000000000 
_pdbx_struct_oper_list.vector[3]            0.0000000000 
# 
_struct_biol.id   1 
# 
loop_
_struct_conf.conf_type_id 
_struct_conf.id 
_struct_conf.pdbx_PDB_helix_id 
_struct_conf.beg_label_comp_id 
_struct_conf.beg_label_asym_id 
_struct_conf.beg_label_seq_id 
_struct_conf.pdbx_beg_PDB_ins_code 
_struct_conf.end_label_comp_id 
_struct_conf.end_label_asym_id 
_struct_conf.end_label_seq_id 
_struct_conf.pdbx_end_PDB_ins_code 
_struct_conf.beg_auth_comp_id 
_struct_conf.beg_auth_asym_id 
_struct_conf.beg_auth_seq_id 
_struct_conf.end_auth_comp_id 
_struct_conf.end_auth_asym_id 
_struct_conf.end_auth_seq_id 
_struct_conf.pdbx_PDB_helix_class 
_struct_conf.details 
_struct_conf.pdbx_PDB_helix_length 
HELX_P HELX_P1 A SER A 3   ? GLU A 18  ? SER A 3   GLU A 18  1 ? 16 
HELX_P HELX_P2 B ASP A 20  ? SER A 35  ? ASP A 20  SER A 35  1 ? 16 
HELX_P HELX_P3 C HIS A 36  ? LYS A 42  ? HIS A 36  LYS A 42  1 ? 7  
HELX_P HELX_P4 D THR A 51  ? ALA A 57  ? THR A 51  ALA A 57  1 ? 7  
HELX_P HELX_P5 E SER A 58  ? LYS A 77  ? SER A 58  LYS A 77  1 ? 20 
HELX_P HELX_P6 F LEU A 86  ? THR A 95  ? LEU A 86  THR A 95  1 ? 10 
HELX_P HELX_P7 G PRO A 100 ? ARG A 118 ? PRO A 100 ARG A 118 1 ? 19 
HELX_P HELX_P8 H GLY A 124 ? LEU A 149 ? GLY A 124 LEU A 149 1 ? 26 
# 
_struct_conf_type.id          HELX_P 
_struct_conf_type.criteria    ? 
_struct_conf_type.reference   ? 
# 
loop_
_struct_conn.id 
_struct_conn.conn_type_id 
_struct_conn.pdbx_leaving_atom_flag 
_struct_conn.pdbx_PDB_id 
_struct_conn.ptnr1_label_asym_id 
_struct_conn.ptnr1_label_comp_id 
_struct_conn.ptnr1_label_seq_id 
_struct_conn.ptnr1_label_atom_id 
_struct_conn.pdbx_ptnr1_label_alt_id 
_struct_conn.pdbx_ptnr1_PDB_ins_code 
_struct_conn.pdbx_ptnr1_standard_comp_id 
_struct_conn.ptnr1_symmetry 
_struct_conn.ptnr2_label_asym_id 
_struct_conn.ptnr2_label_comp_id 
_struct_conn.ptnr2_label_seq_id 
_struct_conn.ptnr2_label_atom_id 
_struct_conn.pdbx_ptnr2_label_alt_id 
_struct_conn.pdbx_ptnr2_PDB_ins_code 
_struct_conn.ptnr1_auth_asym_id 
_struct_conn.ptnr1_auth_comp_id 
_struct_conn.ptnr1_auth_seq_id 
_struct_conn.ptnr2_auth_asym_id 
_struct_conn.ptnr2_auth_comp_id 
_struct_conn.ptnr2_auth_seq_id 
_struct_conn.ptnr2_symmetry 
_struct_conn.pdbx_ptnr3_label_atom_id 
_struct_conn.pdbx_ptnr3_label_seq_id 
_struct_conn.pdbx_ptnr3_label_comp_id 
_struct_conn.pdbx_ptnr3_label_asym_id 
_struct_conn.pdbx_ptnr3_label_alt_id 
_struct_conn.pdbx_ptnr3_PDB_ins_code 
_struct_conn.details 
_struct_conn.pdbx_dist_value 
_struct_conn.pdbx_value_order 
_struct_conn.pdbx_role 
metalc1 metalc ? ? A HIS 93 NE2 ? ? ? 1_555 D HE6 . FE ? ? A HIS 93  A HE6 154 1_555 ? ? ? ? ? ? ? 2.019 ? ? 
metalc2 metalc ? ? D HE6 .  FE  ? ? ? 1_555 B CYN . C  ? ? A HE6 154 A CYN 155 1_555 ? ? ? ? ? ? ? 1.886 ? ? 
metalc3 metalc ? ? D HE6 .  FE  ? ? ? 1_555 B CYN . N  ? ? A HE6 154 A CYN 155 1_555 ? ? ? ? ? ? ? 3.110 ? ? 
# 
_struct_conn_type.id          metalc 
_struct_conn_type.criteria    ? 
_struct_conn_type.reference   ? 
# 
loop_
_pdbx_struct_conn_angle.id 
_pdbx_struct_conn_angle.ptnr1_label_atom_id 
_pdbx_struct_conn_angle.ptnr1_label_alt_id 
_pdbx_struct_conn_angle.ptnr1_label_asym_id 
_pdbx_struct_conn_angle.ptnr1_label_comp_id 
_pdbx_struct_conn_angle.ptnr1_label_seq_id 
_pdbx_struct_conn_angle.ptnr1_auth_atom_id 
_pdbx_struct_conn_angle.ptnr1_auth_asym_id 
_pdbx_struct_conn_angle.ptnr1_auth_comp_id 
_pdbx_struct_conn_angle.ptnr1_auth_seq_id 
_pdbx_struct_conn_angle.ptnr1_PDB_ins_code 
_pdbx_struct_conn_angle.ptnr1_symmetry 
_pdbx_struct_conn_angle.ptnr2_label_atom_id 
_pdbx_struct_conn_angle.ptnr2_label_alt_id 
_pdbx_struct_conn_angle.ptnr2_label_asym_id 
_pdbx_struct_conn_angle.ptnr2_label_comp_id 
_pdbx_struct_conn_angle.ptnr2_label_seq_id 
_pdbx_struct_conn_angle.ptnr2_auth_atom_id 
_pdbx_struct_conn_angle.ptnr2_auth_asym_id 
_pdbx_struct_conn_angle.ptnr2_auth_comp_id 
_pdbx_struct_conn_angle.ptnr2_auth_seq_id 
_pdbx_struct_conn_angle.ptnr2_PDB_ins_code 
_pdbx_struct_conn_angle.ptnr2_symmetry 
_pdbx_struct_conn_angle.ptnr3_label_atom_id 
_pdbx_struct_conn_angle.ptnr3_label_alt_id 
_pdbx_struct_conn_angle.ptnr3_label_asym_id 
_pdbx_struct_conn_angle.ptnr3_label_comp_id 
_pdbx_struct_conn_angle.ptnr3_label_seq_id 
_pdbx_struct_conn_angle.ptnr3_auth_atom_id 
_pdbx_struct_conn_angle.ptnr3_auth_asym_id 
_pdbx_struct_conn_angle.ptnr3_auth_comp_id 
_pdbx_struct_conn_angle.ptnr3_auth_seq_id 
_pdbx_struct_conn_angle.ptnr3_PDB_ins_code 
_pdbx_struct_conn_angle.ptnr3_symmetry 
_pdbx_struct_conn_angle.value 
_pdbx_struct_conn_angle.value_esd 
1  NE2 ? A HIS 93 ? A HIS 93  ? 1_555 FE ? D HE6 . ? A HE6 154 ? 1_555 NA ? D HE6 . ? A HE6 154 ? 1_555 91.5  ? 
2  NE2 ? A HIS 93 ? A HIS 93  ? 1_555 FE ? D HE6 . ? A HE6 154 ? 1_555 NB ? D HE6 . ? A HE6 154 ? 1_555 91.8  ? 
3  NA  ? D HE6 .  ? A HE6 154 ? 1_555 FE ? D HE6 . ? A HE6 154 ? 1_555 NB ? D HE6 . ? A HE6 154 ? 1_555 88.4  ? 
4  NE2 ? A HIS 93 ? A HIS 93  ? 1_555 FE ? D HE6 . ? A HE6 154 ? 1_555 NC ? D HE6 . ? A HE6 154 ? 1_555 91.9  ? 
5  NA  ? D HE6 .  ? A HE6 154 ? 1_555 FE ? D HE6 . ? A HE6 154 ? 1_555 NC ? D HE6 . ? A HE6 154 ? 1_555 176.6 ? 
6  NB  ? D HE6 .  ? A HE6 154 ? 1_555 FE ? D HE6 . ? A HE6 154 ? 1_555 NC ? D HE6 . ? A HE6 154 ? 1_555 92.1  ? 
7  NE2 ? A HIS 93 ? A HIS 93  ? 1_555 FE ? D HE6 . ? A HE6 154 ? 1_555 ND ? D HE6 . ? A HE6 154 ? 1_555 91.8  ? 
8  NA  ? D HE6 .  ? A HE6 154 ? 1_555 FE ? D HE6 . ? A HE6 154 ? 1_555 ND ? D HE6 . ? A HE6 154 ? 1_555 91.3  ? 
9  NB  ? D HE6 .  ? A HE6 154 ? 1_555 FE ? D HE6 . ? A HE6 154 ? 1_555 ND ? D HE6 . ? A HE6 154 ? 1_555 176.4 ? 
10 NC  ? D HE6 .  ? A HE6 154 ? 1_555 FE ? D HE6 . ? A HE6 154 ? 1_555 ND ? D HE6 . ? A HE6 154 ? 1_555 88.0  ? 
11 NE2 ? A HIS 93 ? A HIS 93  ? 1_555 FE ? D HE6 . ? A HE6 154 ? 1_555 C  ? B CYN . ? A CYN 155 ? 1_555 175.8 ? 
12 NA  ? D HE6 .  ? A HE6 154 ? 1_555 FE ? D HE6 . ? A HE6 154 ? 1_555 C  ? B CYN . ? A CYN 155 ? 1_555 87.8  ? 
13 NB  ? D HE6 .  ? A HE6 154 ? 1_555 FE ? D HE6 . ? A HE6 154 ? 1_555 C  ? B CYN . ? A CYN 155 ? 1_555 92.3  ? 
14 NC  ? D HE6 .  ? A HE6 154 ? 1_555 FE ? D HE6 . ? A HE6 154 ? 1_555 C  ? B CYN . ? A CYN 155 ? 1_555 88.8  ? 
15 ND  ? D HE6 .  ? A HE6 154 ? 1_555 FE ? D HE6 . ? A HE6 154 ? 1_555 C  ? B CYN . ? A CYN 155 ? 1_555 84.1  ? 
16 NE2 ? A HIS 93 ? A HIS 93  ? 1_555 FE ? D HE6 . ? A HE6 154 ? 1_555 N  ? B CYN . ? A CYN 155 ? 1_555 172.6 ? 
17 NA  ? D HE6 .  ? A HE6 154 ? 1_555 FE ? D HE6 . ? A HE6 154 ? 1_555 N  ? B CYN . ? A CYN 155 ? 1_555 93.8  ? 
18 NB  ? D HE6 .  ? A HE6 154 ? 1_555 FE ? D HE6 . ? A HE6 154 ? 1_555 N  ? B CYN . ? A CYN 155 ? 1_555 93.4  ? 
19 NC  ? D HE6 .  ? A HE6 154 ? 1_555 FE ? D HE6 . ? A HE6 154 ? 1_555 N  ? B CYN . ? A CYN 155 ? 1_555 82.8  ? 
20 ND  ? D HE6 .  ? A HE6 154 ? 1_555 FE ? D HE6 . ? A HE6 154 ? 1_555 N  ? B CYN . ? A CYN 155 ? 1_555 83.0  ? 
21 C   ? B CYN .  ? A CYN 155 ? 1_555 FE ? D HE6 . ? A HE6 154 ? 1_555 N  ? B CYN . ? A CYN 155 ? 1_555 6.1   ? 
# 
loop_
_struct_site.id 
_struct_site.pdbx_evidence_code 
_struct_site.pdbx_auth_asym_id 
_struct_site.pdbx_auth_comp_id 
_struct_site.pdbx_auth_seq_id 
_struct_site.pdbx_auth_ins_code 
_struct_site.pdbx_num_residues 
_struct_site.details 
AC1 Software A CYN 155 ? 4  'BINDING SITE FOR RESIDUE CYN A 155' 
AC2 Software A SO4 300 ? 6  'BINDING SITE FOR RESIDUE SO4 A 300' 
AC3 Software A HE6 154 ? 11 'BINDING SITE FOR RESIDUE HE6 A 154' 
# 
loop_
_struct_site_gen.id 
_struct_site_gen.site_id 
_struct_site_gen.pdbx_num_res 
_struct_site_gen.label_comp_id 
_struct_site_gen.label_asym_id 
_struct_site_gen.label_seq_id 
_struct_site_gen.pdbx_auth_ins_code 
_struct_site_gen.auth_comp_id 
_struct_site_gen.auth_asym_id 
_struct_site_gen.auth_seq_id 
_struct_site_gen.label_atom_id 
_struct_site_gen.label_alt_id 
_struct_site_gen.symmetry 
_struct_site_gen.details 
1  AC1 4  PHE A 43  ? PHE A 43  . ? 1_555 ? 
2  AC1 4  HIS A 64  ? HIS A 64  . ? 1_555 ? 
3  AC1 4  VAL A 68  ? VAL A 68  . ? 1_555 ? 
4  AC1 4  HE6 D .   ? HE6 A 154 . ? 1_555 ? 
5  AC2 6  SER A 3   ? SER A 3   . ? 1_554 ? 
6  AC2 6  GLU A 4   ? GLU A 4   . ? 1_554 ? 
7  AC2 6  LYS A 34  ? LYS A 34  . ? 1_555 ? 
8  AC2 6  THR A 51  ? THR A 51  . ? 1_555 ? 
9  AC2 6  GLU A 52  ? GLU A 52  . ? 1_555 ? 
10 AC2 6  HOH E .   ? HOH A 214 . ? 1_555 ? 
11 AC3 11 LYS A 42  ? LYS A 42  . ? 1_555 ? 
12 AC3 11 PHE A 43  ? PHE A 43  . ? 1_555 ? 
13 AC3 11 ARG A 45  ? ARG A 45  . ? 1_555 ? 
14 AC3 11 HIS A 64  ? HIS A 64  . ? 1_555 ? 
15 AC3 11 LEU A 89  ? LEU A 89  . ? 1_555 ? 
16 AC3 11 HIS A 93  ? HIS A 93  . ? 1_555 ? 
17 AC3 11 HIS A 97  ? HIS A 97  . ? 1_555 ? 
18 AC3 11 TYR A 103 ? TYR A 103 . ? 1_555 ? 
19 AC3 11 LEU A 104 ? LEU A 104 . ? 1_555 ? 
20 AC3 11 CYN B .   ? CYN A 155 . ? 1_555 ? 
21 AC3 11 HOH E .   ? HOH A 290 . ? 1_555 ? 
# 
loop_
_pdbx_validate_torsion.id 
_pdbx_validate_torsion.PDB_model_num 
_pdbx_validate_torsion.auth_comp_id 
_pdbx_validate_torsion.auth_asym_id 
_pdbx_validate_torsion.auth_seq_id 
_pdbx_validate_torsion.PDB_ins_code 
_pdbx_validate_torsion.label_alt_id 
_pdbx_validate_torsion.phi 
_pdbx_validate_torsion.psi 
1 1 ASP A 20  ? ? -158.57 73.67  
2 1 PHE A 123 ? ? -108.87 63.62  
3 1 GLN A 152 ? ? 91.61   -78.73 
# 
_pdbx_validate_chiral.id              1 
_pdbx_validate_chiral.PDB_model_num   1 
_pdbx_validate_chiral.auth_atom_id    NA 
_pdbx_validate_chiral.label_alt_id    ? 
_pdbx_validate_chiral.auth_asym_id    A 
_pdbx_validate_chiral.auth_comp_id    HE6 
_pdbx_validate_chiral.auth_seq_id     154 
_pdbx_validate_chiral.PDB_ins_code    ? 
_pdbx_validate_chiral.details         PLANAR 
_pdbx_validate_chiral.omega           . 
# 
loop_
_chem_comp_atom.comp_id 
_chem_comp_atom.atom_id 
_chem_comp_atom.type_symbol 
_chem_comp_atom.pdbx_aromatic_flag 
_chem_comp_atom.pdbx_stereo_config 
_chem_comp_atom.pdbx_ordinal 
ALA N    N  N N 1   
ALA CA   C  N S 2   
ALA C    C  N N 3   
ALA O    O  N N 4   
ALA CB   C  N N 5   
ALA OXT  O  N N 6   
ALA H    H  N N 7   
ALA H2   H  N N 8   
ALA HA   H  N N 9   
ALA HB1  H  N N 10  
ALA HB2  H  N N 11  
ALA HB3  H  N N 12  
ALA HXT  H  N N 13  
ARG N    N  N N 14  
ARG CA   C  N S 15  
ARG C    C  N N 16  
ARG O    O  N N 17  
ARG CB   C  N N 18  
ARG CG   C  N N 19  
ARG CD   C  N N 20  
ARG NE   N  N N 21  
ARG CZ   C  N N 22  
ARG NH1  N  N N 23  
ARG NH2  N  N N 24  
ARG OXT  O  N N 25  
ARG H    H  N N 26  
ARG H2   H  N N 27  
ARG HA   H  N N 28  
ARG HB2  H  N N 29  
ARG HB3  H  N N 30  
ARG HG2  H  N N 31  
ARG HG3  H  N N 32  
ARG HD2  H  N N 33  
ARG HD3  H  N N 34  
ARG HE   H  N N 35  
ARG HH11 H  N N 36  
ARG HH12 H  N N 37  
ARG HH21 H  N N 38  
ARG HH22 H  N N 39  
ARG HXT  H  N N 40  
ASN N    N  N N 41  
ASN CA   C  N S 42  
ASN C    C  N N 43  
ASN O    O  N N 44  
ASN CB   C  N N 45  
ASN CG   C  N N 46  
ASN OD1  O  N N 47  
ASN ND2  N  N N 48  
ASN OXT  O  N N 49  
ASN H    H  N N 50  
ASN H2   H  N N 51  
ASN HA   H  N N 52  
ASN HB2  H  N N 53  
ASN HB3  H  N N 54  
ASN HD21 H  N N 55  
ASN HD22 H  N N 56  
ASN HXT  H  N N 57  
ASP N    N  N N 58  
ASP CA   C  N S 59  
ASP C    C  N N 60  
ASP O    O  N N 61  
ASP CB   C  N N 62  
ASP CG   C  N N 63  
ASP OD1  O  N N 64  
ASP OD2  O  N N 65  
ASP OXT  O  N N 66  
ASP H    H  N N 67  
ASP H2   H  N N 68  
ASP HA   H  N N 69  
ASP HB2  H  N N 70  
ASP HB3  H  N N 71  
ASP HD2  H  N N 72  
ASP HXT  H  N N 73  
CYN C    C  N N 74  
CYN N    N  N N 75  
GLN N    N  N N 76  
GLN CA   C  N S 77  
GLN C    C  N N 78  
GLN O    O  N N 79  
GLN CB   C  N N 80  
GLN CG   C  N N 81  
GLN CD   C  N N 82  
GLN OE1  O  N N 83  
GLN NE2  N  N N 84  
GLN OXT  O  N N 85  
GLN H    H  N N 86  
GLN H2   H  N N 87  
GLN HA   H  N N 88  
GLN HB2  H  N N 89  
GLN HB3  H  N N 90  
GLN HG2  H  N N 91  
GLN HG3  H  N N 92  
GLN HE21 H  N N 93  
GLN HE22 H  N N 94  
GLN HXT  H  N N 95  
GLU N    N  N N 96  
GLU CA   C  N S 97  
GLU C    C  N N 98  
GLU O    O  N N 99  
GLU CB   C  N N 100 
GLU CG   C  N N 101 
GLU CD   C  N N 102 
GLU OE1  O  N N 103 
GLU OE2  O  N N 104 
GLU OXT  O  N N 105 
GLU H    H  N N 106 
GLU H2   H  N N 107 
GLU HA   H  N N 108 
GLU HB2  H  N N 109 
GLU HB3  H  N N 110 
GLU HG2  H  N N 111 
GLU HG3  H  N N 112 
GLU HE2  H  N N 113 
GLU HXT  H  N N 114 
GLY N    N  N N 115 
GLY CA   C  N N 116 
GLY C    C  N N 117 
GLY O    O  N N 118 
GLY OXT  O  N N 119 
GLY H    H  N N 120 
GLY H2   H  N N 121 
GLY HA2  H  N N 122 
GLY HA3  H  N N 123 
GLY HXT  H  N N 124 
HE6 FE   FE N N 125 
HE6 NA   N  N R 126 
HE6 NB   N  N N 127 
HE6 NC   N  Y N 128 
HE6 ND   N  N N 129 
HE6 C1A  C  N N 130 
HE6 CHA  C  N N 131 
HE6 C4D  C  N N 132 
HE6 C1B  C  N N 133 
HE6 CHB  C  N N 134 
HE6 C4A  C  N N 135 
HE6 C1C  C  Y N 136 
HE6 CHC  C  N N 137 
HE6 C4B  C  N N 138 
HE6 C1D  C  N N 139 
HE6 CHD  C  N N 140 
HE6 C4C  C  Y N 141 
HE6 C2A  C  N N 142 
HE6 CMA  C  N N 143 
HE6 C3A  C  N N 144 
HE6 CAA  C  N N 145 
HE6 O1A  O  N N 146 
HE6 O2A  O  N N 147 
HE6 C2B  C  N N 148 
HE6 CMB  C  N N 149 
HE6 C3B  C  N N 150 
HE6 CNB  C  N N 151 
HE6 C2C  C  Y N 152 
HE6 CMC  C  N N 153 
HE6 C3C  C  Y N 154 
HE6 CNC  C  N N 155 
HE6 C2D  C  N N 156 
HE6 CMD  C  N N 157 
HE6 C3D  C  N N 158 
HE6 CAD  C  N N 159 
HE6 O1D  O  N N 160 
HE6 O2D  O  N N 161 
HE6 HHA  H  N N 162 
HE6 HHB  H  N N 163 
HE6 HHC  H  N N 164 
HE6 HHD  H  N N 165 
HE6 HMA1 H  N N 166 
HE6 HMA2 H  N N 167 
HE6 HMA3 H  N N 168 
HE6 H2A  H  N N 169 
HE6 HMB1 H  N N 170 
HE6 HMB2 H  N N 171 
HE6 HMB3 H  N N 172 
HE6 HNB1 H  N N 173 
HE6 HNB2 H  N N 174 
HE6 HNB3 H  N N 175 
HE6 HMC1 H  N N 176 
HE6 HMC2 H  N N 177 
HE6 HMC3 H  N N 178 
HE6 HNC1 H  N N 179 
HE6 HNC2 H  N N 180 
HE6 HNC3 H  N N 181 
HE6 HMD1 H  N N 182 
HE6 HMD2 H  N N 183 
HE6 HMD3 H  N N 184 
HE6 H2D  H  N N 185 
HIS N    N  N N 186 
HIS CA   C  N S 187 
HIS C    C  N N 188 
HIS O    O  N N 189 
HIS CB   C  N N 190 
HIS CG   C  Y N 191 
HIS ND1  N  Y N 192 
HIS CD2  C  Y N 193 
HIS CE1  C  Y N 194 
HIS NE2  N  Y N 195 
HIS OXT  O  N N 196 
HIS H    H  N N 197 
HIS H2   H  N N 198 
HIS HA   H  N N 199 
HIS HB2  H  N N 200 
HIS HB3  H  N N 201 
HIS HD1  H  N N 202 
HIS HD2  H  N N 203 
HIS HE1  H  N N 204 
HIS HE2  H  N N 205 
HIS HXT  H  N N 206 
HOH O    O  N N 207 
HOH H1   H  N N 208 
HOH H2   H  N N 209 
ILE N    N  N N 210 
ILE CA   C  N S 211 
ILE C    C  N N 212 
ILE O    O  N N 213 
ILE CB   C  N S 214 
ILE CG1  C  N N 215 
ILE CG2  C  N N 216 
ILE CD1  C  N N 217 
ILE OXT  O  N N 218 
ILE H    H  N N 219 
ILE H2   H  N N 220 
ILE HA   H  N N 221 
ILE HB   H  N N 222 
ILE HG12 H  N N 223 
ILE HG13 H  N N 224 
ILE HG21 H  N N 225 
ILE HG22 H  N N 226 
ILE HG23 H  N N 227 
ILE HD11 H  N N 228 
ILE HD12 H  N N 229 
ILE HD13 H  N N 230 
ILE HXT  H  N N 231 
LEU N    N  N N 232 
LEU CA   C  N S 233 
LEU C    C  N N 234 
LEU O    O  N N 235 
LEU CB   C  N N 236 
LEU CG   C  N N 237 
LEU CD1  C  N N 238 
LEU CD2  C  N N 239 
LEU OXT  O  N N 240 
LEU H    H  N N 241 
LEU H2   H  N N 242 
LEU HA   H  N N 243 
LEU HB2  H  N N 244 
LEU HB3  H  N N 245 
LEU HG   H  N N 246 
LEU HD11 H  N N 247 
LEU HD12 H  N N 248 
LEU HD13 H  N N 249 
LEU HD21 H  N N 250 
LEU HD22 H  N N 251 
LEU HD23 H  N N 252 
LEU HXT  H  N N 253 
LYS N    N  N N 254 
LYS CA   C  N S 255 
LYS C    C  N N 256 
LYS O    O  N N 257 
LYS CB   C  N N 258 
LYS CG   C  N N 259 
LYS CD   C  N N 260 
LYS CE   C  N N 261 
LYS NZ   N  N N 262 
LYS OXT  O  N N 263 
LYS H    H  N N 264 
LYS H2   H  N N 265 
LYS HA   H  N N 266 
LYS HB2  H  N N 267 
LYS HB3  H  N N 268 
LYS HG2  H  N N 269 
LYS HG3  H  N N 270 
LYS HD2  H  N N 271 
LYS HD3  H  N N 272 
LYS HE2  H  N N 273 
LYS HE3  H  N N 274 
LYS HZ1  H  N N 275 
LYS HZ2  H  N N 276 
LYS HZ3  H  N N 277 
LYS HXT  H  N N 278 
MET N    N  N N 279 
MET CA   C  N S 280 
MET C    C  N N 281 
MET O    O  N N 282 
MET CB   C  N N 283 
MET CG   C  N N 284 
MET SD   S  N N 285 
MET CE   C  N N 286 
MET OXT  O  N N 287 
MET H    H  N N 288 
MET H2   H  N N 289 
MET HA   H  N N 290 
MET HB2  H  N N 291 
MET HB3  H  N N 292 
MET HG2  H  N N 293 
MET HG3  H  N N 294 
MET HE1  H  N N 295 
MET HE2  H  N N 296 
MET HE3  H  N N 297 
MET HXT  H  N N 298 
PHE N    N  N N 299 
PHE CA   C  N S 300 
PHE C    C  N N 301 
PHE O    O  N N 302 
PHE CB   C  N N 303 
PHE CG   C  Y N 304 
PHE CD1  C  Y N 305 
PHE CD2  C  Y N 306 
PHE CE1  C  Y N 307 
PHE CE2  C  Y N 308 
PHE CZ   C  Y N 309 
PHE OXT  O  N N 310 
PHE H    H  N N 311 
PHE H2   H  N N 312 
PHE HA   H  N N 313 
PHE HB2  H  N N 314 
PHE HB3  H  N N 315 
PHE HD1  H  N N 316 
PHE HD2  H  N N 317 
PHE HE1  H  N N 318 
PHE HE2  H  N N 319 
PHE HZ   H  N N 320 
PHE HXT  H  N N 321 
PRO N    N  N N 322 
PRO CA   C  N S 323 
PRO C    C  N N 324 
PRO O    O  N N 325 
PRO CB   C  N N 326 
PRO CG   C  N N 327 
PRO CD   C  N N 328 
PRO OXT  O  N N 329 
PRO H    H  N N 330 
PRO HA   H  N N 331 
PRO HB2  H  N N 332 
PRO HB3  H  N N 333 
PRO HG2  H  N N 334 
PRO HG3  H  N N 335 
PRO HD2  H  N N 336 
PRO HD3  H  N N 337 
PRO HXT  H  N N 338 
SER N    N  N N 339 
SER CA   C  N S 340 
SER C    C  N N 341 
SER O    O  N N 342 
SER CB   C  N N 343 
SER OG   O  N N 344 
SER OXT  O  N N 345 
SER H    H  N N 346 
SER H2   H  N N 347 
SER HA   H  N N 348 
SER HB2  H  N N 349 
SER HB3  H  N N 350 
SER HG   H  N N 351 
SER HXT  H  N N 352 
SO4 S    S  N N 353 
SO4 O1   O  N N 354 
SO4 O2   O  N N 355 
SO4 O3   O  N N 356 
SO4 O4   O  N N 357 
THR N    N  N N 358 
THR CA   C  N S 359 
THR C    C  N N 360 
THR O    O  N N 361 
THR CB   C  N R 362 
THR OG1  O  N N 363 
THR CG2  C  N N 364 
THR OXT  O  N N 365 
THR H    H  N N 366 
THR H2   H  N N 367 
THR HA   H  N N 368 
THR HB   H  N N 369 
THR HG1  H  N N 370 
THR HG21 H  N N 371 
THR HG22 H  N N 372 
THR HG23 H  N N 373 
THR HXT  H  N N 374 
TRP N    N  N N 375 
TRP CA   C  N S 376 
TRP C    C  N N 377 
TRP O    O  N N 378 
TRP CB   C  N N 379 
TRP CG   C  Y N 380 
TRP CD1  C  Y N 381 
TRP CD2  C  Y N 382 
TRP NE1  N  Y N 383 
TRP CE2  C  Y N 384 
TRP CE3  C  Y N 385 
TRP CZ2  C  Y N 386 
TRP CZ3  C  Y N 387 
TRP CH2  C  Y N 388 
TRP OXT  O  N N 389 
TRP H    H  N N 390 
TRP H2   H  N N 391 
TRP HA   H  N N 392 
TRP HB2  H  N N 393 
TRP HB3  H  N N 394 
TRP HD1  H  N N 395 
TRP HE1  H  N N 396 
TRP HE3  H  N N 397 
TRP HZ2  H  N N 398 
TRP HZ3  H  N N 399 
TRP HH2  H  N N 400 
TRP HXT  H  N N 401 
TYR N    N  N N 402 
TYR CA   C  N S 403 
TYR C    C  N N 404 
TYR O    O  N N 405 
TYR CB   C  N N 406 
TYR CG   C  Y N 407 
TYR CD1  C  Y N 408 
TYR CD2  C  Y N 409 
TYR CE1  C  Y N 410 
TYR CE2  C  Y N 411 
TYR CZ   C  Y N 412 
TYR OH   O  N N 413 
TYR OXT  O  N N 414 
TYR H    H  N N 415 
TYR H2   H  N N 416 
TYR HA   H  N N 417 
TYR HB2  H  N N 418 
TYR HB3  H  N N 419 
TYR HD1  H  N N 420 
TYR HD2  H  N N 421 
TYR HE1  H  N N 422 
TYR HE2  H  N N 423 
TYR HH   H  N N 424 
TYR HXT  H  N N 425 
VAL N    N  N N 426 
VAL CA   C  N S 427 
VAL C    C  N N 428 
VAL O    O  N N 429 
VAL CB   C  N N 430 
VAL CG1  C  N N 431 
VAL CG2  C  N N 432 
VAL OXT  O  N N 433 
VAL H    H  N N 434 
VAL H2   H  N N 435 
VAL HA   H  N N 436 
VAL HB   H  N N 437 
VAL HG11 H  N N 438 
VAL HG12 H  N N 439 
VAL HG13 H  N N 440 
VAL HG21 H  N N 441 
VAL HG22 H  N N 442 
VAL HG23 H  N N 443 
VAL HXT  H  N N 444 
# 
loop_
_chem_comp_bond.comp_id 
_chem_comp_bond.atom_id_1 
_chem_comp_bond.atom_id_2 
_chem_comp_bond.value_order 
_chem_comp_bond.pdbx_aromatic_flag 
_chem_comp_bond.pdbx_stereo_config 
_chem_comp_bond.pdbx_ordinal 
ALA N   CA   sing N N 1   
ALA N   H    sing N N 2   
ALA N   H2   sing N N 3   
ALA CA  C    sing N N 4   
ALA CA  CB   sing N N 5   
ALA CA  HA   sing N N 6   
ALA C   O    doub N N 7   
ALA C   OXT  sing N N 8   
ALA CB  HB1  sing N N 9   
ALA CB  HB2  sing N N 10  
ALA CB  HB3  sing N N 11  
ALA OXT HXT  sing N N 12  
ARG N   CA   sing N N 13  
ARG N   H    sing N N 14  
ARG N   H2   sing N N 15  
ARG CA  C    sing N N 16  
ARG CA  CB   sing N N 17  
ARG CA  HA   sing N N 18  
ARG C   O    doub N N 19  
ARG C   OXT  sing N N 20  
ARG CB  CG   sing N N 21  
ARG CB  HB2  sing N N 22  
ARG CB  HB3  sing N N 23  
ARG CG  CD   sing N N 24  
ARG CG  HG2  sing N N 25  
ARG CG  HG3  sing N N 26  
ARG CD  NE   sing N N 27  
ARG CD  HD2  sing N N 28  
ARG CD  HD3  sing N N 29  
ARG NE  CZ   sing N N 30  
ARG NE  HE   sing N N 31  
ARG CZ  NH1  sing N N 32  
ARG CZ  NH2  doub N N 33  
ARG NH1 HH11 sing N N 34  
ARG NH1 HH12 sing N N 35  
ARG NH2 HH21 sing N N 36  
ARG NH2 HH22 sing N N 37  
ARG OXT HXT  sing N N 38  
ASN N   CA   sing N N 39  
ASN N   H    sing N N 40  
ASN N   H2   sing N N 41  
ASN CA  C    sing N N 42  
ASN CA  CB   sing N N 43  
ASN CA  HA   sing N N 44  
ASN C   O    doub N N 45  
ASN C   OXT  sing N N 46  
ASN CB  CG   sing N N 47  
ASN CB  HB2  sing N N 48  
ASN CB  HB3  sing N N 49  
ASN CG  OD1  doub N N 50  
ASN CG  ND2  sing N N 51  
ASN ND2 HD21 sing N N 52  
ASN ND2 HD22 sing N N 53  
ASN OXT HXT  sing N N 54  
ASP N   CA   sing N N 55  
ASP N   H    sing N N 56  
ASP N   H2   sing N N 57  
ASP CA  C    sing N N 58  
ASP CA  CB   sing N N 59  
ASP CA  HA   sing N N 60  
ASP C   O    doub N N 61  
ASP C   OXT  sing N N 62  
ASP CB  CG   sing N N 63  
ASP CB  HB2  sing N N 64  
ASP CB  HB3  sing N N 65  
ASP CG  OD1  doub N N 66  
ASP CG  OD2  sing N N 67  
ASP OD2 HD2  sing N N 68  
ASP OXT HXT  sing N N 69  
CYN C   N    trip N N 70  
GLN N   CA   sing N N 71  
GLN N   H    sing N N 72  
GLN N   H2   sing N N 73  
GLN CA  C    sing N N 74  
GLN CA  CB   sing N N 75  
GLN CA  HA   sing N N 76  
GLN C   O    doub N N 77  
GLN C   OXT  sing N N 78  
GLN CB  CG   sing N N 79  
GLN CB  HB2  sing N N 80  
GLN CB  HB3  sing N N 81  
GLN CG  CD   sing N N 82  
GLN CG  HG2  sing N N 83  
GLN CG  HG3  sing N N 84  
GLN CD  OE1  doub N N 85  
GLN CD  NE2  sing N N 86  
GLN NE2 HE21 sing N N 87  
GLN NE2 HE22 sing N N 88  
GLN OXT HXT  sing N N 89  
GLU N   CA   sing N N 90  
GLU N   H    sing N N 91  
GLU N   H2   sing N N 92  
GLU CA  C    sing N N 93  
GLU CA  CB   sing N N 94  
GLU CA  HA   sing N N 95  
GLU C   O    doub N N 96  
GLU C   OXT  sing N N 97  
GLU CB  CG   sing N N 98  
GLU CB  HB2  sing N N 99  
GLU CB  HB3  sing N N 100 
GLU CG  CD   sing N N 101 
GLU CG  HG2  sing N N 102 
GLU CG  HG3  sing N N 103 
GLU CD  OE1  doub N N 104 
GLU CD  OE2  sing N N 105 
GLU OE2 HE2  sing N N 106 
GLU OXT HXT  sing N N 107 
GLY N   CA   sing N N 108 
GLY N   H    sing N N 109 
GLY N   H2   sing N N 110 
GLY CA  C    sing N N 111 
GLY CA  HA2  sing N N 112 
GLY CA  HA3  sing N N 113 
GLY C   O    doub N N 114 
GLY C   OXT  sing N N 115 
GLY OXT HXT  sing N N 116 
HE6 FE  NA   sing N N 117 
HE6 FE  NB   sing N N 118 
HE6 FE  NC   sing N N 119 
HE6 FE  ND   sing N N 120 
HE6 NA  C1A  sing N N 121 
HE6 NA  C4A  sing N N 122 
HE6 NB  C1B  sing N N 123 
HE6 NB  C4B  doub N N 124 
HE6 NC  C1C  sing Y N 125 
HE6 NC  C4C  sing Y N 126 
HE6 ND  C4D  sing N N 127 
HE6 ND  C1D  doub N N 128 
HE6 C1A CHA  doub N N 129 
HE6 C1A C2A  sing N N 130 
HE6 CHA C4B  sing N N 131 
HE6 CHA HHA  sing N N 132 
HE6 C4D CHC  doub N N 133 
HE6 C4D C3D  sing N N 134 
HE6 C1B CHB  doub N N 135 
HE6 C1B C2B  sing N N 136 
HE6 CHB C4C  sing N N 137 
HE6 CHB HHB  sing N N 138 
HE6 C4A CHD  doub N N 139 
HE6 C4A C3A  sing N N 140 
HE6 C1C CHC  sing N N 141 
HE6 C1C C2C  doub Y N 142 
HE6 CHC HHC  sing N N 143 
HE6 C4B C3B  sing N N 144 
HE6 C1D CHD  sing N N 145 
HE6 C1D C2D  sing N N 146 
HE6 CHD HHD  sing N N 147 
HE6 C4C C3C  doub Y N 148 
HE6 C2A CMA  sing N N 149 
HE6 C2A C3A  doub N N 150 
HE6 CMA HMA1 sing N N 151 
HE6 CMA HMA2 sing N N 152 
HE6 CMA HMA3 sing N N 153 
HE6 C3A CAA  sing N N 154 
HE6 CAA O1A  doub N N 155 
HE6 CAA O2A  sing N N 156 
HE6 O2A H2A  sing N N 157 
HE6 C2B CMB  sing N N 158 
HE6 C2B C3B  doub N N 159 
HE6 CMB HMB1 sing N N 160 
HE6 CMB HMB2 sing N N 161 
HE6 CMB HMB3 sing N N 162 
HE6 C3B CNB  sing N N 163 
HE6 CNB HNB1 sing N N 164 
HE6 CNB HNB2 sing N N 165 
HE6 CNB HNB3 sing N N 166 
HE6 C2C CMC  sing N N 167 
HE6 C2C C3C  sing Y N 168 
HE6 CMC HMC1 sing N N 169 
HE6 CMC HMC2 sing N N 170 
HE6 CMC HMC3 sing N N 171 
HE6 C3C CNC  sing N N 172 
HE6 CNC HNC1 sing N N 173 
HE6 CNC HNC2 sing N N 174 
HE6 CNC HNC3 sing N N 175 
HE6 C2D C3D  doub N N 176 
HE6 C2D CAD  sing N N 177 
HE6 CMD C3D  sing N N 178 
HE6 CMD HMD1 sing N N 179 
HE6 CMD HMD2 sing N N 180 
HE6 CMD HMD3 sing N N 181 
HE6 CAD O1D  doub N N 182 
HE6 CAD O2D  sing N N 183 
HE6 O2D H2D  sing N N 184 
HIS N   CA   sing N N 185 
HIS N   H    sing N N 186 
HIS N   H2   sing N N 187 
HIS CA  C    sing N N 188 
HIS CA  CB   sing N N 189 
HIS CA  HA   sing N N 190 
HIS C   O    doub N N 191 
HIS C   OXT  sing N N 192 
HIS CB  CG   sing N N 193 
HIS CB  HB2  sing N N 194 
HIS CB  HB3  sing N N 195 
HIS CG  ND1  sing Y N 196 
HIS CG  CD2  doub Y N 197 
HIS ND1 CE1  doub Y N 198 
HIS ND1 HD1  sing N N 199 
HIS CD2 NE2  sing Y N 200 
HIS CD2 HD2  sing N N 201 
HIS CE1 NE2  sing Y N 202 
HIS CE1 HE1  sing N N 203 
HIS NE2 HE2  sing N N 204 
HIS OXT HXT  sing N N 205 
HOH O   H1   sing N N 206 
HOH O   H2   sing N N 207 
ILE N   CA   sing N N 208 
ILE N   H    sing N N 209 
ILE N   H2   sing N N 210 
ILE CA  C    sing N N 211 
ILE CA  CB   sing N N 212 
ILE CA  HA   sing N N 213 
ILE C   O    doub N N 214 
ILE C   OXT  sing N N 215 
ILE CB  CG1  sing N N 216 
ILE CB  CG2  sing N N 217 
ILE CB  HB   sing N N 218 
ILE CG1 CD1  sing N N 219 
ILE CG1 HG12 sing N N 220 
ILE CG1 HG13 sing N N 221 
ILE CG2 HG21 sing N N 222 
ILE CG2 HG22 sing N N 223 
ILE CG2 HG23 sing N N 224 
ILE CD1 HD11 sing N N 225 
ILE CD1 HD12 sing N N 226 
ILE CD1 HD13 sing N N 227 
ILE OXT HXT  sing N N 228 
LEU N   CA   sing N N 229 
LEU N   H    sing N N 230 
LEU N   H2   sing N N 231 
LEU CA  C    sing N N 232 
LEU CA  CB   sing N N 233 
LEU CA  HA   sing N N 234 
LEU C   O    doub N N 235 
LEU C   OXT  sing N N 236 
LEU CB  CG   sing N N 237 
LEU CB  HB2  sing N N 238 
LEU CB  HB3  sing N N 239 
LEU CG  CD1  sing N N 240 
LEU CG  CD2  sing N N 241 
LEU CG  HG   sing N N 242 
LEU CD1 HD11 sing N N 243 
LEU CD1 HD12 sing N N 244 
LEU CD1 HD13 sing N N 245 
LEU CD2 HD21 sing N N 246 
LEU CD2 HD22 sing N N 247 
LEU CD2 HD23 sing N N 248 
LEU OXT HXT  sing N N 249 
LYS N   CA   sing N N 250 
LYS N   H    sing N N 251 
LYS N   H2   sing N N 252 
LYS CA  C    sing N N 253 
LYS CA  CB   sing N N 254 
LYS CA  HA   sing N N 255 
LYS C   O    doub N N 256 
LYS C   OXT  sing N N 257 
LYS CB  CG   sing N N 258 
LYS CB  HB2  sing N N 259 
LYS CB  HB3  sing N N 260 
LYS CG  CD   sing N N 261 
LYS CG  HG2  sing N N 262 
LYS CG  HG3  sing N N 263 
LYS CD  CE   sing N N 264 
LYS CD  HD2  sing N N 265 
LYS CD  HD3  sing N N 266 
LYS CE  NZ   sing N N 267 
LYS CE  HE2  sing N N 268 
LYS CE  HE3  sing N N 269 
LYS NZ  HZ1  sing N N 270 
LYS NZ  HZ2  sing N N 271 
LYS NZ  HZ3  sing N N 272 
LYS OXT HXT  sing N N 273 
MET N   CA   sing N N 274 
MET N   H    sing N N 275 
MET N   H2   sing N N 276 
MET CA  C    sing N N 277 
MET CA  CB   sing N N 278 
MET CA  HA   sing N N 279 
MET C   O    doub N N 280 
MET C   OXT  sing N N 281 
MET CB  CG   sing N N 282 
MET CB  HB2  sing N N 283 
MET CB  HB3  sing N N 284 
MET CG  SD   sing N N 285 
MET CG  HG2  sing N N 286 
MET CG  HG3  sing N N 287 
MET SD  CE   sing N N 288 
MET CE  HE1  sing N N 289 
MET CE  HE2  sing N N 290 
MET CE  HE3  sing N N 291 
MET OXT HXT  sing N N 292 
PHE N   CA   sing N N 293 
PHE N   H    sing N N 294 
PHE N   H2   sing N N 295 
PHE CA  C    sing N N 296 
PHE CA  CB   sing N N 297 
PHE CA  HA   sing N N 298 
PHE C   O    doub N N 299 
PHE C   OXT  sing N N 300 
PHE CB  CG   sing N N 301 
PHE CB  HB2  sing N N 302 
PHE CB  HB3  sing N N 303 
PHE CG  CD1  doub Y N 304 
PHE CG  CD2  sing Y N 305 
PHE CD1 CE1  sing Y N 306 
PHE CD1 HD1  sing N N 307 
PHE CD2 CE2  doub Y N 308 
PHE CD2 HD2  sing N N 309 
PHE CE1 CZ   doub Y N 310 
PHE CE1 HE1  sing N N 311 
PHE CE2 CZ   sing Y N 312 
PHE CE2 HE2  sing N N 313 
PHE CZ  HZ   sing N N 314 
PHE OXT HXT  sing N N 315 
PRO N   CA   sing N N 316 
PRO N   CD   sing N N 317 
PRO N   H    sing N N 318 
PRO CA  C    sing N N 319 
PRO CA  CB   sing N N 320 
PRO CA  HA   sing N N 321 
PRO C   O    doub N N 322 
PRO C   OXT  sing N N 323 
PRO CB  CG   sing N N 324 
PRO CB  HB2  sing N N 325 
PRO CB  HB3  sing N N 326 
PRO CG  CD   sing N N 327 
PRO CG  HG2  sing N N 328 
PRO CG  HG3  sing N N 329 
PRO CD  HD2  sing N N 330 
PRO CD  HD3  sing N N 331 
PRO OXT HXT  sing N N 332 
SER N   CA   sing N N 333 
SER N   H    sing N N 334 
SER N   H2   sing N N 335 
SER CA  C    sing N N 336 
SER CA  CB   sing N N 337 
SER CA  HA   sing N N 338 
SER C   O    doub N N 339 
SER C   OXT  sing N N 340 
SER CB  OG   sing N N 341 
SER CB  HB2  sing N N 342 
SER CB  HB3  sing N N 343 
SER OG  HG   sing N N 344 
SER OXT HXT  sing N N 345 
SO4 S   O1   doub N N 346 
SO4 S   O2   doub N N 347 
SO4 S   O3   sing N N 348 
SO4 S   O4   sing N N 349 
THR N   CA   sing N N 350 
THR N   H    sing N N 351 
THR N   H2   sing N N 352 
THR CA  C    sing N N 353 
THR CA  CB   sing N N 354 
THR CA  HA   sing N N 355 
THR C   O    doub N N 356 
THR C   OXT  sing N N 357 
THR CB  OG1  sing N N 358 
THR CB  CG2  sing N N 359 
THR CB  HB   sing N N 360 
THR OG1 HG1  sing N N 361 
THR CG2 HG21 sing N N 362 
THR CG2 HG22 sing N N 363 
THR CG2 HG23 sing N N 364 
THR OXT HXT  sing N N 365 
TRP N   CA   sing N N 366 
TRP N   H    sing N N 367 
TRP N   H2   sing N N 368 
TRP CA  C    sing N N 369 
TRP CA  CB   sing N N 370 
TRP CA  HA   sing N N 371 
TRP C   O    doub N N 372 
TRP C   OXT  sing N N 373 
TRP CB  CG   sing N N 374 
TRP CB  HB2  sing N N 375 
TRP CB  HB3  sing N N 376 
TRP CG  CD1  doub Y N 377 
TRP CG  CD2  sing Y N 378 
TRP CD1 NE1  sing Y N 379 
TRP CD1 HD1  sing N N 380 
TRP CD2 CE2  doub Y N 381 
TRP CD2 CE3  sing Y N 382 
TRP NE1 CE2  sing Y N 383 
TRP NE1 HE1  sing N N 384 
TRP CE2 CZ2  sing Y N 385 
TRP CE3 CZ3  doub Y N 386 
TRP CE3 HE3  sing N N 387 
TRP CZ2 CH2  doub Y N 388 
TRP CZ2 HZ2  sing N N 389 
TRP CZ3 CH2  sing Y N 390 
TRP CZ3 HZ3  sing N N 391 
TRP CH2 HH2  sing N N 392 
TRP OXT HXT  sing N N 393 
TYR N   CA   sing N N 394 
TYR N   H    sing N N 395 
TYR N   H2   sing N N 396 
TYR CA  C    sing N N 397 
TYR CA  CB   sing N N 398 
TYR CA  HA   sing N N 399 
TYR C   O    doub N N 400 
TYR C   OXT  sing N N 401 
TYR CB  CG   sing N N 402 
TYR CB  HB2  sing N N 403 
TYR CB  HB3  sing N N 404 
TYR CG  CD1  doub Y N 405 
TYR CG  CD2  sing Y N 406 
TYR CD1 CE1  sing Y N 407 
TYR CD1 HD1  sing N N 408 
TYR CD2 CE2  doub Y N 409 
TYR CD2 HD2  sing N N 410 
TYR CE1 CZ   doub Y N 411 
TYR CE1 HE1  sing N N 412 
TYR CE2 CZ   sing Y N 413 
TYR CE2 HE2  sing N N 414 
TYR CZ  OH   sing N N 415 
TYR OH  HH   sing N N 416 
TYR OXT HXT  sing N N 417 
VAL N   CA   sing N N 418 
VAL N   H    sing N N 419 
VAL N   H2   sing N N 420 
VAL CA  C    sing N N 421 
VAL CA  CB   sing N N 422 
VAL CA  HA   sing N N 423 
VAL C   O    doub N N 424 
VAL C   OXT  sing N N 425 
VAL CB  CG1  sing N N 426 
VAL CB  CG2  sing N N 427 
VAL CB  HB   sing N N 428 
VAL CG1 HG11 sing N N 429 
VAL CG1 HG12 sing N N 430 
VAL CG1 HG13 sing N N 431 
VAL CG2 HG21 sing N N 432 
VAL CG2 HG22 sing N N 433 
VAL CG2 HG23 sing N N 434 
VAL OXT HXT  sing N N 435 
# 
_pdbx_initial_refinement_model.accession_code   ? 
_pdbx_initial_refinement_model.id               1 
_pdbx_initial_refinement_model.entity_id_list   ? 
_pdbx_initial_refinement_model.type             'experimental model' 
_pdbx_initial_refinement_model.source_name      Other 
_pdbx_initial_refinement_model.details          'SPERM WHALE MYOGLOBIN' 
# 
_atom_sites.entry_id                    1IOP 
_atom_sites.fract_transf_matrix[1][1]   0.00175412 
_atom_sites.fract_transf_matrix[1][2]   0.00289668 
_atom_sites.fract_transf_matrix[1][3]   0.01222621 
_atom_sites.fract_transf_matrix[2][1]   -0.00968971 
_atom_sites.fract_transf_matrix[2][2]   0.00433931 
_atom_sites.fract_transf_matrix[2][3]   0.00694366 
_atom_sites.fract_transf_matrix[3][1]   -0.00517348 
_atom_sites.fract_transf_matrix[3][2]   -0.02051946 
_atom_sites.fract_transf_matrix[3][3]   0.00560380 
_atom_sites.fract_transf_vector[1]      0.442712 
_atom_sites.fract_transf_vector[2]      0.241689 
_atom_sites.fract_transf_vector[3]      0.205084 
# 
loop_
_atom_type.symbol 
C  
FE 
N  
O  
S  
# 
loop_
_atom_site.group_PDB 
_atom_site.id 
_atom_site.type_symbol 
_atom_site.label_atom_id 
_atom_site.label_alt_id 
_atom_site.label_comp_id 
_atom_site.label_asym_id 
_atom_site.label_entity_id 
_atom_site.label_seq_id 
_atom_site.pdbx_PDB_ins_code 
_atom_site.Cartn_x 
_atom_site.Cartn_y 
_atom_site.Cartn_z 
_atom_site.occupancy 
_atom_site.B_iso_or_equiv 
_atom_site.pdbx_formal_charge 
_atom_site.auth_seq_id 
_atom_site.auth_comp_id 
_atom_site.auth_asym_id 
_atom_site.auth_atom_id 
_atom_site.pdbx_PDB_model_num 
ATOM   1    N  N   . VAL A 1 1   ? -2.432  -19.063 -1.888  1.00 33.20 ? 1   VAL A N   1 
ATOM   2    C  CA  . VAL A 1 1   ? -2.397  -19.232 -0.406  1.00 31.38 ? 1   VAL A CA  1 
ATOM   3    C  C   . VAL A 1 1   ? -0.948  -19.140 0.045   1.00 29.52 ? 1   VAL A C   1 
ATOM   4    O  O   . VAL A 1 1   ? -0.085  -19.819 -0.512  1.00 32.01 ? 1   VAL A O   1 
ATOM   5    C  CB  . VAL A 1 1   ? -2.942  -20.606 0.012   1.00 31.97 ? 1   VAL A CB  1 
ATOM   6    C  CG1 . VAL A 1 1   ? -2.841  -20.777 1.506   1.00 33.01 ? 1   VAL A CG1 1 
ATOM   7    C  CG2 . VAL A 1 1   ? -4.384  -20.770 -0.437  1.00 34.09 ? 1   VAL A CG2 1 
ATOM   8    N  N   . LEU A 1 2   ? -0.659  -18.237 0.973   1.00 27.09 ? 2   LEU A N   1 
ATOM   9    C  CA  . LEU A 1 2   ? 0.697   -18.111 1.489   1.00 23.66 ? 2   LEU A CA  1 
ATOM   10   C  C   . LEU A 1 2   ? 0.788   -19.120 2.625   1.00 23.38 ? 2   LEU A C   1 
ATOM   11   O  O   . LEU A 1 2   ? -0.238  -19.503 3.198   1.00 24.35 ? 2   LEU A O   1 
ATOM   12   C  CB  . LEU A 1 2   ? 0.955   -16.704 2.026   1.00 21.23 ? 2   LEU A CB  1 
ATOM   13   C  CG  . LEU A 1 2   ? 1.260   -15.569 1.038   1.00 19.70 ? 2   LEU A CG  1 
ATOM   14   C  CD1 . LEU A 1 2   ? 0.001   -15.138 0.333   1.00 19.42 ? 2   LEU A CD1 1 
ATOM   15   C  CD2 . LEU A 1 2   ? 1.862   -14.394 1.800   1.00 19.19 ? 2   LEU A CD2 1 
ATOM   16   N  N   . SER A 1 3   ? 1.985   -19.622 2.902   1.00 23.01 ? 3   SER A N   1 
ATOM   17   C  CA  . SER A 1 3   ? 2.145   -20.576 3.987   1.00 22.31 ? 3   SER A CA  1 
ATOM   18   C  C   . SER A 1 3   ? 2.331   -19.777 5.260   1.00 21.50 ? 3   SER A C   1 
ATOM   19   O  O   . SER A 1 3   ? 2.539   -18.567 5.211   1.00 21.13 ? 3   SER A O   1 
ATOM   20   C  CB  . SER A 1 3   ? 3.370   -21.454 3.735   1.00 23.18 ? 3   SER A CB  1 
ATOM   21   O  OG  . SER A 1 3   ? 4.547   -20.672 3.627   1.00 24.98 ? 3   SER A OG  1 
ATOM   22   N  N   . GLU A 1 4   ? 2.274   -20.449 6.402   1.00 21.48 ? 4   GLU A N   1 
ATOM   23   C  CA  . GLU A 1 4   ? 2.484   -19.779 7.672   1.00 21.47 ? 4   GLU A CA  1 
ATOM   24   C  C   . GLU A 1 4   ? 3.866   -19.141 7.656   1.00 20.92 ? 4   GLU A C   1 
ATOM   25   O  O   . GLU A 1 4   ? 4.035   -17.999 8.084   1.00 22.00 ? 4   GLU A O   1 
ATOM   26   C  CB  . GLU A 1 4   ? 2.387   -20.776 8.830   1.00 23.95 ? 4   GLU A CB  1 
ATOM   27   C  CG  . GLU A 1 4   ? 2.668   -20.179 10.214  1.00 25.90 ? 4   GLU A CG  1 
ATOM   28   C  CD  . GLU A 1 4   ? 1.675   -19.092 10.623  1.00 28.81 ? 4   GLU A CD  1 
ATOM   29   O  OE1 . GLU A 1 4   ? 0.635   -18.920 9.949   1.00 30.05 ? 4   GLU A OE1 1 
ATOM   30   O  OE2 . GLU A 1 4   ? 1.928   -18.405 11.645  1.00 29.84 ? 4   GLU A OE2 1 
ATOM   31   N  N   . GLY A 1 5   ? 4.839   -19.867 7.113   1.00 20.45 ? 5   GLY A N   1 
ATOM   32   C  CA  . GLY A 1 5   ? 6.201   -19.368 7.047   1.00 19.42 ? 5   GLY A CA  1 
ATOM   33   C  C   . GLY A 1 5   ? 6.304   -18.059 6.297   1.00 18.90 ? 5   GLY A C   1 
ATOM   34   O  O   . GLY A 1 5   ? 7.045   -17.162 6.698   1.00 19.00 ? 5   GLY A O   1 
ATOM   35   N  N   . GLU A 1 6   ? 5.545   -17.932 5.213   1.00 19.14 ? 6   GLU A N   1 
ATOM   36   C  CA  . GLU A 1 6   ? 5.572   -16.704 4.430   1.00 19.31 ? 6   GLU A CA  1 
ATOM   37   C  C   . GLU A 1 6   ? 4.892   -15.565 5.187   1.00 19.22 ? 6   GLU A C   1 
ATOM   38   O  O   . GLU A 1 6   ? 5.387   -14.435 5.186   1.00 19.47 ? 6   GLU A O   1 
ATOM   39   C  CB  . GLU A 1 6   ? 4.952   -16.927 3.053   1.00 19.50 ? 6   GLU A CB  1 
ATOM   40   C  CG  . GLU A 1 6   ? 5.764   -17.909 2.236   1.00 23.92 ? 6   GLU A CG  1 
ATOM   41   C  CD  . GLU A 1 6   ? 5.065   -18.405 0.992   1.00 25.18 ? 6   GLU A CD  1 
ATOM   42   O  OE1 . GLU A 1 6   ? 3.825   -18.546 0.999   1.00 24.56 ? 6   GLU A OE1 1 
ATOM   43   O  OE2 . GLU A 1 6   ? 5.766   -18.681 -0.005  1.00 28.02 ? 6   GLU A OE2 1 
ATOM   44   N  N   . TRP A 1 7   ? 3.793   -15.866 5.874   1.00 18.81 ? 7   TRP A N   1 
ATOM   45   C  CA  . TRP A 1 7   ? 3.103   -14.842 6.648   1.00 18.49 ? 7   TRP A CA  1 
ATOM   46   C  C   . TRP A 1 7   ? 4.018   -14.367 7.770   1.00 18.31 ? 7   TRP A C   1 
ATOM   47   O  O   . TRP A 1 7   ? 4.064   -13.181 8.062   1.00 17.45 ? 7   TRP A O   1 
ATOM   48   C  CB  . TRP A 1 7   ? 1.765   -15.350 7.211   1.00 18.48 ? 7   TRP A CB  1 
ATOM   49   C  CG  . TRP A 1 7   ? 0.642   -15.353 6.205   1.00 17.43 ? 7   TRP A CG  1 
ATOM   50   C  CD1 . TRP A 1 7   ? -0.051  -16.438 5.747   1.00 16.81 ? 7   TRP A CD1 1 
ATOM   51   C  CD2 . TRP A 1 7   ? 0.109   -14.213 5.513   1.00 16.46 ? 7   TRP A CD2 1 
ATOM   52   N  NE1 . TRP A 1 7   ? -0.974  -16.045 4.807   1.00 15.79 ? 7   TRP A NE1 1 
ATOM   53   C  CE2 . TRP A 1 7   ? -0.896  -14.687 4.642   1.00 16.69 ? 7   TRP A CE2 1 
ATOM   54   C  CE3 . TRP A 1 7   ? 0.386   -12.841 5.539   1.00 16.81 ? 7   TRP A CE3 1 
ATOM   55   C  CZ2 . TRP A 1 7   ? -1.624  -13.829 3.804   1.00 16.73 ? 7   TRP A CZ2 1 
ATOM   56   C  CZ3 . TRP A 1 7   ? -0.339  -11.990 4.705   1.00 16.72 ? 7   TRP A CZ3 1 
ATOM   57   C  CH2 . TRP A 1 7   ? -1.328  -12.490 3.849   1.00 16.76 ? 7   TRP A CH2 1 
ATOM   58   N  N   . GLN A 1 8   ? 4.767   -15.289 8.374   1.00 20.10 ? 8   GLN A N   1 
ATOM   59   C  CA  . GLN A 1 8   ? 5.691   -14.919 9.443   1.00 20.83 ? 8   GLN A CA  1 
ATOM   60   C  C   . GLN A 1 8   ? 6.721   -13.922 8.914   1.00 20.39 ? 8   GLN A C   1 
ATOM   61   O  O   . GLN A 1 8   ? 7.030   -12.931 9.583   1.00 20.91 ? 8   GLN A O   1 
ATOM   62   C  CB  . GLN A 1 8   ? 6.391   -16.148 10.033  1.00 25.37 ? 8   GLN A CB  1 
ATOM   63   C  CG  . GLN A 1 8   ? 5.513   -16.996 10.958  1.00 30.94 ? 8   GLN A CG  1 
ATOM   64   C  CD  . GLN A 1 8   ? 4.933   -16.188 12.114  1.00 37.44 ? 8   GLN A CD  1 
ATOM   65   O  OE1 . GLN A 1 8   ? 5.672   -15.576 12.886  1.00 40.44 ? 8   GLN A OE1 1 
ATOM   66   N  NE2 . GLN A 1 8   ? 3.601   -16.159 12.221  1.00 40.16 ? 8   GLN A NE2 1 
ATOM   67   N  N   . LEU A 1 9   ? 7.219   -14.162 7.700   1.00 18.71 ? 9   LEU A N   1 
ATOM   68   C  CA  . LEU A 1 9   ? 8.183   -13.252 7.078   1.00 16.90 ? 9   LEU A CA  1 
ATOM   69   C  C   . LEU A 1 9   ? 7.545   -11.883 6.828   1.00 17.53 ? 9   LEU A C   1 
ATOM   70   O  O   . LEU A 1 9   ? 8.171   -10.844 7.057   1.00 18.52 ? 9   LEU A O   1 
ATOM   71   C  CB  . LEU A 1 9   ? 8.695   -13.827 5.761   1.00 17.32 ? 9   LEU A CB  1 
ATOM   72   C  CG  . LEU A 1 9   ? 9.632   -15.029 5.843   1.00 17.53 ? 9   LEU A CG  1 
ATOM   73   C  CD1 . LEU A 1 9   ? 9.889   -15.610 4.468   1.00 19.27 ? 9   LEU A CD1 1 
ATOM   74   C  CD2 . LEU A 1 9   ? 10.927  -14.591 6.479   1.00 19.28 ? 9   LEU A CD2 1 
ATOM   75   N  N   . VAL A 1 10  ? 6.295   -11.881 6.369   1.00 17.91 ? 10  VAL A N   1 
ATOM   76   C  CA  . VAL A 1 10  ? 5.583   -10.632 6.102   1.00 16.94 ? 10  VAL A CA  1 
ATOM   77   C  C   . VAL A 1 10  ? 5.351   -9.845  7.391   1.00 15.98 ? 10  VAL A C   1 
ATOM   78   O  O   . VAL A 1 10  ? 5.631   -8.652  7.461   1.00 15.03 ? 10  VAL A O   1 
ATOM   79   C  CB  . VAL A 1 10  ? 4.205   -10.895 5.434   1.00 18.53 ? 10  VAL A CB  1 
ATOM   80   C  CG1 . VAL A 1 10  ? 3.378   -9.612  5.374   1.00 15.52 ? 10  VAL A CG1 1 
ATOM   81   C  CG2 . VAL A 1 10  ? 4.397   -11.472 4.043   1.00 15.41 ? 10  VAL A CG2 1 
ATOM   82   N  N   . LEU A 1 11  ? 4.863   -10.537 8.414   1.00 16.09 ? 11  LEU A N   1 
ATOM   83   C  CA  . LEU A 1 11  ? 4.565   -9.899  9.686   1.00 18.11 ? 11  LEU A CA  1 
ATOM   84   C  C   . LEU A 1 11  ? 5.810   -9.417  10.397  1.00 18.43 ? 11  LEU A C   1 
ATOM   85   O  O   . LEU A 1 11  ? 5.772   -8.393  11.080  1.00 18.30 ? 11  LEU A O   1 
ATOM   86   C  CB  . LEU A 1 11  ? 3.763   -10.833 10.592  1.00 20.63 ? 11  LEU A CB  1 
ATOM   87   C  CG  . LEU A 1 11  ? 2.394   -11.263 10.066  1.00 20.57 ? 11  LEU A CG  1 
ATOM   88   C  CD1 . LEU A 1 11  ? 1.693   -12.113 11.104  1.00 22.75 ? 11  LEU A CD1 1 
ATOM   89   C  CD2 . LEU A 1 11  ? 1.566   -10.046 9.716   1.00 22.25 ? 11  LEU A CD2 1 
ATOM   90   N  N   . HIS A 1 12  ? 6.905   -10.152 10.239  1.00 18.60 ? 12  HIS A N   1 
ATOM   91   C  CA  . HIS A 1 12  ? 8.166   -9.787  10.860  1.00 18.93 ? 12  HIS A CA  1 
ATOM   92   C  C   . HIS A 1 12  ? 8.660   -8.465  10.299  1.00 17.42 ? 12  HIS A C   1 
ATOM   93   O  O   . HIS A 1 12  ? 9.118   -7.604  11.038  1.00 17.28 ? 12  HIS A O   1 
ATOM   94   C  CB  . HIS A 1 12  ? 9.210   -10.875 10.633  1.00 22.47 ? 12  HIS A CB  1 
ATOM   95   C  CG  . HIS A 1 12  ? 10.583  -10.492 11.098  1.00 27.40 ? 12  HIS A CG  1 
ATOM   96   N  ND1 . HIS A 1 12  ? 11.041  -10.688 12.377  1.00 30.38 ? 12  HIS A ND1 1 
ATOM   97   C  CD2 . HIS A 1 12  ? 11.589  -9.862  10.434  1.00 28.83 ? 12  HIS A CD2 1 
ATOM   98   C  CE1 . HIS A 1 12  ? 12.279  -10.179 12.459  1.00 30.46 ? 12  HIS A CE1 1 
ATOM   99   N  NE2 . HIS A 1 12  ? 12.655  -9.665  11.304  1.00 30.04 ? 12  HIS A NE2 1 
ATOM   100  N  N   . VAL A 1 13  ? 8.580   -8.314  8.986   1.00 17.17 ? 13  VAL A N   1 
ATOM   101  C  CA  . VAL A 1 13  ? 9.000   -7.084  8.336   1.00 17.05 ? 13  VAL A CA  1 
ATOM   102  C  C   . VAL A 1 13  ? 8.005   -5.975  8.645   1.00 16.56 ? 13  VAL A C   1 
ATOM   103  O  O   . VAL A 1 13  ? 8.390   -4.822  8.821   1.00 16.26 ? 13  VAL A O   1 
ATOM   104  C  CB  . VAL A 1 13  ? 9.076   -7.256  6.807   1.00 18.69 ? 13  VAL A CB  1 
ATOM   105  C  CG1 . VAL A 1 13  ? 9.381   -5.929  6.138   1.00 19.31 ? 13  VAL A CG1 1 
ATOM   106  C  CG2 . VAL A 1 13  ? 10.137  -8.282  6.453   1.00 20.25 ? 13  VAL A CG2 1 
ATOM   107  N  N   . TRP A 1 14  ? 6.723   -6.317  8.701   1.00 16.26 ? 14  TRP A N   1 
ATOM   108  C  CA  . TRP A 1 14  ? 5.712   -5.315  8.989   1.00 16.31 ? 14  TRP A CA  1 
ATOM   109  C  C   . TRP A 1 14  ? 5.923   -4.696  10.370  1.00 16.06 ? 14  TRP A C   1 
ATOM   110  O  O   . TRP A 1 14  ? 5.650   -3.511  10.576  1.00 16.69 ? 14  TRP A O   1 
ATOM   111  C  CB  . TRP A 1 14  ? 4.292   -5.878  8.856   1.00 16.01 ? 14  TRP A CB  1 
ATOM   112  C  CG  . TRP A 1 14  ? 3.323   -4.767  8.734   1.00 15.26 ? 14  TRP A CG  1 
ATOM   113  C  CD1 . TRP A 1 14  ? 2.518   -4.272  9.714   1.00 14.29 ? 14  TRP A CD1 1 
ATOM   114  C  CD2 . TRP A 1 14  ? 3.163   -3.897  7.606   1.00 15.95 ? 14  TRP A CD2 1 
ATOM   115  N  NE1 . TRP A 1 14  ? 1.886   -3.140  9.278   1.00 14.12 ? 14  TRP A NE1 1 
ATOM   116  C  CE2 . TRP A 1 14  ? 2.263   -2.885  7.983   1.00 14.50 ? 14  TRP A CE2 1 
ATOM   117  C  CE3 . TRP A 1 14  ? 3.711   -3.869  6.313   1.00 16.50 ? 14  TRP A CE3 1 
ATOM   118  C  CZ2 . TRP A 1 14  ? 1.881   -1.853  7.120   1.00 15.01 ? 14  TRP A CZ2 1 
ATOM   119  C  CZ3 . TRP A 1 14  ? 3.333   -2.838  5.449   1.00 17.05 ? 14  TRP A CZ3 1 
ATOM   120  C  CH2 . TRP A 1 14  ? 2.427   -1.843  5.863   1.00 15.90 ? 14  TRP A CH2 1 
ATOM   121  N  N   . ALA A 1 15  ? 6.436   -5.493  11.300  1.00 16.93 ? 15  ALA A N   1 
ATOM   122  C  CA  . ALA A 1 15  ? 6.717   -5.017  12.650  1.00 17.94 ? 15  ALA A CA  1 
ATOM   123  C  C   . ALA A 1 15  ? 7.714   -3.862  12.613  1.00 18.67 ? 15  ALA A C   1 
ATOM   124  O  O   . ALA A 1 15  ? 7.710   -3.012  13.503  1.00 20.54 ? 15  ALA A O   1 
ATOM   125  C  CB  . ALA A 1 15  ? 7.254   -6.146  13.507  1.00 18.27 ? 15  ALA A CB  1 
ATOM   126  N  N   . LYS A 1 16  ? 8.559   -3.817  11.584  1.00 19.14 ? 16  LYS A N   1 
ATOM   127  C  CA  . LYS A 1 16  ? 9.536   -2.741  11.444  1.00 18.58 ? 16  LYS A CA  1 
ATOM   128  C  C   . LYS A 1 16  ? 8.797   -1.480  11.004  1.00 16.88 ? 16  LYS A C   1 
ATOM   129  O  O   . LYS A 1 16  ? 9.146   -0.373  11.402  1.00 17.68 ? 16  LYS A O   1 
ATOM   130  C  CB  . LYS A 1 16  ? 10.593  -3.077  10.383  1.00 21.23 ? 16  LYS A CB  1 
ATOM   131  C  CG  . LYS A 1 16  ? 11.239  -4.455  10.473  1.00 24.21 ? 16  LYS A CG  1 
ATOM   132  C  CD  . LYS A 1 16  ? 12.101  -4.610  11.705  1.00 27.46 ? 16  LYS A CD  1 
ATOM   133  C  CE  . LYS A 1 16  ? 12.875  -5.929  11.669  1.00 29.88 ? 16  LYS A CE  1 
ATOM   134  N  NZ  . LYS A 1 16  ? 13.527  -6.200  12.981  1.00 29.93 ? 16  LYS A NZ  1 
ATOM   135  N  N   . VAL A 1 17  ? 7.784   -1.650  10.158  1.00 16.09 ? 17  VAL A N   1 
ATOM   136  C  CA  . VAL A 1 17  ? 6.989   -0.521  9.669   1.00 14.43 ? 17  VAL A CA  1 
ATOM   137  C  C   . VAL A 1 17  ? 6.228   0.123   10.837  1.00 13.95 ? 17  VAL A C   1 
ATOM   138  O  O   . VAL A 1 17  ? 6.205   1.344   10.990  1.00 14.30 ? 17  VAL A O   1 
ATOM   139  C  CB  . VAL A 1 17  ? 5.959   -0.979  8.611   1.00 14.46 ? 17  VAL A CB  1 
ATOM   140  C  CG1 . VAL A 1 17  ? 5.086   0.179   8.192   1.00 9.71  ? 17  VAL A CG1 1 
ATOM   141  C  CG2 . VAL A 1 17  ? 6.672   -1.575  7.415   1.00 12.94 ? 17  VAL A CG2 1 
ATOM   142  N  N   . GLU A 1 18  ? 5.655   -0.726  11.680  1.00 13.91 ? 18  GLU A N   1 
ATOM   143  C  CA  . GLU A 1 18  ? 4.879   -0.279  12.828  1.00 16.47 ? 18  GLU A CA  1 
ATOM   144  C  C   . GLU A 1 18  ? 5.637   0.586   13.831  1.00 16.36 ? 18  GLU A C   1 
ATOM   145  O  O   . GLU A 1 18  ? 5.025   1.329   14.588  1.00 15.68 ? 18  GLU A O   1 
ATOM   146  C  CB  . GLU A 1 18  ? 4.254   -1.474  13.537  1.00 18.60 ? 18  GLU A CB  1 
ATOM   147  C  CG  . GLU A 1 18  ? 3.512   -2.391  12.611  1.00 21.79 ? 18  GLU A CG  1 
ATOM   148  C  CD  . GLU A 1 18  ? 2.624   -3.355  13.350  1.00 24.11 ? 18  GLU A CD  1 
ATOM   149  O  OE1 . GLU A 1 18  ? 1.472   -2.982  13.637  1.00 28.13 ? 18  GLU A OE1 1 
ATOM   150  O  OE2 . GLU A 1 18  ? 3.052   -4.492  13.624  1.00 27.46 ? 18  GLU A OE2 1 
ATOM   151  N  N   . ALA A 1 19  ? 6.960   0.484   13.843  1.00 14.83 ? 19  ALA A N   1 
ATOM   152  C  CA  . ALA A 1 19  ? 7.784   1.284   14.746  1.00 15.76 ? 19  ALA A CA  1 
ATOM   153  C  C   . ALA A 1 19  ? 7.719   2.753   14.345  1.00 16.15 ? 19  ALA A C   1 
ATOM   154  O  O   . ALA A 1 19  ? 7.995   3.633   15.154  1.00 16.68 ? 19  ALA A O   1 
ATOM   155  C  CB  . ALA A 1 19  ? 9.228   0.799   14.713  1.00 15.61 ? 19  ALA A CB  1 
ATOM   156  N  N   . ASP A 1 20  ? 7.354   3.008   13.092  1.00 14.55 ? 20  ASP A N   1 
ATOM   157  C  CA  . ASP A 1 20  ? 7.248   4.365   12.571  1.00 15.06 ? 20  ASP A CA  1 
ATOM   158  C  C   . ASP A 1 20  ? 6.328   4.385   11.339  1.00 14.73 ? 20  ASP A C   1 
ATOM   159  O  O   . ASP A 1 20  ? 6.770   4.535   10.194  1.00 13.43 ? 20  ASP A O   1 
ATOM   160  C  CB  . ASP A 1 20  ? 8.650   4.902   12.242  1.00 17.63 ? 20  ASP A CB  1 
ATOM   161  C  CG  . ASP A 1 20  ? 8.629   6.303   11.659  1.00 18.11 ? 20  ASP A CG  1 
ATOM   162  O  OD1 . ASP A 1 20  ? 7.745   7.108   12.007  1.00 20.05 ? 20  ASP A OD1 1 
ATOM   163  O  OD2 . ASP A 1 20  ? 9.508   6.598   10.824  1.00 21.31 ? 20  ASP A OD2 1 
ATOM   164  N  N   . VAL A 1 21  ? 5.036   4.251   11.597  1.00 13.28 ? 21  VAL A N   1 
ATOM   165  C  CA  . VAL A 1 21  ? 4.042   4.244   10.544  1.00 13.80 ? 21  VAL A CA  1 
ATOM   166  C  C   . VAL A 1 21  ? 4.046   5.555   9.766   1.00 13.76 ? 21  VAL A C   1 
ATOM   167  O  O   . VAL A 1 21  ? 4.038   5.553   8.540   1.00 14.57 ? 21  VAL A O   1 
ATOM   168  C  CB  . VAL A 1 21  ? 2.641   3.942   11.121  1.00 13.36 ? 21  VAL A CB  1 
ATOM   169  C  CG1 . VAL A 1 21  ? 1.565   4.118   10.057  1.00 12.02 ? 21  VAL A CG1 1 
ATOM   170  C  CG2 . VAL A 1 21  ? 2.606   2.527   11.676  1.00 12.60 ? 21  VAL A CG2 1 
ATOM   171  N  N   . ALA A 1 22  ? 4.116   6.674   10.472  1.00 13.69 ? 22  ALA A N   1 
ATOM   172  C  CA  . ALA A 1 22  ? 4.122   7.980   9.823   1.00 14.68 ? 22  ALA A CA  1 
ATOM   173  C  C   . ALA A 1 22  ? 5.319   8.176   8.892   1.00 15.36 ? 22  ALA A C   1 
ATOM   174  O  O   . ALA A 1 22  ? 5.169   8.709   7.792   1.00 15.99 ? 22  ALA A O   1 
ATOM   175  C  CB  . ALA A 1 22  ? 4.087   9.079   10.859  1.00 13.05 ? 22  ALA A CB  1 
ATOM   176  N  N   . GLY A 1 23  ? 6.499   7.738   9.331   1.00 14.70 ? 23  GLY A N   1 
ATOM   177  C  CA  . GLY A 1 23  ? 7.695   7.890   8.520   1.00 15.27 ? 23  GLY A CA  1 
ATOM   178  C  C   . GLY A 1 23  ? 7.612   7.038   7.275   1.00 14.37 ? 23  GLY A C   1 
ATOM   179  O  O   . GLY A 1 23  ? 7.856   7.509   6.168   1.00 14.77 ? 23  GLY A O   1 
ATOM   180  N  N   . HIS A 1 24  ? 7.257   5.776   7.463   1.00 13.23 ? 24  HIS A N   1 
ATOM   181  C  CA  . HIS A 1 24  ? 7.114   4.851   6.355   1.00 14.16 ? 24  HIS A CA  1 
ATOM   182  C  C   . HIS A 1 24  ? 6.050   5.317   5.383   1.00 14.23 ? 24  HIS A C   1 
ATOM   183  O  O   . HIS A 1 24  ? 6.230   5.197   4.178   1.00 15.69 ? 24  HIS A O   1 
ATOM   184  C  CB  . HIS A 1 24  ? 6.763   3.461   6.857   1.00 14.47 ? 24  HIS A CB  1 
ATOM   185  C  CG  . HIS A 1 24  ? 7.930   2.715   7.412   1.00 16.04 ? 24  HIS A CG  1 
ATOM   186  N  ND1 . HIS A 1 24  ? 8.342   2.788   8.723   1.00 18.04 ? 24  HIS A ND1 1 
ATOM   187  C  CD2 . HIS A 1 24  ? 8.795   1.867   6.802   1.00 17.28 ? 24  HIS A CD2 1 
ATOM   188  C  CE1 . HIS A 1 24  ? 9.415   2.002   8.862   1.00 16.76 ? 24  HIS A CE1 1 
ATOM   189  N  NE2 . HIS A 1 24  ? 9.726   1.422   7.720   1.00 19.31 ? 24  HIS A NE2 1 
ATOM   190  N  N   . GLY A 1 25  ? 4.940   5.826   5.918   1.00 14.49 ? 25  GLY A N   1 
ATOM   191  C  CA  . GLY A 1 25  ? 3.847   6.313   5.094   1.00 15.04 ? 25  GLY A CA  1 
ATOM   192  C  C   . GLY A 1 25  ? 4.279   7.423   4.158   1.00 16.00 ? 25  GLY A C   1 
ATOM   193  O  O   . GLY A 1 25  ? 3.978   7.382   2.965   1.00 15.44 ? 25  GLY A O   1 
ATOM   194  N  N   . GLN A 1 26  ? 4.994   8.410   4.692   1.00 16.16 ? 26  GLN A N   1 
ATOM   195  C  CA  . GLN A 1 26  ? 5.487   9.526   3.889   1.00 18.91 ? 26  GLN A CA  1 
ATOM   196  C  C   . GLN A 1 26  ? 6.368   9.034   2.751   1.00 18.29 ? 26  GLN A C   1 
ATOM   197  O  O   . GLN A 1 26  ? 6.210   9.456   1.606   1.00 18.79 ? 26  GLN A O   1 
ATOM   198  C  CB  . GLN A 1 26  ? 6.319   10.476  4.734   1.00 20.74 ? 26  GLN A CB  1 
ATOM   199  C  CG  . GLN A 1 26  ? 5.548   11.373  5.651   1.00 26.35 ? 26  GLN A CG  1 
ATOM   200  C  CD  . GLN A 1 26  ? 6.479   12.217  6.501   1.00 29.15 ? 26  GLN A CD  1 
ATOM   201  O  OE1 . GLN A 1 26  ? 7.369   11.694  7.179   1.00 31.27 ? 26  GLN A OE1 1 
ATOM   202  N  NE2 . GLN A 1 26  ? 6.301   13.525  6.449   1.00 30.37 ? 26  GLN A NE2 1 
ATOM   203  N  N   . ASP A 1 27  ? 7.326   8.178   3.091   1.00 16.88 ? 27  ASP A N   1 
ATOM   204  C  CA  . ASP A 1 27  ? 8.255   7.615   2.112   1.00 17.81 ? 27  ASP A CA  1 
ATOM   205  C  C   . ASP A 1 27  ? 7.542   6.878   0.982   1.00 15.91 ? 27  ASP A C   1 
ATOM   206  O  O   . ASP A 1 27  ? 7.830   7.111   -0.183  1.00 15.35 ? 27  ASP A O   1 
ATOM   207  C  CB  . ASP A 1 27  ? 9.254   6.671   2.790   1.00 19.30 ? 27  ASP A CB  1 
ATOM   208  C  CG  . ASP A 1 27  ? 10.275  7.402   3.650   1.00 21.14 ? 27  ASP A CG  1 
ATOM   209  O  OD1 . ASP A 1 27  ? 10.463  8.628   3.491   1.00 21.82 ? 27  ASP A OD1 1 
ATOM   210  O  OD2 . ASP A 1 27  ? 10.906  6.738   4.491   1.00 21.82 ? 27  ASP A OD2 1 
ATOM   211  N  N   . ILE A 1 28  ? 6.609   6.006   1.333   1.00 14.94 ? 28  ILE A N   1 
ATOM   212  C  CA  . ILE A 1 28  ? 5.859   5.246   0.347   1.00 14.92 ? 28  ILE A CA  1 
ATOM   213  C  C   . ILE A 1 28  ? 5.037   6.134   -0.593  1.00 15.23 ? 28  ILE A C   1 
ATOM   214  O  O   . ILE A 1 28  ? 5.062   5.931   -1.806  1.00 16.79 ? 28  ILE A O   1 
ATOM   215  C  CB  . ILE A 1 28  ? 4.976   4.181   1.035   1.00 14.04 ? 28  ILE A CB  1 
ATOM   216  C  CG1 . ILE A 1 28  ? 5.874   3.148   1.725   1.00 12.89 ? 28  ILE A CG1 1 
ATOM   217  C  CG2 . ILE A 1 28  ? 4.048   3.517   0.031   1.00 15.01 ? 28  ILE A CG2 1 
ATOM   218  C  CD1 . ILE A 1 28  ? 5.136   2.123   2.541   1.00 12.40 ? 28  ILE A CD1 1 
ATOM   219  N  N   . LEU A 1 29  ? 4.333   7.126   -0.046  1.00 15.38 ? 29  LEU A N   1 
ATOM   220  C  CA  . LEU A 1 29  ? 3.518   8.032   -0.857  1.00 15.63 ? 29  LEU A CA  1 
ATOM   221  C  C   . LEU A 1 29  ? 4.357   8.947   -1.736  1.00 16.77 ? 29  LEU A C   1 
ATOM   222  O  O   . LEU A 1 29  ? 4.053   9.130   -2.904  1.00 16.72 ? 29  LEU A O   1 
ATOM   223  C  CB  . LEU A 1 29  ? 2.591   8.876   0.019   1.00 15.35 ? 29  LEU A CB  1 
ATOM   224  C  CG  . LEU A 1 29  ? 1.466   8.115   0.721   1.00 16.96 ? 29  LEU A CG  1 
ATOM   225  C  CD1 . LEU A 1 29  ? 0.783   9.012   1.730   1.00 16.26 ? 29  LEU A CD1 1 
ATOM   226  C  CD2 . LEU A 1 29  ? 0.466   7.576   -0.303  1.00 17.61 ? 29  LEU A CD2 1 
ATOM   227  N  N   . ILE A 1 30  ? 5.397   9.541   -1.170  1.00 17.64 ? 30  ILE A N   1 
ATOM   228  C  CA  . ILE A 1 30  ? 6.263   10.423  -1.940  1.00 18.44 ? 30  ILE A CA  1 
ATOM   229  C  C   . ILE A 1 30  ? 6.876   9.612   -3.074  1.00 18.98 ? 30  ILE A C   1 
ATOM   230  O  O   . ILE A 1 30  ? 6.924   10.067  -4.215  1.00 20.08 ? 30  ILE A O   1 
ATOM   231  C  CB  . ILE A 1 30  ? 7.361   11.072  -1.048  1.00 17.59 ? 30  ILE A CB  1 
ATOM   232  C  CG1 . ILE A 1 30  ? 6.707   12.041  -0.058  1.00 19.83 ? 30  ILE A CG1 1 
ATOM   233  C  CG2 . ILE A 1 30  ? 8.383   11.812  -1.899  1.00 18.41 ? 30  ILE A CG2 1 
ATOM   234  C  CD1 . ILE A 1 30  ? 7.656   12.631  0.958   1.00 18.56 ? 30  ILE A CD1 1 
ATOM   235  N  N   . ARG A 1 31  ? 7.286   8.386   -2.763  1.00 19.01 ? 31  ARG A N   1 
ATOM   236  C  CA  . ARG A 1 31  ? 7.872   7.478   -3.744  1.00 20.01 ? 31  ARG A CA  1 
ATOM   237  C  C   . ARG A 1 31  ? 6.887   7.255   -4.901  1.00 20.12 ? 31  ARG A C   1 
ATOM   238  O  O   . ARG A 1 31  ? 7.226   7.435   -6.075  1.00 19.57 ? 31  ARG A O   1 
ATOM   239  C  CB  . ARG A 1 31  ? 8.200   6.142   -3.063  1.00 22.15 ? 31  ARG A CB  1 
ATOM   240  C  CG  . ARG A 1 31  ? 8.694   5.050   -3.978  1.00 24.22 ? 31  ARG A CG  1 
ATOM   241  C  CD  . ARG A 1 31  ? 10.043  5.407   -4.519  1.00 29.92 ? 31  ARG A CD  1 
ATOM   242  N  NE  . ARG A 1 31  ? 10.444  4.504   -5.589  1.00 34.89 ? 31  ARG A NE  1 
ATOM   243  C  CZ  . ARG A 1 31  ? 11.471  4.727   -6.405  1.00 37.11 ? 31  ARG A CZ  1 
ATOM   244  N  NH1 . ARG A 1 31  ? 12.215  5.822   -6.270  1.00 38.67 ? 31  ARG A NH1 1 
ATOM   245  N  NH2 . ARG A 1 31  ? 11.755  3.846   -7.358  1.00 38.17 ? 31  ARG A NH2 1 
ATOM   246  N  N   . LEU A 1 32  ? 5.656   6.904   -4.544  1.00 19.34 ? 32  LEU A N   1 
ATOM   247  C  CA  . LEU A 1 32  ? 4.584   6.661   -5.504  1.00 18.74 ? 32  LEU A CA  1 
ATOM   248  C  C   . LEU A 1 32  ? 4.337   7.874   -6.402  1.00 19.07 ? 32  LEU A C   1 
ATOM   249  O  O   . LEU A 1 32  ? 4.280   7.750   -7.623  1.00 19.04 ? 32  LEU A O   1 
ATOM   250  C  CB  . LEU A 1 32  ? 3.297   6.326   -4.753  1.00 17.01 ? 32  LEU A CB  1 
ATOM   251  C  CG  . LEU A 1 32  ? 2.050   6.110   -5.599  1.00 16.95 ? 32  LEU A CG  1 
ATOM   252  C  CD1 . LEU A 1 32  ? 2.162   4.799   -6.346  1.00 15.11 ? 32  LEU A CD1 1 
ATOM   253  C  CD2 . LEU A 1 32  ? 0.821   6.121   -4.714  1.00 17.25 ? 32  LEU A CD2 1 
ATOM   254  N  N   . PHE A 1 33  ? 4.193   9.040   -5.781  1.00 18.98 ? 33  PHE A N   1 
ATOM   255  C  CA  . PHE A 1 33  ? 3.937   10.281  -6.499  1.00 21.43 ? 33  PHE A CA  1 
ATOM   256  C  C   . PHE A 1 33  ? 5.085   10.699  -7.396  1.00 23.50 ? 33  PHE A C   1 
ATOM   257  O  O   . PHE A 1 33  ? 4.875   11.359  -8.411  1.00 24.95 ? 33  PHE A O   1 
ATOM   258  C  CB  . PHE A 1 33  ? 3.635   11.408  -5.516  1.00 19.65 ? 33  PHE A CB  1 
ATOM   259  C  CG  . PHE A 1 33  ? 2.393   11.190  -4.706  1.00 21.41 ? 33  PHE A CG  1 
ATOM   260  C  CD1 . PHE A 1 33  ? 1.325   10.468  -5.227  1.00 19.59 ? 33  PHE A CD1 1 
ATOM   261  C  CD2 . PHE A 1 33  ? 2.283   11.726  -3.421  1.00 21.28 ? 33  PHE A CD2 1 
ATOM   262  C  CE1 . PHE A 1 33  ? 0.161   10.282  -4.485  1.00 21.60 ? 33  PHE A CE1 1 
ATOM   263  C  CE2 . PHE A 1 33  ? 1.114   11.540  -2.667  1.00 21.28 ? 33  PHE A CE2 1 
ATOM   264  C  CZ  . PHE A 1 33  ? 0.053   10.819  -3.202  1.00 20.07 ? 33  PHE A CZ  1 
ATOM   265  N  N   . LYS A 1 34  ? 6.302   10.364  -7.002  1.00 25.42 ? 34  LYS A N   1 
ATOM   266  C  CA  . LYS A 1 34  ? 7.458   10.718  -7.804  1.00 27.92 ? 34  LYS A CA  1 
ATOM   267  C  C   . LYS A 1 34  ? 7.648   9.793   -8.999  1.00 27.87 ? 34  LYS A C   1 
ATOM   268  O  O   . LYS A 1 34  ? 7.957   10.254  -10.099 1.00 28.65 ? 34  LYS A O   1 
ATOM   269  C  CB  . LYS A 1 34  ? 8.713   10.710  -6.952  1.00 30.63 ? 34  LYS A CB  1 
ATOM   270  C  CG  . LYS A 1 34  ? 8.810   11.865  -6.003  1.00 36.64 ? 34  LYS A CG  1 
ATOM   271  C  CD  . LYS A 1 34  ? 8.934   13.173  -6.754  1.00 40.11 ? 34  LYS A CD  1 
ATOM   272  C  CE  . LYS A 1 34  ? 9.226   14.318  -5.785  1.00 43.03 ? 34  LYS A CE  1 
ATOM   273  N  NZ  . LYS A 1 34  ? 9.164   15.649  -6.475  1.00 45.25 ? 34  LYS A NZ  1 
ATOM   274  N  N   . SER A 1 35  ? 7.507   8.491   -8.778  1.00 27.29 ? 35  SER A N   1 
ATOM   275  C  CA  . SER A 1 35  ? 7.666   7.518   -9.852  1.00 27.50 ? 35  SER A CA  1 
ATOM   276  C  C   . SER A 1 35  ? 6.500   7.619   -10.829 1.00 27.03 ? 35  SER A C   1 
ATOM   277  O  O   . SER A 1 35  ? 6.686   7.480   -12.038 1.00 27.98 ? 35  SER A O   1 
ATOM   278  C  CB  . SER A 1 35  ? 7.721   6.085   -9.301  1.00 27.62 ? 35  SER A CB  1 
ATOM   279  O  OG  . SER A 1 35  ? 8.766   5.925   -8.368  1.00 30.29 ? 35  SER A OG  1 
ATOM   280  N  N   . HIS A 1 36  ? 5.304   7.870   -10.300 1.00 25.82 ? 36  HIS A N   1 
ATOM   281  C  CA  . HIS A 1 36  ? 4.104   7.951   -11.117 1.00 24.26 ? 36  HIS A CA  1 
ATOM   282  C  C   . HIS A 1 36  ? 3.262   9.168   -10.772 1.00 24.65 ? 36  HIS A C   1 
ATOM   283  O  O   . HIS A 1 36  ? 2.189   9.037   -10.186 1.00 24.79 ? 36  HIS A O   1 
ATOM   284  C  CB  . HIS A 1 36  ? 3.271   6.692   -10.901 1.00 22.52 ? 36  HIS A CB  1 
ATOM   285  C  CG  . HIS A 1 36  ? 4.057   5.430   -11.013 1.00 22.69 ? 36  HIS A CG  1 
ATOM   286  N  ND1 . HIS A 1 36  ? 4.295   4.772   -12.199 1.00 23.92 ? 36  HIS A ND1 1 
ATOM   287  C  CD2 . HIS A 1 36  ? 4.683   4.703   -10.055 1.00 23.89 ? 36  HIS A CD2 1 
ATOM   288  C  CE1 . HIS A 1 36  ? 5.040   3.696   -11.930 1.00 23.61 ? 36  HIS A CE1 1 
ATOM   289  N  NE2 . HIS A 1 36  ? 5.302   3.611   -10.641 1.00 22.71 ? 36  HIS A NE2 1 
ATOM   290  N  N   . PRO A 1 37  ? 3.674   10.361  -11.233 1.00 24.39 ? 37  PRO A N   1 
ATOM   291  C  CA  . PRO A 1 37  ? 2.890   11.559  -10.910 1.00 24.95 ? 37  PRO A CA  1 
ATOM   292  C  C   . PRO A 1 37  ? 1.422   11.515  -11.284 1.00 24.90 ? 37  PRO A C   1 
ATOM   293  O  O   . PRO A 1 37  ? 0.626   12.288  -10.753 1.00 24.93 ? 37  PRO A O   1 
ATOM   294  C  CB  . PRO A 1 37  ? 3.640   12.671  -11.633 1.00 24.55 ? 37  PRO A CB  1 
ATOM   295  C  CG  . PRO A 1 37  ? 4.301   11.960  -12.766 1.00 26.22 ? 37  PRO A CG  1 
ATOM   296  C  CD  . PRO A 1 37  ? 4.790   10.693  -12.127 1.00 23.29 ? 37  PRO A CD  1 
ATOM   297  N  N   . GLU A 1 38  ? 1.050   10.590  -12.163 1.00 26.51 ? 38  GLU A N   1 
ATOM   298  C  CA  . GLU A 1 38  ? -0.348  10.474  -12.570 1.00 26.66 ? 38  GLU A CA  1 
ATOM   299  C  C   . GLU A 1 38  ? -1.222  10.074  -11.383 1.00 26.68 ? 38  GLU A C   1 
ATOM   300  O  O   . GLU A 1 38  ? -2.398  10.458  -11.318 1.00 27.37 ? 38  GLU A O   1 
ATOM   301  C  CB  . GLU A 1 38  ? -0.510  9.473   -13.722 1.00 28.29 ? 38  GLU A CB  1 
ATOM   302  C  CG  . GLU A 1 38  ? -0.299  8.015   -13.349 1.00 31.16 ? 38  GLU A CG  1 
ATOM   303  C  CD  . GLU A 1 38  ? 0.951   7.421   -13.973 1.00 32.73 ? 38  GLU A CD  1 
ATOM   304  O  OE1 . GLU A 1 38  ? 2.042   8.025   -13.824 1.00 34.36 ? 38  GLU A OE1 1 
ATOM   305  O  OE2 . GLU A 1 38  ? 0.843   6.348   -14.614 1.00 34.59 ? 38  GLU A OE2 1 
ATOM   306  N  N   . THR A 1 39  ? -0.658  9.327   -10.433 1.00 25.11 ? 39  THR A N   1 
ATOM   307  C  CA  . THR A 1 39  ? -1.421  8.914   -9.260  1.00 23.25 ? 39  THR A CA  1 
ATOM   308  C  C   . THR A 1 39  ? -1.718  10.116  -8.362  1.00 23.23 ? 39  THR A C   1 
ATOM   309  O  O   . THR A 1 39  ? -2.724  10.135  -7.657  1.00 23.11 ? 39  THR A O   1 
ATOM   310  C  CB  . THR A 1 39  ? -0.675  7.856   -8.434  1.00 22.30 ? 39  THR A CB  1 
ATOM   311  O  OG1 . THR A 1 39  ? 0.644   8.330   -8.137  1.00 21.93 ? 39  THR A OG1 1 
ATOM   312  C  CG2 . THR A 1 39  ? -0.588  6.552   -9.199  1.00 22.47 ? 39  THR A CG2 1 
ATOM   313  N  N   . LEU A 1 40  ? -0.854  11.127  -8.404  1.00 23.53 ? 40  LEU A N   1 
ATOM   314  C  CA  . LEU A 1 40  ? -1.049  12.318  -7.581  1.00 25.49 ? 40  LEU A CA  1 
ATOM   315  C  C   . LEU A 1 40  ? -2.302  13.092  -8.008  1.00 25.97 ? 40  LEU A C   1 
ATOM   316  O  O   . LEU A 1 40  ? -3.007  13.662  -7.178  1.00 24.71 ? 40  LEU A O   1 
ATOM   317  C  CB  . LEU A 1 40  ? 0.189   13.227  -7.657  1.00 25.18 ? 40  LEU A CB  1 
ATOM   318  C  CG  . LEU A 1 40  ? 0.142   14.520  -6.828  1.00 25.65 ? 40  LEU A CG  1 
ATOM   319  C  CD1 . LEU A 1 40  ? -0.157  14.200  -5.357  1.00 24.86 ? 40  LEU A CD1 1 
ATOM   320  C  CD2 . LEU A 1 40  ? 1.469   15.278  -6.970  1.00 25.74 ? 40  LEU A CD2 1 
ATOM   321  N  N   . GLU A 1 41  ? -2.579  13.084  -9.308  1.00 27.26 ? 41  GLU A N   1 
ATOM   322  C  CA  . GLU A 1 41  ? -3.737  13.770  -9.861  1.00 29.09 ? 41  GLU A CA  1 
ATOM   323  C  C   . GLU A 1 41  ? -5.045  13.225  -9.295  1.00 28.75 ? 41  GLU A C   1 
ATOM   324  O  O   . GLU A 1 41  ? -6.078  13.897  -9.357  1.00 28.57 ? 41  GLU A O   1 
ATOM   325  C  CB  . GLU A 1 41  ? -3.725  13.689  -11.389 1.00 32.33 ? 41  GLU A CB  1 
ATOM   326  C  CG  . GLU A 1 41  ? -2.881  14.787  -12.092 1.00 40.35 ? 41  GLU A CG  1 
ATOM   327  C  CD  . GLU A 1 41  ? -1.359  14.574  -11.996 1.00 45.61 ? 41  GLU A CD  1 
ATOM   328  O  OE1 . GLU A 1 41  ? -0.750  14.891  -10.931 1.00 48.37 ? 41  GLU A OE1 1 
ATOM   329  O  OE2 . GLU A 1 41  ? -0.753  14.121  -13.009 1.00 48.58 ? 41  GLU A OE2 1 
ATOM   330  N  N   . LYS A 1 42  ? -4.997  12.011  -8.740  1.00 27.56 ? 42  LYS A N   1 
ATOM   331  C  CA  . LYS A 1 42  ? -6.170  11.384  -8.134  1.00 26.15 ? 42  LYS A CA  1 
ATOM   332  C  C   . LYS A 1 42  ? -6.538  11.983  -6.766  1.00 26.24 ? 42  LYS A C   1 
ATOM   333  O  O   . LYS A 1 42  ? -7.676  11.832  -6.299  1.00 26.94 ? 42  LYS A O   1 
ATOM   334  C  CB  . LYS A 1 42  ? -5.948  9.875   -7.987  1.00 25.87 ? 42  LYS A CB  1 
ATOM   335  C  CG  . LYS A 1 42  ? -6.055  9.109   -9.291  1.00 27.91 ? 42  LYS A CG  1 
ATOM   336  C  CD  . LYS A 1 42  ? -7.508  9.082   -9.703  1.00 30.47 ? 42  LYS A CD  1 
ATOM   337  C  CE  . LYS A 1 42  ? -7.752  8.422   -11.041 1.00 31.77 ? 42  LYS A CE  1 
ATOM   338  N  NZ  . LYS A 1 42  ? -9.221  8.409   -11.322 1.00 32.41 ? 42  LYS A NZ  1 
ATOM   339  N  N   . PHE A 1 43  ? -5.597  12.677  -6.129  1.00 24.89 ? 43  PHE A N   1 
ATOM   340  C  CA  . PHE A 1 43  ? -5.842  13.276  -4.814  1.00 25.08 ? 43  PHE A CA  1 
ATOM   341  C  C   . PHE A 1 43  ? -6.088  14.759  -4.920  1.00 26.84 ? 43  PHE A C   1 
ATOM   342  O  O   . PHE A 1 43  ? -5.145  15.549  -4.973  1.00 26.99 ? 43  PHE A O   1 
ATOM   343  C  CB  . PHE A 1 43  ? -4.649  13.051  -3.875  1.00 21.99 ? 43  PHE A CB  1 
ATOM   344  C  CG  . PHE A 1 43  ? -4.349  11.613  -3.608  1.00 19.07 ? 43  PHE A CG  1 
ATOM   345  C  CD1 . PHE A 1 43  ? -3.651  10.851  -4.540  1.00 16.61 ? 43  PHE A CD1 1 
ATOM   346  C  CD2 . PHE A 1 43  ? -4.748  11.019  -2.420  1.00 18.47 ? 43  PHE A CD2 1 
ATOM   347  C  CE1 . PHE A 1 43  ? -3.357  9.522   -4.293  1.00 17.17 ? 43  PHE A CE1 1 
ATOM   348  C  CE2 . PHE A 1 43  ? -4.455  9.686   -2.163  1.00 17.72 ? 43  PHE A CE2 1 
ATOM   349  C  CZ  . PHE A 1 43  ? -3.758  8.936   -3.101  1.00 16.30 ? 43  PHE A CZ  1 
ATOM   350  N  N   . ASP A 1 44  ? -7.356  15.145  -4.890  1.00 29.33 ? 44  ASP A N   1 
ATOM   351  C  CA  . ASP A 1 44  ? -7.718  16.553  -4.971  1.00 32.39 ? 44  ASP A CA  1 
ATOM   352  C  C   . ASP A 1 44  ? -6.933  17.387  -3.957  1.00 32.28 ? 44  ASP A C   1 
ATOM   353  O  O   . ASP A 1 44  ? -6.325  18.399  -4.306  1.00 32.77 ? 44  ASP A O   1 
ATOM   354  C  CB  . ASP A 1 44  ? -9.220  16.732  -4.729  1.00 36.30 ? 44  ASP A CB  1 
ATOM   355  C  CG  . ASP A 1 44  ? -10.072 16.026  -5.771  1.00 40.78 ? 44  ASP A CG  1 
ATOM   356  O  OD1 . ASP A 1 44  ? -9.656  15.970  -6.962  1.00 42.82 ? 44  ASP A OD1 1 
ATOM   357  O  OD2 . ASP A 1 44  ? -11.168 15.526  -5.392  1.00 44.15 ? 44  ASP A OD2 1 
ATOM   358  N  N   . ARG A 1 45  ? -6.886  16.920  -2.715  1.00 30.73 ? 45  ARG A N   1 
ATOM   359  C  CA  . ARG A 1 45  ? -6.191  17.660  -1.674  1.00 30.20 ? 45  ARG A CA  1 
ATOM   360  C  C   . ARG A 1 45  ? -4.671  17.756  -1.788  1.00 29.64 ? 45  ARG A C   1 
ATOM   361  O  O   . ARG A 1 45  ? -4.067  18.646  -1.183  1.00 30.56 ? 45  ARG A O   1 
ATOM   362  C  CB  . ARG A 1 45  ? -6.594  17.146  -0.283  1.00 30.25 ? 45  ARG A CB  1 
ATOM   363  C  CG  . ARG A 1 45  ? -6.343  15.667  -0.028  1.00 32.46 ? 45  ARG A CG  1 
ATOM   364  C  CD  . ARG A 1 45  ? -6.857  15.264  1.361   1.00 34.24 ? 45  ARG A CD  1 
ATOM   365  N  NE  . ARG A 1 45  ? -6.567  13.863  1.700   1.00 36.27 ? 45  ARG A NE  1 
ATOM   366  C  CZ  . ARG A 1 45  ? -7.137  12.811  1.116   1.00 35.49 ? 45  ARG A CZ  1 
ATOM   367  N  NH1 . ARG A 1 45  ? -8.022  12.985  0.144   1.00 36.30 ? 45  ARG A NH1 1 
ATOM   368  N  NH2 . ARG A 1 45  ? -6.808  11.582  1.492   1.00 36.15 ? 45  ARG A NH2 1 
ATOM   369  N  N   . PHE A 1 46  ? -4.054  16.896  -2.593  1.00 27.29 ? 46  PHE A N   1 
ATOM   370  C  CA  . PHE A 1 46  ? -2.601  16.908  -2.723  1.00 25.30 ? 46  PHE A CA  1 
ATOM   371  C  C   . PHE A 1 46  ? -2.091  17.303  -4.095  1.00 26.16 ? 46  PHE A C   1 
ATOM   372  O  O   . PHE A 1 46  ? -0.905  17.554  -4.245  1.00 26.31 ? 46  PHE A O   1 
ATOM   373  C  CB  . PHE A 1 46  ? -2.025  15.540  -2.361  1.00 23.86 ? 46  PHE A CB  1 
ATOM   374  C  CG  . PHE A 1 46  ? -2.447  15.034  -1.016  1.00 21.75 ? 46  PHE A CG  1 
ATOM   375  C  CD1 . PHE A 1 46  ? -2.409  15.855  0.097   1.00 22.01 ? 46  PHE A CD1 1 
ATOM   376  C  CD2 . PHE A 1 46  ? -2.901  13.729  -0.872  1.00 22.14 ? 46  PHE A CD2 1 
ATOM   377  C  CE1 . PHE A 1 46  ? -2.828  15.383  1.349   1.00 22.89 ? 46  PHE A CE1 1 
ATOM   378  C  CE2 . PHE A 1 46  ? -3.320  13.245  0.360   1.00 22.11 ? 46  PHE A CE2 1 
ATOM   379  C  CZ  . PHE A 1 46  ? -3.284  14.072  1.472   1.00 23.01 ? 46  PHE A CZ  1 
ATOM   380  N  N   . LYS A 1 47  ? -2.982  17.380  -5.082  1.00 27.40 ? 47  LYS A N   1 
ATOM   381  C  CA  . LYS A 1 47  ? -2.629  17.730  -6.468  1.00 28.72 ? 47  LYS A CA  1 
ATOM   382  C  C   . LYS A 1 47  ? -1.684  18.898  -6.649  1.00 28.08 ? 47  LYS A C   1 
ATOM   383  O  O   . LYS A 1 47  ? -0.938  18.946  -7.618  1.00 28.78 ? 47  LYS A O   1 
ATOM   384  C  CB  . LYS A 1 47  ? -3.882  18.057  -7.286  1.00 29.69 ? 47  LYS A CB  1 
ATOM   385  C  CG  . LYS A 1 47  ? -4.770  16.889  -7.539  1.00 35.18 ? 47  LYS A CG  1 
ATOM   386  C  CD  . LYS A 1 47  ? -5.950  17.246  -8.441  1.00 38.26 ? 47  LYS A CD  1 
ATOM   387  C  CE  . LYS A 1 47  ? -5.560  17.325  -9.927  1.00 40.14 ? 47  LYS A CE  1 
ATOM   388  N  NZ  . LYS A 1 47  ? -6.770  17.170  -10.822 1.00 42.03 ? 47  LYS A NZ  1 
ATOM   389  N  N   . HIS A 1 48  ? -1.776  19.870  -5.753  1.00 28.41 ? 48  HIS A N   1 
ATOM   390  C  CA  . HIS A 1 48  ? -0.954  21.073  -5.827  1.00 29.03 ? 48  HIS A CA  1 
ATOM   391  C  C   . HIS A 1 48  ? 0.504   20.966  -5.362  1.00 28.97 ? 48  HIS A C   1 
ATOM   392  O  O   . HIS A 1 48  ? 1.285   21.886  -5.606  1.00 29.80 ? 48  HIS A O   1 
ATOM   393  C  CB  . HIS A 1 48  ? -1.628  22.190  -5.036  1.00 29.86 ? 48  HIS A CB  1 
ATOM   394  C  CG  . HIS A 1 48  ? -1.628  21.953  -3.562  1.00 29.25 ? 48  HIS A CG  1 
ATOM   395  N  ND1 . HIS A 1 48  ? -2.366  20.971  -2.939  1.00 30.00 ? 48  HIS A ND1 1 
ATOM   396  C  CD2 . HIS A 1 48  ? -0.913  22.557  -2.580  1.00 29.45 ? 48  HIS A CD2 1 
ATOM   397  C  CE1 . HIS A 1 48  ? -2.079  21.009  -1.626  1.00 29.71 ? 48  HIS A CE1 1 
ATOM   398  N  NE2 . HIS A 1 48  ? -1.202  21.958  -1.361  1.00 30.43 ? 48  HIS A NE2 1 
ATOM   399  N  N   . LEU A 1 49  ? 0.865   19.908  -4.640  1.00 28.09 ? 49  LEU A N   1 
ATOM   400  C  CA  . LEU A 1 49  ? 2.239   19.767  -4.164  1.00 26.09 ? 49  LEU A CA  1 
ATOM   401  C  C   . LEU A 1 49  ? 3.186   19.520  -5.330  1.00 26.05 ? 49  LEU A C   1 
ATOM   402  O  O   . LEU A 1 49  ? 3.080   18.523  -6.031  1.00 26.94 ? 49  LEU A O   1 
ATOM   403  C  CB  . LEU A 1 49  ? 2.331   18.660  -3.114  1.00 24.81 ? 49  LEU A CB  1 
ATOM   404  C  CG  . LEU A 1 49  ? 1.495   18.959  -1.868  1.00 21.56 ? 49  LEU A CG  1 
ATOM   405  C  CD1 . LEU A 1 49  ? 1.614   17.819  -0.876  1.00 23.38 ? 49  LEU A CD1 1 
ATOM   406  C  CD2 . LEU A 1 49  ? 1.937   20.261  -1.242  1.00 21.29 ? 49  LEU A CD2 1 
ATOM   407  N  N   . LYS A 1 50  ? 4.077   20.477  -5.559  1.00 27.33 ? 50  LYS A N   1 
ATOM   408  C  CA  . LYS A 1 50  ? 5.038   20.429  -6.659  1.00 28.43 ? 50  LYS A CA  1 
ATOM   409  C  C   . LYS A 1 50  ? 6.345   19.687  -6.456  1.00 28.72 ? 50  LYS A C   1 
ATOM   410  O  O   . LYS A 1 50  ? 6.828   19.030  -7.377  1.00 30.20 ? 50  LYS A O   1 
ATOM   411  C  CB  . LYS A 1 50  ? 5.368   21.853  -7.111  1.00 29.29 ? 50  LYS A CB  1 
ATOM   412  C  CG  . LYS A 1 50  ? 4.200   22.587  -7.703  1.00 32.05 ? 50  LYS A CG  1 
ATOM   413  C  CD  . LYS A 1 50  ? 4.501   24.053  -7.831  1.00 33.11 ? 50  LYS A CD  1 
ATOM   414  C  CE  . LYS A 1 50  ? 3.278   24.777  -8.335  1.00 35.18 ? 50  LYS A CE  1 
ATOM   415  N  NZ  . LYS A 1 50  ? 3.538   26.226  -8.335  1.00 38.46 ? 50  LYS A NZ  1 
ATOM   416  N  N   . THR A 1 51  ? 6.928   19.804  -5.269  1.00 27.48 ? 51  THR A N   1 
ATOM   417  C  CA  . THR A 1 51  ? 8.208   19.170  -5.000  1.00 25.36 ? 51  THR A CA  1 
ATOM   418  C  C   . THR A 1 51  ? 8.158   18.196  -3.832  1.00 25.49 ? 51  THR A C   1 
ATOM   419  O  O   . THR A 1 51  ? 7.197   18.174  -3.066  1.00 25.60 ? 51  THR A O   1 
ATOM   420  C  CB  . THR A 1 51  ? 9.267   20.240  -4.676  1.00 24.98 ? 51  THR A CB  1 
ATOM   421  O  OG1 . THR A 1 51  ? 8.951   20.861  -3.423  1.00 25.16 ? 51  THR A OG1 1 
ATOM   422  C  CG2 . THR A 1 51  ? 9.304   21.312  -5.771  1.00 25.45 ? 51  THR A CG2 1 
ATOM   423  N  N   . GLU A 1 52  ? 9.223   17.416  -3.679  1.00 25.73 ? 52  GLU A N   1 
ATOM   424  C  CA  . GLU A 1 52  ? 9.333   16.458  -2.592  1.00 25.15 ? 52  GLU A CA  1 
ATOM   425  C  C   . GLU A 1 52  ? 9.339   17.194  -1.264  1.00 24.12 ? 52  GLU A C   1 
ATOM   426  O  O   . GLU A 1 52  ? 8.725   16.746  -0.300  1.00 23.11 ? 52  GLU A O   1 
ATOM   427  C  CB  . GLU A 1 52  ? 10.607  15.631  -2.731  1.00 27.16 ? 52  GLU A CB  1 
ATOM   428  C  CG  . GLU A 1 52  ? 10.862  14.744  -1.527  1.00 30.76 ? 52  GLU A CG  1 
ATOM   429  C  CD  . GLU A 1 52  ? 11.876  13.653  -1.781  1.00 33.12 ? 52  GLU A CD  1 
ATOM   430  O  OE1 . GLU A 1 52  ? 12.229  13.401  -2.967  1.00 35.65 ? 52  GLU A OE1 1 
ATOM   431  O  OE2 . GLU A 1 52  ? 12.303  13.027  -0.784  1.00 33.83 ? 52  GLU A OE2 1 
ATOM   432  N  N   . ALA A 1 53  ? 10.010  18.339  -1.222  1.00 23.61 ? 53  ALA A N   1 
ATOM   433  C  CA  . ALA A 1 53  ? 10.076  19.133  -0.005  1.00 23.91 ? 53  ALA A CA  1 
ATOM   434  C  C   . ALA A 1 53  ? 8.673   19.503  0.477   1.00 23.83 ? 53  ALA A C   1 
ATOM   435  O  O   . ALA A 1 53  ? 8.363   19.358  1.661   1.00 24.00 ? 53  ALA A O   1 
ATOM   436  C  CB  . ALA A 1 53  ? 10.909  20.385  -0.237  1.00 24.42 ? 53  ALA A CB  1 
ATOM   437  N  N   . GLU A 1 54  ? 7.814   19.935  -0.443  1.00 23.94 ? 54  GLU A N   1 
ATOM   438  C  CA  . GLU A 1 54  ? 6.444   20.302  -0.092  1.00 23.57 ? 54  GLU A CA  1 
ATOM   439  C  C   . GLU A 1 54  ? 5.658   19.103  0.440   1.00 22.99 ? 54  GLU A C   1 
ATOM   440  O  O   . GLU A 1 54  ? 4.873   19.236  1.375   1.00 23.52 ? 54  GLU A O   1 
ATOM   441  C  CB  . GLU A 1 54  ? 5.723   20.897  -1.299  1.00 24.84 ? 54  GLU A CB  1 
ATOM   442  C  CG  . GLU A 1 54  ? 6.294   22.217  -1.744  1.00 27.94 ? 54  GLU A CG  1 
ATOM   443  C  CD  . GLU A 1 54  ? 5.458   22.897  -2.811  1.00 28.08 ? 54  GLU A CD  1 
ATOM   444  O  OE1 . GLU A 1 54  ? 4.586   22.244  -3.421  1.00 28.79 ? 54  GLU A OE1 1 
ATOM   445  O  OE2 . GLU A 1 54  ? 5.684   24.105  -3.041  1.00 30.25 ? 54  GLU A OE2 1 
ATOM   446  N  N   . MET A 1 55  ? 5.893   17.932  -0.143  1.00 22.55 ? 55  MET A N   1 
ATOM   447  C  CA  . MET A 1 55  ? 5.215   16.710  0.265   1.00 22.60 ? 55  MET A CA  1 
ATOM   448  C  C   . MET A 1 55  ? 5.577   16.319  1.693   1.00 23.31 ? 55  MET A C   1 
ATOM   449  O  O   . MET A 1 55  ? 4.713   15.919  2.478   1.00 22.40 ? 55  MET A O   1 
ATOM   450  C  CB  . MET A 1 55  ? 5.554   15.584  -0.702  1.00 22.93 ? 55  MET A CB  1 
ATOM   451  C  CG  . MET A 1 55  ? 4.992   15.799  -2.093  1.00 22.75 ? 55  MET A CG  1 
ATOM   452  S  SD  . MET A 1 55  ? 5.453   14.471  -3.202  1.00 24.21 ? 55  MET A SD  1 
ATOM   453  C  CE  . MET A 1 55  ? 5.718   15.350  -4.700  1.00 24.74 ? 55  MET A CE  1 
ATOM   454  N  N   . LYS A 1 56  ? 6.858   16.443  2.029   1.00 24.29 ? 56  LYS A N   1 
ATOM   455  C  CA  . LYS A 1 56  ? 7.336   16.130  3.375   1.00 24.27 ? 56  LYS A CA  1 
ATOM   456  C  C   . LYS A 1 56  ? 6.775   17.136  4.363   1.00 23.46 ? 56  LYS A C   1 
ATOM   457  O  O   . LYS A 1 56  ? 6.568   16.815  5.528   1.00 24.23 ? 56  LYS A O   1 
ATOM   458  C  CB  . LYS A 1 56  ? 8.863   16.189  3.437   1.00 25.30 ? 56  LYS A CB  1 
ATOM   459  C  CG  . LYS A 1 56  ? 9.553   14.875  3.197   1.00 28.04 ? 56  LYS A CG  1 
ATOM   460  C  CD  . LYS A 1 56  ? 11.045  15.112  3.046   1.00 32.46 ? 56  LYS A CD  1 
ATOM   461  C  CE  . LYS A 1 56  ? 11.321  16.105  1.916   1.00 34.31 ? 56  LYS A CE  1 
ATOM   462  N  NZ  . LYS A 1 56  ? 12.753  16.557  1.801   1.00 35.64 ? 56  LYS A NZ  1 
ATOM   463  N  N   . ALA A 1 57  ? 6.550   18.359  3.895   1.00 23.30 ? 57  ALA A N   1 
ATOM   464  C  CA  . ALA A 1 57  ? 6.026   19.418  4.747   1.00 23.89 ? 57  ALA A CA  1 
ATOM   465  C  C   . ALA A 1 57  ? 4.538   19.304  5.027   1.00 24.02 ? 57  ALA A C   1 
ATOM   466  O  O   . ALA A 1 57  ? 4.053   19.884  6.001   1.00 24.72 ? 57  ALA A O   1 
ATOM   467  C  CB  . ALA A 1 57  ? 6.320   20.773  4.135   1.00 24.14 ? 57  ALA A CB  1 
ATOM   468  N  N   . SER A 1 58  ? 3.814   18.586  4.166   1.00 24.04 ? 58  SER A N   1 
ATOM   469  C  CA  . SER A 1 58  ? 2.365   18.434  4.307   1.00 22.78 ? 58  SER A CA  1 
ATOM   470  C  C   . SER A 1 58  ? 1.924   17.621  5.507   1.00 23.97 ? 58  SER A C   1 
ATOM   471  O  O   . SER A 1 58  ? 2.193   16.428  5.600   1.00 23.49 ? 58  SER A O   1 
ATOM   472  C  CB  . SER A 1 58  ? 1.754   17.834  3.041   1.00 21.88 ? 58  SER A CB  1 
ATOM   473  O  OG  . SER A 1 58  ? 0.342   17.708  3.181   1.00 21.36 ? 58  SER A OG  1 
ATOM   474  N  N   . GLU A 1 59  ? 1.202   18.264  6.412   1.00 26.00 ? 59  GLU A N   1 
ATOM   475  C  CA  . GLU A 1 59  ? 0.709   17.577  7.589   1.00 27.18 ? 59  GLU A CA  1 
ATOM   476  C  C   . GLU A 1 59  ? -0.406  16.639  7.164   1.00 25.19 ? 59  GLU A C   1 
ATOM   477  O  O   . GLU A 1 59  ? -0.534  15.538  7.693   1.00 24.77 ? 59  GLU A O   1 
ATOM   478  C  CB  . GLU A 1 59  ? 0.188   18.577  8.636   1.00 32.58 ? 59  GLU A CB  1 
ATOM   479  C  CG  . GLU A 1 59  ? -0.391  17.902  9.902   1.00 39.59 ? 59  GLU A CG  1 
ATOM   480  C  CD  . GLU A 1 59  ? -0.897  18.892  10.949  1.00 43.83 ? 59  GLU A CD  1 
ATOM   481  O  OE1 . GLU A 1 59  ? -1.581  19.887  10.579  1.00 45.36 ? 59  GLU A OE1 1 
ATOM   482  O  OE2 . GLU A 1 59  ? -0.619  18.659  12.159  1.00 46.78 ? 59  GLU A OE2 1 
ATOM   483  N  N   . ASP A 1 60  ? -1.194  17.068  6.183   1.00 25.00 ? 60  ASP A N   1 
ATOM   484  C  CA  . ASP A 1 60  ? -2.314  16.261  5.698   1.00 24.01 ? 60  ASP A CA  1 
ATOM   485  C  C   . ASP A 1 60  ? -1.822  14.996  5.012   1.00 21.43 ? 60  ASP A C   1 
ATOM   486  O  O   . ASP A 1 60  ? -2.425  13.934  5.158   1.00 21.61 ? 60  ASP A O   1 
ATOM   487  C  CB  . ASP A 1 60  ? -3.213  17.075  4.759   1.00 28.29 ? 60  ASP A CB  1 
ATOM   488  C  CG  . ASP A 1 60  ? -4.001  18.178  5.482   1.00 33.45 ? 60  ASP A CG  1 
ATOM   489  O  OD1 . ASP A 1 60  ? -4.357  18.023  6.680   1.00 35.31 ? 60  ASP A OD1 1 
ATOM   490  O  OD2 . ASP A 1 60  ? -4.282  19.210  4.832   1.00 36.97 ? 60  ASP A OD2 1 
ATOM   491  N  N   . LEU A 1 61  ? -0.734  15.108  4.258   1.00 19.71 ? 61  LEU A N   1 
ATOM   492  C  CA  . LEU A 1 61  ? -0.165  13.946  3.587   1.00 18.29 ? 61  LEU A CA  1 
ATOM   493  C  C   . LEU A 1 61  ? 0.378   12.962  4.637   1.00 17.49 ? 61  LEU A C   1 
ATOM   494  O  O   . LEU A 1 61  ? 0.225   11.754  4.503   1.00 17.45 ? 61  LEU A O   1 
ATOM   495  C  CB  . LEU A 1 61  ? 0.935   14.381  2.613   1.00 19.84 ? 61  LEU A CB  1 
ATOM   496  C  CG  . LEU A 1 61  ? 1.459   13.371  1.584   1.00 20.22 ? 61  LEU A CG  1 
ATOM   497  C  CD1 . LEU A 1 61  ? 1.959   14.096  0.356   1.00 22.23 ? 61  LEU A CD1 1 
ATOM   498  C  CD2 . LEU A 1 61  ? 2.577   12.549  2.171   1.00 22.95 ? 61  LEU A CD2 1 
ATOM   499  N  N   . LYS A 1 62  ? 0.982   13.480  5.700   1.00 17.37 ? 62  LYS A N   1 
ATOM   500  C  CA  . LYS A 1 62  ? 1.514   12.619  6.745   1.00 18.56 ? 62  LYS A CA  1 
ATOM   501  C  C   . LYS A 1 62  ? 0.365   11.878  7.424   1.00 19.03 ? 62  LYS A C   1 
ATOM   502  O  O   . LYS A 1 62  ? 0.457   10.672  7.687   1.00 19.82 ? 62  LYS A O   1 
ATOM   503  C  CB  . LYS A 1 62  ? 2.322   13.437  7.757   1.00 19.96 ? 62  LYS A CB  1 
ATOM   504  C  CG  . LYS A 1 62  ? 3.125   12.595  8.728   1.00 21.45 ? 62  LYS A CG  1 
ATOM   505  C  CD  . LYS A 1 62  ? 3.822   13.477  9.742   1.00 24.20 ? 62  LYS A CD  1 
ATOM   506  C  CE  . LYS A 1 62  ? 4.470   12.643  10.828  1.00 26.30 ? 62  LYS A CE  1 
ATOM   507  N  NZ  . LYS A 1 62  ? 5.207   13.466  11.827  1.00 28.79 ? 62  LYS A NZ  1 
ATOM   508  N  N   . LYS A 1 63  ? -0.727  12.588  7.692   1.00 19.40 ? 63  LYS A N   1 
ATOM   509  C  CA  . LYS A 1 63  ? -1.890  11.963  8.312   1.00 20.18 ? 63  LYS A CA  1 
ATOM   510  C  C   . LYS A 1 63  ? -2.452  10.886  7.377   1.00 17.81 ? 63  LYS A C   1 
ATOM   511  O  O   . LYS A 1 63  ? -2.806  9.797   7.815   1.00 18.78 ? 63  LYS A O   1 
ATOM   512  C  CB  . LYS A 1 63  ? -2.983  12.998  8.611   1.00 24.03 ? 63  LYS A CB  1 
ATOM   513  C  CG  . LYS A 1 63  ? -2.745  13.861  9.842   1.00 30.83 ? 63  LYS A CG  1 
ATOM   514  C  CD  . LYS A 1 63  ? -3.838  14.947  9.976   1.00 35.32 ? 63  LYS A CD  1 
ATOM   515  C  CE  . LYS A 1 63  ? -3.601  15.883  11.177  1.00 37.98 ? 63  LYS A CE  1 
ATOM   516  N  NZ  . LYS A 1 63  ? -3.786  15.175  12.494  1.00 40.64 ? 63  LYS A NZ  1 
ATOM   517  N  N   . HIS A 1 64  ? -2.508  11.188  6.085   1.00 17.53 ? 64  HIS A N   1 
ATOM   518  C  CA  . HIS A 1 64  ? -3.025  10.234  5.106   1.00 15.94 ? 64  HIS A CA  1 
ATOM   519  C  C   . HIS A 1 64  ? -2.197  8.960   5.058   1.00 14.88 ? 64  HIS A C   1 
ATOM   520  O  O   . HIS A 1 64  ? -2.748  7.863   5.011   1.00 15.30 ? 64  HIS A O   1 
ATOM   521  C  CB  . HIS A 1 64  ? -3.089  10.853  3.711   1.00 17.01 ? 64  HIS A CB  1 
ATOM   522  C  CG  . HIS A 1 64  ? -3.715  9.952   2.695   1.00 17.34 ? 64  HIS A CG  1 
ATOM   523  N  ND1 . HIS A 1 64  ? -5.020  9.508   2.760   1.00 18.26 ? 64  HIS A ND1 1 
ATOM   524  C  CD2 . HIS A 1 64  ? -3.180  9.358   1.598   1.00 16.08 ? 64  HIS A CD2 1 
ATOM   525  C  CE1 . HIS A 1 64  ? -5.217  8.681   1.733   1.00 16.14 ? 64  HIS A CE1 1 
ATOM   526  N  NE2 . HIS A 1 64  ? -4.125  8.565   1.005   1.00 17.53 ? 64  HIS A NE2 1 
ATOM   527  N  N   . GLY A 1 65  ? -0.878  9.116   5.070   1.00 13.73 ? 65  GLY A N   1 
ATOM   528  C  CA  . GLY A 1 65  ? 0.017   7.974   5.048   1.00 13.30 ? 65  GLY A CA  1 
ATOM   529  C  C   . GLY A 1 65  ? -0.222  7.056   6.227   1.00 13.71 ? 65  GLY A C   1 
ATOM   530  O  O   . GLY A 1 65  ? -0.108  5.834   6.104   1.00 13.41 ? 65  GLY A O   1 
ATOM   531  N  N   . VAL A 1 66  ? -0.568  7.636   7.374   1.00 14.16 ? 66  VAL A N   1 
ATOM   532  C  CA  . VAL A 1 66  ? -0.833  6.838   8.563   1.00 14.67 ? 66  VAL A CA  1 
ATOM   533  C  C   . VAL A 1 66  ? -2.118  6.042   8.341   1.00 14.31 ? 66  VAL A C   1 
ATOM   534  O  O   . VAL A 1 66  ? -2.176  4.853   8.624   1.00 15.01 ? 66  VAL A O   1 
ATOM   535  C  CB  . VAL A 1 66  ? -0.942  7.712   9.846   1.00 14.91 ? 66  VAL A CB  1 
ATOM   536  C  CG1 . VAL A 1 66  ? -1.398  6.865   11.013  1.00 13.24 ? 66  VAL A CG1 1 
ATOM   537  C  CG2 . VAL A 1 66  ? 0.411   8.357   10.172  1.00 12.80 ? 66  VAL A CG2 1 
ATOM   538  N  N   . THR A 1 67  ? -3.126  6.697   7.786   1.00 13.63 ? 67  THR A N   1 
ATOM   539  C  CA  . THR A 1 67  ? -4.406  6.062   7.517   1.00 14.69 ? 67  THR A CA  1 
ATOM   540  C  C   . THR A 1 67  ? -4.253  4.893   6.537   1.00 13.64 ? 67  THR A C   1 
ATOM   541  O  O   . THR A 1 67  ? -4.837  3.824   6.728   1.00 13.39 ? 67  THR A O   1 
ATOM   542  C  CB  . THR A 1 67  ? -5.397  7.094   6.940   1.00 16.98 ? 67  THR A CB  1 
ATOM   543  O  OG1 . THR A 1 67  ? -5.558  8.171   7.875   1.00 17.92 ? 67  THR A OG1 1 
ATOM   544  C  CG2 . THR A 1 67  ? -6.750  6.453   6.665   1.00 16.87 ? 67  THR A CG2 1 
ATOM   545  N  N   . VAL A 1 68  ? -3.435  5.087   5.509   1.00 13.55 ? 68  VAL A N   1 
ATOM   546  C  CA  . VAL A 1 68  ? -3.224  4.048   4.509   1.00 13.23 ? 68  VAL A CA  1 
ATOM   547  C  C   . VAL A 1 68  ? -2.506  2.851   5.105   1.00 13.10 ? 68  VAL A C   1 
ATOM   548  O  O   . VAL A 1 68  ? -2.998  1.728   5.023   1.00 13.02 ? 68  VAL A O   1 
ATOM   549  C  CB  . VAL A 1 68  ? -2.444  4.579   3.271   1.00 13.98 ? 68  VAL A CB  1 
ATOM   550  C  CG1 . VAL A 1 68  ? -2.276  3.479   2.225   1.00 11.39 ? 68  VAL A CG1 1 
ATOM   551  C  CG2 . VAL A 1 68  ? -3.189  5.745   2.666   1.00 14.39 ? 68  VAL A CG2 1 
ATOM   552  N  N   . LEU A 1 69  ? -1.374  3.089   5.755   1.00 14.00 ? 69  LEU A N   1 
ATOM   553  C  CA  . LEU A 1 69  ? -0.616  1.986   6.336   1.00 14.50 ? 69  LEU A CA  1 
ATOM   554  C  C   . LEU A 1 69  ? -1.361  1.289   7.465   1.00 14.17 ? 69  LEU A C   1 
ATOM   555  O  O   . LEU A 1 69  ? -1.227  0.084   7.634   1.00 16.24 ? 69  LEU A O   1 
ATOM   556  C  CB  . LEU A 1 69  ? 0.783   2.431   6.779   1.00 13.92 ? 69  LEU A CB  1 
ATOM   557  C  CG  . LEU A 1 69  ? 1.788   2.865   5.699   1.00 15.95 ? 69  LEU A CG  1 
ATOM   558  C  CD1 . LEU A 1 69  ? 3.183   2.869   6.294   1.00 14.63 ? 69  LEU A CD1 1 
ATOM   559  C  CD2 . LEU A 1 69  ? 1.755   1.932   4.517   1.00 16.26 ? 69  LEU A CD2 1 
ATOM   560  N  N   . THR A 1 70  ? -2.168  2.027   8.214   1.00 13.89 ? 70  THR A N   1 
ATOM   561  C  CA  . THR A 1 70  ? -2.940  1.431   9.293   1.00 13.75 ? 70  THR A CA  1 
ATOM   562  C  C   . THR A 1 70  ? -3.929  0.424   8.694   1.00 13.88 ? 70  THR A C   1 
ATOM   563  O  O   . THR A 1 70  ? -4.076  -0.688  9.197   1.00 14.05 ? 70  THR A O   1 
ATOM   564  C  CB  . THR A 1 70  ? -3.682  2.516   10.110  1.00 14.26 ? 70  THR A CB  1 
ATOM   565  O  OG1 . THR A 1 70  ? -2.725  3.411   10.690  1.00 16.37 ? 70  THR A OG1 1 
ATOM   566  C  CG2 . THR A 1 70  ? -4.503  1.896   11.224  1.00 15.73 ? 70  THR A CG2 1 
ATOM   567  N  N   . ALA A 1 71  ? -4.568  0.805   7.593   1.00 13.36 ? 71  ALA A N   1 
ATOM   568  C  CA  . ALA A 1 71  ? -5.523  -0.066  6.913   1.00 12.48 ? 71  ALA A CA  1 
ATOM   569  C  C   . ALA A 1 71  ? -4.828  -1.290  6.315   1.00 13.04 ? 71  ALA A C   1 
ATOM   570  O  O   . ALA A 1 71  ? -5.303  -2.415  6.457   1.00 12.56 ? 71  ALA A O   1 
ATOM   571  C  CB  . ALA A 1 71  ? -6.238  0.702   5.827   1.00 13.11 ? 71  ALA A CB  1 
ATOM   572  N  N   . LEU A 1 72  ? -3.695  -1.065  5.657   1.00 13.40 ? 72  LEU A N   1 
ATOM   573  C  CA  . LEU A 1 72  ? -2.929  -2.147  5.042   1.00 14.11 ? 72  LEU A CA  1 
ATOM   574  C  C   . LEU A 1 72  ? -2.404  -3.143  6.079   1.00 12.80 ? 72  LEU A C   1 
ATOM   575  O  O   . LEU A 1 72  ? -2.448  -4.344  5.867   1.00 14.54 ? 72  LEU A O   1 
ATOM   576  C  CB  . LEU A 1 72  ? -1.776  -1.576  4.204   1.00 14.42 ? 72  LEU A CB  1 
ATOM   577  C  CG  . LEU A 1 72  ? -0.909  -2.590  3.454   1.00 15.57 ? 72  LEU A CG  1 
ATOM   578  C  CD1 . LEU A 1 72  ? -1.776  -3.462  2.551   1.00 16.75 ? 72  LEU A CD1 1 
ATOM   579  C  CD2 . LEU A 1 72  ? 0.165   -1.868  2.661   1.00 14.56 ? 72  LEU A CD2 1 
ATOM   580  N  N   . GLY A 1 73  ? -1.938  -2.640  7.214   1.00 14.21 ? 73  GLY A N   1 
ATOM   581  C  CA  . GLY A 1 73  ? -1.430  -3.511  8.260   1.00 14.16 ? 73  GLY A CA  1 
ATOM   582  C  C   . GLY A 1 73  ? -2.519  -4.391  8.828   1.00 15.72 ? 73  GLY A C   1 
ATOM   583  O  O   . GLY A 1 73  ? -2.298  -5.572  9.077   1.00 15.45 ? 73  GLY A O   1 
ATOM   584  N  N   . ALA A 1 74  ? -3.700  -3.813  9.030   1.00 15.69 ? 74  ALA A N   1 
ATOM   585  C  CA  . ALA A 1 74  ? -4.848  -4.546  9.551   1.00 15.21 ? 74  ALA A CA  1 
ATOM   586  C  C   . ALA A 1 74  ? -5.234  -5.673  8.587   1.00 16.40 ? 74  ALA A C   1 
ATOM   587  O  O   . ALA A 1 74  ? -5.698  -6.722  9.005   1.00 18.82 ? 74  ALA A O   1 
ATOM   588  C  CB  . ALA A 1 74  ? -6.021  -3.601  9.745   1.00 15.37 ? 74  ALA A CB  1 
ATOM   589  N  N   . ILE A 1 75  ? -5.057  -5.432  7.292   1.00 16.85 ? 75  ILE A N   1 
ATOM   590  C  CA  . ILE A 1 75  ? -5.359  -6.423  6.259   1.00 15.67 ? 75  ILE A CA  1 
ATOM   591  C  C   . ILE A 1 75  ? -4.328  -7.553  6.300   1.00 15.31 ? 75  ILE A C   1 
ATOM   592  O  O   . ILE A 1 75  ? -4.685  -8.729  6.334   1.00 15.23 ? 75  ILE A O   1 
ATOM   593  C  CB  . ILE A 1 75  ? -5.391  -5.761  4.840   1.00 15.02 ? 75  ILE A CB  1 
ATOM   594  C  CG1 . ILE A 1 75  ? -6.703  -4.993  4.646   1.00 15.80 ? 75  ILE A CG1 1 
ATOM   595  C  CG2 . ILE A 1 75  ? -5.224  -6.798  3.744   1.00 14.54 ? 75  ILE A CG2 1 
ATOM   596  C  CD1 . ILE A 1 75  ? -6.737  -4.115  3.403   1.00 16.07 ? 75  ILE A CD1 1 
ATOM   597  N  N   . LEU A 1 76  ? -3.050  -7.183  6.306   1.00 15.42 ? 76  LEU A N   1 
ATOM   598  C  CA  . LEU A 1 76  ? -1.959  -8.154  6.351   1.00 15.17 ? 76  LEU A CA  1 
ATOM   599  C  C   . LEU A 1 76  ? -2.029  -9.036  7.590   1.00 15.40 ? 76  LEU A C   1 
ATOM   600  O  O   . LEU A 1 76  ? -1.743  -10.230 7.522   1.00 15.79 ? 76  LEU A O   1 
ATOM   601  C  CB  . LEU A 1 76  ? -0.604  -7.449  6.302   1.00 14.49 ? 76  LEU A CB  1 
ATOM   602  C  CG  . LEU A 1 76  ? -0.241  -6.729  5.006   1.00 15.16 ? 76  LEU A CG  1 
ATOM   603  C  CD1 . LEU A 1 76  ? 1.113   -6.048  5.149   1.00 14.96 ? 76  LEU A CD1 1 
ATOM   604  C  CD2 . LEU A 1 76  ? -0.207  -7.707  3.856   1.00 15.40 ? 76  LEU A CD2 1 
ATOM   605  N  N   . LYS A 1 77  ? -2.432  -8.456  8.716   1.00 16.52 ? 77  LYS A N   1 
ATOM   606  C  CA  . LYS A 1 77  ? -2.534  -9.221  9.947   1.00 16.87 ? 77  LYS A CA  1 
ATOM   607  C  C   . LYS A 1 77  ? -3.650  -10.261 9.932   1.00 17.44 ? 77  LYS A C   1 
ATOM   608  O  O   . LYS A 1 77  ? -3.681  -11.148 10.775  1.00 17.73 ? 77  LYS A O   1 
ATOM   609  C  CB  . LYS A 1 77  ? -2.652  -8.299  11.152  1.00 17.74 ? 77  LYS A CB  1 
ATOM   610  C  CG  . LYS A 1 77  ? -1.397  -7.494  11.400  1.00 20.54 ? 77  LYS A CG  1 
ATOM   611  C  CD  . LYS A 1 77  ? -1.440  -6.775  12.729  1.00 24.00 ? 77  LYS A CD  1 
ATOM   612  C  CE  . LYS A 1 77  ? -0.164  -5.976  12.919  1.00 25.97 ? 77  LYS A CE  1 
ATOM   613  N  NZ  . LYS A 1 77  ? -0.003  -5.455  14.307  1.00 29.65 ? 77  LYS A NZ  1 
ATOM   614  N  N   . LYS A 1 78  ? -4.556  -10.172 8.967   1.00 17.56 ? 78  LYS A N   1 
ATOM   615  C  CA  . LYS A 1 78  ? -5.633  -11.147 8.860   1.00 19.84 ? 78  LYS A CA  1 
ATOM   616  C  C   . LYS A 1 78  ? -5.122  -12.405 8.158   1.00 19.12 ? 78  LYS A C   1 
ATOM   617  O  O   . LYS A 1 78  ? -5.849  -13.387 8.013   1.00 19.14 ? 78  LYS A O   1 
ATOM   618  C  CB  . LYS A 1 78  ? -6.829  -10.563 8.094   1.00 20.65 ? 78  LYS A CB  1 
ATOM   619  C  CG  . LYS A 1 78  ? -7.479  -9.327  8.736   1.00 23.78 ? 78  LYS A CG  1 
ATOM   620  C  CD  . LYS A 1 78  ? -7.900  -9.553  10.200  1.00 25.88 ? 78  LYS A CD  1 
ATOM   621  C  CE  . LYS A 1 78  ? -9.055  -10.538 10.366  1.00 27.07 ? 78  LYS A CE  1 
ATOM   622  N  NZ  . LYS A 1 78  ? -10.385 -9.883  10.182  1.00 30.35 ? 78  LYS A NZ  1 
ATOM   623  N  N   . LYS A 1 79  ? -3.887  -12.346 7.669   1.00 18.93 ? 79  LYS A N   1 
ATOM   624  C  CA  . LYS A 1 79  ? -3.269  -13.479 6.988   1.00 19.28 ? 79  LYS A CA  1 
ATOM   625  C  C   . LYS A 1 79  ? -4.160  -14.110 5.921   1.00 19.76 ? 79  LYS A C   1 
ATOM   626  O  O   . LYS A 1 79  ? -4.323  -15.332 5.877   1.00 20.36 ? 79  LYS A O   1 
ATOM   627  C  CB  . LYS A 1 79  ? -2.868  -14.559 7.991   1.00 20.12 ? 79  LYS A CB  1 
ATOM   628  C  CG  . LYS A 1 79  ? -1.757  -14.199 8.942   1.00 20.14 ? 79  LYS A CG  1 
ATOM   629  C  CD  . LYS A 1 79  ? -1.515  -15.393 9.833   1.00 22.35 ? 79  LYS A CD  1 
ATOM   630  C  CE  . LYS A 1 79  ? -0.349  -15.183 10.756  1.00 25.24 ? 79  LYS A CE  1 
ATOM   631  N  NZ  . LYS A 1 79  ? -0.196  -16.388 11.602  1.00 27.29 ? 79  LYS A NZ  1 
ATOM   632  N  N   . GLY A 1 80  ? -4.762  -13.281 5.080   1.00 19.51 ? 80  GLY A N   1 
ATOM   633  C  CA  . GLY A 1 80  ? -5.601  -13.813 4.030   1.00 19.87 ? 80  GLY A CA  1 
ATOM   634  C  C   . GLY A 1 80  ? -7.080  -13.836 4.337   1.00 19.61 ? 80  GLY A C   1 
ATOM   635  O  O   . GLY A 1 80  ? -7.892  -13.922 3.420   1.00 21.13 ? 80  GLY A O   1 
ATOM   636  N  N   . HIS A 1 81  ? -7.456  -13.789 5.605   1.00 18.66 ? 81  HIS A N   1 
ATOM   637  C  CA  . HIS A 1 81  ? -8.870  -13.779 5.945   1.00 18.48 ? 81  HIS A CA  1 
ATOM   638  C  C   . HIS A 1 81  ? -9.287  -12.315 6.037   1.00 17.33 ? 81  HIS A C   1 
ATOM   639  O  O   . HIS A 1 81  ? -9.647  -11.822 7.095   1.00 16.47 ? 81  HIS A O   1 
ATOM   640  C  CB  . HIS A 1 81  ? -9.085  -14.514 7.264   1.00 18.65 ? 81  HIS A CB  1 
ATOM   641  C  CG  . HIS A 1 81  ? -8.610  -15.933 7.238   1.00 20.47 ? 81  HIS A CG  1 
ATOM   642  N  ND1 . HIS A 1 81  ? -9.398  -17.006 6.877   1.00 21.72 ? 81  HIS A ND1 1 
ATOM   643  C  CD2 . HIS A 1 81  ? -7.400  -16.459 7.555   1.00 20.24 ? 81  HIS A CD2 1 
ATOM   644  C  CE1 . HIS A 1 81  ? -8.662  -18.121 6.991   1.00 21.82 ? 81  HIS A CE1 1 
ATOM   645  N  NE2 . HIS A 1 81  ? -7.441  -17.840 7.399   1.00 21.16 ? 81  HIS A NE2 1 
ATOM   646  N  N   . HIS A 1 82  ? -9.287  -11.643 4.893   1.00 17.77 ? 82  HIS A N   1 
ATOM   647  C  CA  . HIS A 1 82  ? -9.591  -10.218 4.834   1.00 18.53 ? 82  HIS A CA  1 
ATOM   648  C  C   . HIS A 1 82  ? -10.787 -9.783  3.982   1.00 19.18 ? 82  HIS A C   1 
ATOM   649  O  O   . HIS A 1 82  ? -10.811 -8.664  3.479   1.00 18.87 ? 82  HIS A O   1 
ATOM   650  C  CB  . HIS A 1 82  ? -8.351  -9.483  4.334   1.00 19.48 ? 82  HIS A CB  1 
ATOM   651  C  CG  . HIS A 1 82  ? -7.830  -10.016 3.035   1.00 20.60 ? 82  HIS A CG  1 
ATOM   652  N  ND1 . HIS A 1 82  ? -6.493  -10.118 2.720   1.00 21.29 ? 82  HIS A ND1 1 
ATOM   653  C  CD2 . HIS A 1 82  ? -8.495  -10.518 1.964   1.00 20.18 ? 82  HIS A CD2 1 
ATOM   654  C  CE1 . HIS A 1 82  ? -6.391  -10.669 1.502   1.00 18.91 ? 82  HIS A CE1 1 
ATOM   655  N  NE2 . HIS A 1 82  ? -7.582  -10.929 1.006   1.00 20.06 ? 82  HIS A NE2 1 
ATOM   656  N  N   . GLU A 1 83  ? -11.787 -10.639 3.834   1.00 22.01 ? 83  GLU A N   1 
ATOM   657  C  CA  . GLU A 1 83  ? -12.955 -10.283 3.036   1.00 24.13 ? 83  GLU A CA  1 
ATOM   658  C  C   . GLU A 1 83  ? -13.700 -9.053  3.552   1.00 24.13 ? 83  GLU A C   1 
ATOM   659  O  O   . GLU A 1 83  ? -14.028 -8.150  2.782   1.00 23.96 ? 83  GLU A O   1 
ATOM   660  C  CB  . GLU A 1 83  ? -13.919 -11.466 2.939   1.00 28.64 ? 83  GLU A CB  1 
ATOM   661  C  CG  . GLU A 1 83  ? -15.271 -11.148 2.277   1.00 36.94 ? 83  GLU A CG  1 
ATOM   662  C  CD  . GLU A 1 83  ? -15.152 -10.722 0.819   1.00 40.10 ? 83  GLU A CD  1 
ATOM   663  O  OE1 . GLU A 1 83  ? -14.769 -9.550  0.567   1.00 42.92 ? 83  GLU A OE1 1 
ATOM   664  O  OE2 . GLU A 1 83  ? -15.464 -11.550 -0.080  1.00 43.23 ? 83  GLU A OE2 1 
ATOM   665  N  N   . ALA A 1 84  ? -13.953 -9.004  4.856   1.00 23.66 ? 84  ALA A N   1 
ATOM   666  C  CA  . ALA A 1 84  ? -14.674 -7.883  5.453   1.00 22.98 ? 84  ALA A CA  1 
ATOM   667  C  C   . ALA A 1 84  ? -13.903 -6.568  5.362   1.00 22.85 ? 84  ALA A C   1 
ATOM   668  O  O   . ALA A 1 84  ? -14.504 -5.504  5.201   1.00 22.32 ? 84  ALA A O   1 
ATOM   669  C  CB  . ALA A 1 84  ? -15.033 -8.192  6.895   1.00 23.19 ? 84  ALA A CB  1 
ATOM   670  N  N   . GLU A 1 85  ? -12.575 -6.633  5.455   1.00 21.06 ? 85  GLU A N   1 
ATOM   671  C  CA  . GLU A 1 85  ? -11.762 -5.421  5.362   1.00 20.32 ? 85  GLU A CA  1 
ATOM   672  C  C   . GLU A 1 85  ? -11.691 -4.920  3.924   1.00 18.94 ? 85  GLU A C   1 
ATOM   673  O  O   . GLU A 1 85  ? -11.654 -3.718  3.672   1.00 19.31 ? 85  GLU A O   1 
ATOM   674  C  CB  . GLU A 1 85  ? -10.341 -5.645  5.894   1.00 20.75 ? 85  GLU A CB  1 
ATOM   675  C  CG  . GLU A 1 85  ? -10.243 -5.840  7.403   1.00 23.07 ? 85  GLU A CG  1 
ATOM   676  C  CD  . GLU A 1 85  ? -10.670 -7.218  7.846   1.00 24.48 ? 85  GLU A CD  1 
ATOM   677  O  OE1 . GLU A 1 85  ? -10.682 -8.155  7.019   1.00 25.44 ? 85  GLU A OE1 1 
ATOM   678  O  OE2 . GLU A 1 85  ? -10.993 -7.377  9.038   1.00 27.66 ? 85  GLU A OE2 1 
ATOM   679  N  N   . LEU A 1 86  ? -11.675 -5.848  2.980   1.00 18.54 ? 86  LEU A N   1 
ATOM   680  C  CA  . LEU A 1 86  ? -11.602 -5.485  1.579   1.00 19.27 ? 86  LEU A CA  1 
ATOM   681  C  C   . LEU A 1 86  ? -12.837 -4.783  1.008   1.00 18.07 ? 86  LEU A C   1 
ATOM   682  O  O   . LEU A 1 86  ? -12.702 -3.895  0.177   1.00 18.91 ? 86  LEU A O   1 
ATOM   683  C  CB  . LEU A 1 86  ? -11.261 -6.718  0.743   1.00 20.97 ? 86  LEU A CB  1 
ATOM   684  C  CG  . LEU A 1 86  ? -9.822  -6.682  0.206   1.00 23.71 ? 86  LEU A CG  1 
ATOM   685  C  CD1 . LEU A 1 86  ? -8.826  -6.366  1.315   1.00 22.01 ? 86  LEU A CD1 1 
ATOM   686  C  CD2 . LEU A 1 86  ? -9.491  -8.000  -0.474  1.00 22.93 ? 86  LEU A CD2 1 
ATOM   687  N  N   . LYS A 1 87  ? -14.024 -5.144  1.482   1.00 17.07 ? 87  LYS A N   1 
ATOM   688  C  CA  . LYS A 1 87  ? -15.265 -4.559  0.990   1.00 17.60 ? 87  LYS A CA  1 
ATOM   689  C  C   . LYS A 1 87  ? -15.332 -3.034  0.973   1.00 16.23 ? 87  LYS A C   1 
ATOM   690  O  O   . LYS A 1 87  ? -15.450 -2.433  -0.080  1.00 16.89 ? 87  LYS A O   1 
ATOM   691  C  CB  . LYS A 1 87  ? -16.457 -5.124  1.760   1.00 19.54 ? 87  LYS A CB  1 
ATOM   692  C  CG  . LYS A 1 87  ? -16.735 -6.591  1.520   1.00 22.79 ? 87  LYS A CG  1 
ATOM   693  C  CD  . LYS A 1 87  ? -17.956 -7.017  2.336   1.00 26.75 ? 87  LYS A CD  1 
ATOM   694  C  CE  . LYS A 1 87  ? -18.412 -8.430  2.018   1.00 30.64 ? 87  LYS A CE  1 
ATOM   695  N  NZ  . LYS A 1 87  ? -18.732 -8.575  0.566   1.00 36.57 ? 87  LYS A NZ  1 
ATOM   696  N  N   . PRO A 1 88  ? -15.228 -2.386  2.137   1.00 17.68 ? 88  PRO A N   1 
ATOM   697  C  CA  . PRO A 1 88  ? -15.297 -0.923  2.103   1.00 16.19 ? 88  PRO A CA  1 
ATOM   698  C  C   . PRO A 1 88  ? -14.210 -0.321  1.233   1.00 17.87 ? 88  PRO A C   1 
ATOM   699  O  O   . PRO A 1 88  ? -14.429 0.676   0.537   1.00 18.67 ? 88  PRO A O   1 
ATOM   700  C  CB  . PRO A 1 88  ? -15.046 -0.528  3.560   1.00 17.71 ? 88  PRO A CB  1 
ATOM   701  C  CG  . PRO A 1 88  ? -15.342 -1.759  4.339   1.00 18.13 ? 88  PRO A CG  1 
ATOM   702  C  CD  . PRO A 1 88  ? -14.836 -2.848  3.478   1.00 17.39 ? 88  PRO A CD  1 
ATOM   703  N  N   . LEU A 1 89  ? -13.024 -0.916  1.315   1.00 18.53 ? 89  LEU A N   1 
ATOM   704  C  CA  . LEU A 1 89  ? -11.855 -0.452  0.584   1.00 18.12 ? 89  LEU A CA  1 
ATOM   705  C  C   . LEU A 1 89  ? -12.058 -0.532  -0.926  1.00 16.84 ? 89  LEU A C   1 
ATOM   706  O  O   . LEU A 1 89  ? -11.768 0.422   -1.652  1.00 15.39 ? 89  LEU A O   1 
ATOM   707  C  CB  . LEU A 1 89  ? -10.630 -1.257  1.010   1.00 20.57 ? 89  LEU A CB  1 
ATOM   708  C  CG  . LEU A 1 89  ? -9.297  -0.606  0.645   1.00 24.23 ? 89  LEU A CG  1 
ATOM   709  C  CD1 . LEU A 1 89  ? -9.142  0.656   1.495   1.00 25.05 ? 89  LEU A CD1 1 
ATOM   710  C  CD2 . LEU A 1 89  ? -8.134  -1.587  0.868   1.00 24.74 ? 89  LEU A CD2 1 
ATOM   711  N  N   . ALA A 1 90  ? -12.576 -1.663  -1.386  1.00 16.28 ? 90  ALA A N   1 
ATOM   712  C  CA  . ALA A 1 90  ? -12.838 -1.861  -2.806  1.00 16.24 ? 90  ALA A CA  1 
ATOM   713  C  C   . ALA A 1 90  ? -13.905 -0.875  -3.277  1.00 15.75 ? 90  ALA A C   1 
ATOM   714  O  O   . ALA A 1 90  ? -13.758 -0.258  -4.326  1.00 17.61 ? 90  ALA A O   1 
ATOM   715  C  CB  . ALA A 1 90  ? -13.278 -3.290  -3.078  1.00 15.18 ? 90  ALA A CB  1 
ATOM   716  N  N   . GLN A 1 91  ? -14.941 -0.666  -2.475  1.00 16.23 ? 91  GLN A N   1 
ATOM   717  C  CA  . GLN A 1 91  ? -15.999 0.249   -2.874  1.00 15.98 ? 91  GLN A CA  1 
ATOM   718  C  C   . GLN A 1 91  ? -15.563 1.701   -3.032  1.00 16.67 ? 91  GLN A C   1 
ATOM   719  O  O   . GLN A 1 91  ? -15.902 2.336   -4.031  1.00 16.82 ? 91  GLN A O   1 
ATOM   720  C  CB  . GLN A 1 91  ? -17.200 0.156   -1.938  1.00 15.93 ? 91  GLN A CB  1 
ATOM   721  C  CG  . GLN A 1 91  ? -18.272 1.165   -2.296  1.00 17.70 ? 91  GLN A CG  1 
ATOM   722  C  CD  . GLN A 1 91  ? -19.526 1.001   -1.490  1.00 19.62 ? 91  GLN A CD  1 
ATOM   723  O  OE1 . GLN A 1 91  ? -19.493 0.976   -0.259  1.00 19.31 ? 91  GLN A OE1 1 
ATOM   724  N  NE2 . GLN A 1 91  ? -20.654 0.873   -2.184  1.00 16.36 ? 91  GLN A NE2 1 
ATOM   725  N  N   . SER A 1 92  ? -14.824 2.241   -2.067  1.00 16.71 ? 92  SER A N   1 
ATOM   726  C  CA  . SER A 1 92  ? -14.387 3.631   -2.186  1.00 16.63 ? 92  SER A CA  1 
ATOM   727  C  C   . SER A 1 92  ? -13.387 3.850   -3.319  1.00 15.97 ? 92  SER A C   1 
ATOM   728  O  O   . SER A 1 92  ? -13.489 4.829   -4.068  1.00 16.85 ? 92  SER A O   1 
ATOM   729  C  CB  . SER A 1 92  ? -13.818 4.135   -0.863  1.00 17.99 ? 92  SER A CB  1 
ATOM   730  O  OG  . SER A 1 92  ? -12.898 3.207   -0.325  1.00 20.88 ? 92  SER A OG  1 
ATOM   731  N  N   . HIS A 1 93  ? -12.473 2.900   -3.500  1.00 15.01 ? 93  HIS A N   1 
ATOM   732  C  CA  . HIS A 1 93  ? -11.460 3.029   -4.540  1.00 15.90 ? 93  HIS A CA  1 
ATOM   733  C  C   . HIS A 1 93  ? -11.967 2.801   -5.945  1.00 15.65 ? 93  HIS A C   1 
ATOM   734  O  O   . HIS A 1 93  ? -11.503 3.430   -6.883  1.00 16.52 ? 93  HIS A O   1 
ATOM   735  C  CB  . HIS A 1 93  ? -10.237 2.176   -4.219  1.00 15.78 ? 93  HIS A CB  1 
ATOM   736  C  CG  . HIS A 1 93  ? -9.415  2.741   -3.106  1.00 15.87 ? 93  HIS A CG  1 
ATOM   737  N  ND1 . HIS A 1 93  ? -9.817  2.766   -1.792  1.00 15.41 ? 93  HIS A ND1 1 
ATOM   738  C  CD2 . HIS A 1 93  ? -8.226  3.394   -3.138  1.00 14.96 ? 93  HIS A CD2 1 
ATOM   739  C  CE1 . HIS A 1 93  ? -8.893  3.428   -1.090  1.00 15.48 ? 93  HIS A CE1 1 
ATOM   740  N  NE2 . HIS A 1 93  ? -7.905  3.826   -1.864  1.00 16.30 ? 93  HIS A NE2 1 
ATOM   741  N  N   . ALA A 1 94  ? -12.954 1.936   -6.082  1.00 16.54 ? 94  ALA A N   1 
ATOM   742  C  CA  . ALA A 1 94  ? -13.545 1.681   -7.378  1.00 17.67 ? 94  ALA A CA  1 
ATOM   743  C  C   . ALA A 1 94  ? -14.576 2.762   -7.720  1.00 18.34 ? 94  ALA A C   1 
ATOM   744  O  O   . ALA A 1 94  ? -14.400 3.516   -8.668  1.00 20.08 ? 94  ALA A O   1 
ATOM   745  C  CB  . ALA A 1 94  ? -14.205 0.320   -7.388  1.00 16.00 ? 94  ALA A CB  1 
ATOM   746  N  N   . THR A 1 95  ? -15.596 2.892   -6.879  1.00 20.53 ? 95  THR A N   1 
ATOM   747  C  CA  . THR A 1 95  ? -16.693 3.825   -7.117  1.00 21.37 ? 95  THR A CA  1 
ATOM   748  C  C   . THR A 1 95  ? -16.428 5.292   -6.866  1.00 23.14 ? 95  THR A C   1 
ATOM   749  O  O   . THR A 1 95  ? -16.769 6.140   -7.686  1.00 23.65 ? 95  THR A O   1 
ATOM   750  C  CB  . THR A 1 95  ? -17.931 3.444   -6.284  1.00 21.45 ? 95  THR A CB  1 
ATOM   751  O  OG1 . THR A 1 95  ? -18.163 2.038   -6.389  1.00 21.55 ? 95  THR A OG1 1 
ATOM   752  C  CG2 . THR A 1 95  ? -19.161 4.182   -6.789  1.00 20.46 ? 95  THR A CG2 1 
ATOM   753  N  N   . LYS A 1 96  ? -15.864 5.602   -5.713  1.00 24.84 ? 96  LYS A N   1 
ATOM   754  C  CA  . LYS A 1 96  ? -15.620 6.986   -5.385  1.00 26.61 ? 96  LYS A CA  1 
ATOM   755  C  C   . LYS A 1 96  ? -14.376 7.577   -6.052  1.00 27.08 ? 96  LYS A C   1 
ATOM   756  O  O   . LYS A 1 96  ? -14.468 8.605   -6.725  1.00 27.55 ? 96  LYS A O   1 
ATOM   757  C  CB  . LYS A 1 96  ? -15.572 7.160   -3.871  1.00 28.42 ? 96  LYS A CB  1 
ATOM   758  C  CG  . LYS A 1 96  ? -15.677 8.609   -3.414  1.00 34.26 ? 96  LYS A CG  1 
ATOM   759  C  CD  . LYS A 1 96  ? -15.623 8.701   -1.885  1.00 38.44 ? 96  LYS A CD  1 
ATOM   760  C  CE  . LYS A 1 96  ? -15.761 10.145  -1.396  1.00 40.58 ? 96  LYS A CE  1 
ATOM   761  N  NZ  . LYS A 1 96  ? -15.668 10.254  0.105   1.00 43.80 ? 96  LYS A NZ  1 
ATOM   762  N  N   . HIS A 1 97  ? -13.233 6.905   -5.927  1.00 26.91 ? 97  HIS A N   1 
ATOM   763  C  CA  . HIS A 1 97  ? -11.988 7.433   -6.489  1.00 25.03 ? 97  HIS A CA  1 
ATOM   764  C  C   . HIS A 1 97  ? -11.586 6.936   -7.875  1.00 24.71 ? 97  HIS A C   1 
ATOM   765  O  O   . HIS A 1 97  ? -10.790 7.582   -8.548  1.00 24.95 ? 97  HIS A O   1 
ATOM   766  C  CB  . HIS A 1 97  ? -10.856 7.248   -5.475  1.00 24.89 ? 97  HIS A CB  1 
ATOM   767  C  CG  . HIS A 1 97  ? -11.211 7.719   -4.098  1.00 25.64 ? 97  HIS A CG  1 
ATOM   768  N  ND1 . HIS A 1 97  ? -11.548 9.023   -3.788  1.00 26.38 ? 97  HIS A ND1 1 
ATOM   769  C  CD2 . HIS A 1 97  ? -11.350 7.021   -2.942  1.00 26.07 ? 97  HIS A CD2 1 
ATOM   770  C  CE1 . HIS A 1 97  ? -11.882 9.073   -2.486  1.00 26.50 ? 97  HIS A CE1 1 
ATOM   771  N  NE2 . HIS A 1 97  ? -11.778 7.884   -1.924  1.00 26.48 ? 97  HIS A NE2 1 
ATOM   772  N  N   . LYS A 1 98  ? -12.162 5.818   -8.311  1.00 24.92 ? 98  LYS A N   1 
ATOM   773  C  CA  . LYS A 1 98  ? -11.870 5.249   -9.623  1.00 26.00 ? 98  LYS A CA  1 
ATOM   774  C  C   . LYS A 1 98  ? -10.382 4.964   -9.742  1.00 25.33 ? 98  LYS A C   1 
ATOM   775  O  O   . LYS A 1 98  ? -9.683  5.583   -10.542 1.00 26.96 ? 98  LYS A O   1 
ATOM   776  C  CB  . LYS A 1 98  ? -12.304 6.216   -10.739 1.00 31.40 ? 98  LYS A CB  1 
ATOM   777  C  CG  . LYS A 1 98  ? -13.827 6.449   -10.870 1.00 37.45 ? 98  LYS A CG  1 
ATOM   778  C  CD  . LYS A 1 98  ? -14.556 5.164   -11.291 1.00 42.07 ? 98  LYS A CD  1 
ATOM   779  C  CE  . LYS A 1 98  ? -16.062 5.376   -11.471 1.00 44.57 ? 98  LYS A CE  1 
ATOM   780  N  NZ  . LYS A 1 98  ? -16.360 6.210   -12.687 1.00 47.33 ? 98  LYS A NZ  1 
ATOM   781  N  N   . ILE A 1 99  ? -9.899  4.019   -8.952  1.00 23.17 ? 99  ILE A N   1 
ATOM   782  C  CA  . ILE A 1 99  ? -8.491  3.668   -8.949  1.00 21.70 ? 99  ILE A CA  1 
ATOM   783  C  C   . ILE A 1 99  ? -8.246  2.368   -9.696  1.00 21.81 ? 99  ILE A C   1 
ATOM   784  O  O   . ILE A 1 99  ? -8.570  1.275   -9.217  1.00 22.99 ? 99  ILE A O   1 
ATOM   785  C  CB  . ILE A 1 99  ? -7.940  3.559   -7.511  1.00 19.22 ? 99  ILE A CB  1 
ATOM   786  C  CG1 . ILE A 1 99  ? -8.153  4.879   -6.761  1.00 18.26 ? 99  ILE A CG1 1 
ATOM   787  C  CG2 . ILE A 1 99  ? -6.480  3.171   -7.530  1.00 18.41 ? 99  ILE A CG2 1 
ATOM   788  C  CD1 . ILE A 1 99  ? -7.588  6.102   -7.451  1.00 16.42 ? 99  ILE A CD1 1 
ATOM   789  N  N   . PRO A 1 100 ? -7.675  2.473   -10.896 1.00 22.92 ? 100 PRO A N   1 
ATOM   790  C  CA  . PRO A 1 100 ? -7.432  1.231   -11.625 1.00 23.11 ? 100 PRO A CA  1 
ATOM   791  C  C   . PRO A 1 100 ? -6.450  0.338   -10.890 1.00 23.58 ? 100 PRO A C   1 
ATOM   792  O  O   . PRO A 1 100 ? -5.566  0.814   -10.184 1.00 24.18 ? 100 PRO A O   1 
ATOM   793  C  CB  . PRO A 1 100 ? -6.842  1.726   -12.946 1.00 22.76 ? 100 PRO A CB  1 
ATOM   794  C  CG  . PRO A 1 100 ? -6.114  2.968   -12.532 1.00 22.89 ? 100 PRO A CG  1 
ATOM   795  C  CD  . PRO A 1 100 ? -7.105  3.626   -11.614 1.00 23.30 ? 100 PRO A CD  1 
ATOM   796  N  N   . ILE A 1 101 ? -6.594  -0.962  -11.086 1.00 25.36 ? 101 ILE A N   1 
ATOM   797  C  CA  . ILE A 1 101 ? -5.714  -1.959  -10.484 1.00 26.31 ? 101 ILE A CA  1 
ATOM   798  C  C   . ILE A 1 101 ? -4.242  -1.603  -10.736 1.00 26.86 ? 101 ILE A C   1 
ATOM   799  O  O   . ILE A 1 101 ? -3.385  -1.799  -9.875  1.00 26.35 ? 101 ILE A O   1 
ATOM   800  C  CB  . ILE A 1 101 ? -6.027  -3.348  -11.073 1.00 26.48 ? 101 ILE A CB  1 
ATOM   801  C  CG1 . ILE A 1 101 ? -7.397  -3.825  -10.578 1.00 28.30 ? 101 ILE A CG1 1 
ATOM   802  C  CG2 . ILE A 1 101 ? -4.943  -4.338  -10.731 1.00 28.68 ? 101 ILE A CG2 1 
ATOM   803  C  CD1 . ILE A 1 101 ? -7.523  -3.895  -9.060  1.00 29.72 ? 101 ILE A CD1 1 
ATOM   804  N  N   . LYS A 1 102 ? -3.974  -1.051  -11.917 1.00 26.23 ? 102 LYS A N   1 
ATOM   805  C  CA  . LYS A 1 102 ? -2.636  -0.634  -12.313 1.00 25.39 ? 102 LYS A CA  1 
ATOM   806  C  C   . LYS A 1 102 ? -1.985  0.250   -11.251 1.00 23.38 ? 102 LYS A C   1 
ATOM   807  O  O   . LYS A 1 102 ? -0.796  0.096   -10.971 1.00 23.38 ? 102 LYS A O   1 
ATOM   808  C  CB  . LYS A 1 102 ? -2.708  0.131   -13.631 1.00 29.32 ? 102 LYS A CB  1 
ATOM   809  C  CG  . LYS A 1 102 ? -1.366  0.431   -14.266 1.00 34.98 ? 102 LYS A CG  1 
ATOM   810  C  CD  . LYS A 1 102 ? -0.609  -0.864  -14.626 1.00 39.00 ? 102 LYS A CD  1 
ATOM   811  C  CE  . LYS A 1 102 ? 0.715   -0.540  -15.353 1.00 41.58 ? 102 LYS A CE  1 
ATOM   812  N  NZ  . LYS A 1 102 ? 1.534   -1.756  -15.704 1.00 43.56 ? 102 LYS A NZ  1 
ATOM   813  N  N   . TYR A 1 103 ? -2.756  1.158   -10.651 1.00 20.62 ? 103 TYR A N   1 
ATOM   814  C  CA  . TYR A 1 103 ? -2.224  2.052   -9.615  1.00 18.85 ? 103 TYR A CA  1 
ATOM   815  C  C   . TYR A 1 103 ? -1.921  1.298   -8.319  1.00 17.28 ? 103 TYR A C   1 
ATOM   816  O  O   . TYR A 1 103 ? -1.054  1.699   -7.541  1.00 17.63 ? 103 TYR A O   1 
ATOM   817  C  CB  . TYR A 1 103 ? -3.186  3.206   -9.335  1.00 18.92 ? 103 TYR A CB  1 
ATOM   818  C  CG  . TYR A 1 103 ? -3.294  4.232   -10.440 1.00 20.70 ? 103 TYR A CG  1 
ATOM   819  C  CD1 . TYR A 1 103 ? -2.746  4.003   -11.702 1.00 21.79 ? 103 TYR A CD1 1 
ATOM   820  C  CD2 . TYR A 1 103 ? -3.945  5.444   -10.222 1.00 20.85 ? 103 TYR A CD2 1 
ATOM   821  C  CE1 . TYR A 1 103 ? -2.842  4.957   -12.716 1.00 22.34 ? 103 TYR A CE1 1 
ATOM   822  C  CE2 . TYR A 1 103 ? -4.045  6.401   -11.226 1.00 21.47 ? 103 TYR A CE2 1 
ATOM   823  C  CZ  . TYR A 1 103 ? -3.493  6.153   -12.467 1.00 22.48 ? 103 TYR A CZ  1 
ATOM   824  O  OH  . TYR A 1 103 ? -3.584  7.111   -13.455 1.00 24.79 ? 103 TYR A OH  1 
ATOM   825  N  N   . LEU A 1 104 ? -2.647  0.211   -8.079  1.00 16.73 ? 104 LEU A N   1 
ATOM   826  C  CA  . LEU A 1 104 ? -2.415  -0.603  -6.900  1.00 17.31 ? 104 LEU A CA  1 
ATOM   827  C  C   . LEU A 1 104 ? -1.108  -1.366  -7.075  1.00 17.57 ? 104 LEU A C   1 
ATOM   828  O  O   . LEU A 1 104 ? -0.463  -1.717  -6.098  1.00 18.33 ? 104 LEU A O   1 
ATOM   829  C  CB  . LEU A 1 104 ? -3.569  -1.569  -6.668  1.00 18.29 ? 104 LEU A CB  1 
ATOM   830  C  CG  . LEU A 1 104 ? -4.885  -0.896  -6.270  1.00 17.45 ? 104 LEU A CG  1 
ATOM   831  C  CD1 . LEU A 1 104 ? -5.941  -1.944  -6.084  1.00 19.70 ? 104 LEU A CD1 1 
ATOM   832  C  CD2 . LEU A 1 104 ? -4.700  -0.105  -4.992  1.00 18.93 ? 104 LEU A CD2 1 
ATOM   833  N  N   . GLU A 1 105 ? -0.729  -1.632  -8.323  1.00 17.59 ? 105 GLU A N   1 
ATOM   834  C  CA  . GLU A 1 105 ? 0.522   -2.317  -8.610  1.00 18.00 ? 105 GLU A CA  1 
ATOM   835  C  C   . GLU A 1 105 ? 1.652   -1.336  -8.384  1.00 16.69 ? 105 GLU A C   1 
ATOM   836  O  O   . GLU A 1 105 ? 2.699   -1.709  -7.873  1.00 15.97 ? 105 GLU A O   1 
ATOM   837  C  CB  . GLU A 1 105 ? 0.555   -2.812  -10.050 1.00 21.84 ? 105 GLU A CB  1 
ATOM   838  C  CG  . GLU A 1 105 ? -0.376  -3.984  -10.326 1.00 25.87 ? 105 GLU A CG  1 
ATOM   839  C  CD  . GLU A 1 105 ? -0.301  -4.457  -11.773 1.00 28.98 ? 105 GLU A CD  1 
ATOM   840  O  OE1 . GLU A 1 105 ? 0.677   -4.126  -12.470 1.00 30.13 ? 105 GLU A OE1 1 
ATOM   841  O  OE2 . GLU A 1 105 ? -1.228  -5.164  -12.221 1.00 31.66 ? 105 GLU A OE2 1 
ATOM   842  N  N   . PHE A 1 106 ? 1.429   -0.077  -8.756  1.00 15.25 ? 106 PHE A N   1 
ATOM   843  C  CA  . PHE A 1 106 ? 2.419   0.973   -8.560  1.00 15.41 ? 106 PHE A CA  1 
ATOM   844  C  C   . PHE A 1 106 ? 2.711   1.209   -7.074  1.00 16.77 ? 106 PHE A C   1 
ATOM   845  O  O   . PHE A 1 106 ? 3.867   1.400   -6.689  1.00 16.01 ? 106 PHE A O   1 
ATOM   846  C  CB  . PHE A 1 106 ? 1.952   2.293   -9.162  1.00 17.15 ? 106 PHE A CB  1 
ATOM   847  C  CG  . PHE A 1 106 ? 1.872   2.298   -10.657 1.00 20.03 ? 106 PHE A CG  1 
ATOM   848  C  CD1 . PHE A 1 106 ? 2.503   1.310   -11.413 1.00 21.11 ? 106 PHE A CD1 1 
ATOM   849  C  CD2 . PHE A 1 106 ? 1.157   3.297   -11.314 1.00 20.24 ? 106 PHE A CD2 1 
ATOM   850  C  CE1 . PHE A 1 106 ? 2.427   1.319   -12.807 1.00 21.63 ? 106 PHE A CE1 1 
ATOM   851  C  CE2 . PHE A 1 106 ? 1.073   3.321   -12.701 1.00 21.50 ? 106 PHE A CE2 1 
ATOM   852  C  CZ  . PHE A 1 106 ? 1.709   2.326   -13.451 1.00 21.42 ? 106 PHE A CZ  1 
ATOM   853  N  N   . ILE A 1 107 ? 1.674   1.251   -6.239  1.00 15.77 ? 107 ILE A N   1 
ATOM   854  C  CA  . ILE A 1 107 ? 1.921   1.466   -4.818  1.00 15.74 ? 107 ILE A CA  1 
ATOM   855  C  C   . ILE A 1 107 ? 2.592   0.248   -4.196  1.00 15.52 ? 107 ILE A C   1 
ATOM   856  O  O   . ILE A 1 107 ? 3.397   0.392   -3.281  1.00 15.89 ? 107 ILE A O   1 
ATOM   857  C  CB  . ILE A 1 107 ? 0.672   1.896   -4.013  1.00 15.44 ? 107 ILE A CB  1 
ATOM   858  C  CG1 . ILE A 1 107 ? 1.136   2.567   -2.720  1.00 14.77 ? 107 ILE A CG1 1 
ATOM   859  C  CG2 . ILE A 1 107 ? -0.239  0.707   -3.705  1.00 14.91 ? 107 ILE A CG2 1 
ATOM   860  C  CD1 . ILE A 1 107 ? 0.027   3.129   -1.881  1.00 14.97 ? 107 ILE A CD1 1 
ATOM   861  N  N   . SER A 1 108 ? 2.274   -0.941  -4.701  1.00 15.23 ? 108 SER A N   1 
ATOM   862  C  CA  . SER A 1 108 ? 2.900   -2.164  -4.213  1.00 15.95 ? 108 SER A CA  1 
ATOM   863  C  C   . SER A 1 108 ? 4.416   -2.080  -4.459  1.00 16.97 ? 108 SER A C   1 
ATOM   864  O  O   . SER A 1 108 ? 5.208   -2.474  -3.607  1.00 15.90 ? 108 SER A O   1 
ATOM   865  C  CB  . SER A 1 108 ? 2.312   -3.391  -4.912  1.00 15.75 ? 108 SER A CB  1 
ATOM   866  O  OG  . SER A 1 108 ? 0.954   -3.576  -4.574  1.00 18.14 ? 108 SER A OG  1 
ATOM   867  N  N   . GLU A 1 109 ? 4.805   -1.553  -5.620  1.00 18.64 ? 109 GLU A N   1 
ATOM   868  C  CA  . GLU A 1 109 ? 6.215   -1.375  -5.967  1.00 19.41 ? 109 GLU A CA  1 
ATOM   869  C  C   . GLU A 1 109 ? 6.835   -0.392  -4.980  1.00 18.00 ? 109 GLU A C   1 
ATOM   870  O  O   . GLU A 1 109 ? 7.949   -0.603  -4.507  1.00 17.64 ? 109 GLU A O   1 
ATOM   871  C  CB  . GLU A 1 109 ? 6.372   -0.770  -7.361  1.00 22.61 ? 109 GLU A CB  1 
ATOM   872  C  CG  . GLU A 1 109 ? 6.032   -1.664  -8.532  1.00 30.31 ? 109 GLU A CG  1 
ATOM   873  C  CD  . GLU A 1 109 ? 6.270   -0.949  -9.862  1.00 34.91 ? 109 GLU A CD  1 
ATOM   874  O  OE1 . GLU A 1 109 ? 7.333   -0.282  -10.009 1.00 36.00 ? 109 GLU A OE1 1 
ATOM   875  O  OE2 . GLU A 1 109 ? 5.383   -1.039  -10.745 1.00 36.26 ? 109 GLU A OE2 1 
ATOM   876  N  N   . ALA A 1 110 ? 6.127   0.712   -4.736  1.00 16.65 ? 110 ALA A N   1 
ATOM   877  C  CA  . ALA A 1 110 ? 6.581   1.754   -3.809  1.00 16.30 ? 110 ALA A CA  1 
ATOM   878  C  C   . ALA A 1 110 ? 6.850   1.184   -2.412  1.00 16.10 ? 110 ALA A C   1 
ATOM   879  O  O   . ALA A 1 110 ? 7.877   1.483   -1.806  1.00 15.21 ? 110 ALA A O   1 
ATOM   880  C  CB  . ALA A 1 110 ? 5.568   2.891   -3.739  1.00 13.87 ? 110 ALA A CB  1 
ATOM   881  N  N   . ILE A 1 111 ? 5.941   0.350   -1.920  1.00 15.05 ? 111 ILE A N   1 
ATOM   882  C  CA  . ILE A 1 111 ? 6.095   -0.283  -0.607  1.00 15.40 ? 111 ILE A CA  1 
ATOM   883  C  C   . ILE A 1 111 ? 7.371   -1.131  -0.567  1.00 16.01 ? 111 ILE A C   1 
ATOM   884  O  O   . ILE A 1 111 ? 8.219   -0.950  0.308   1.00 14.72 ? 111 ILE A O   1 
ATOM   885  C  CB  . ILE A 1 111 ? 4.874   -1.181  -0.267  1.00 14.18 ? 111 ILE A CB  1 
ATOM   886  C  CG1 . ILE A 1 111 ? 3.625   -0.311  -0.090  1.00 13.60 ? 111 ILE A CG1 1 
ATOM   887  C  CG2 . ILE A 1 111 ? 5.153   -2.027  0.985   1.00 13.54 ? 111 ILE A CG2 1 
ATOM   888  C  CD1 . ILE A 1 111 ? 2.340   -1.089  0.037   1.00 15.28 ? 111 ILE A CD1 1 
ATOM   889  N  N   . ILE A 1 112 ? 7.500   -2.042  -1.531  1.00 16.22 ? 112 ILE A N   1 
ATOM   890  C  CA  . ILE A 1 112 ? 8.657   -2.927  -1.636  1.00 16.57 ? 112 ILE A CA  1 
ATOM   891  C  C   . ILE A 1 112 ? 9.973   -2.140  -1.706  1.00 16.12 ? 112 ILE A C   1 
ATOM   892  O  O   . ILE A 1 112 ? 10.937  -2.483  -1.033  1.00 16.00 ? 112 ILE A O   1 
ATOM   893  C  CB  . ILE A 1 112 ? 8.500   -3.878  -2.854  1.00 17.10 ? 112 ILE A CB  1 
ATOM   894  C  CG1 . ILE A 1 112 ? 7.411   -4.921  -2.558  1.00 16.63 ? 112 ILE A CG1 1 
ATOM   895  C  CG2 . ILE A 1 112 ? 9.835   -4.534  -3.218  1.00 17.39 ? 112 ILE A CG2 1 
ATOM   896  C  CD1 . ILE A 1 112 ? 7.041   -5.793  -3.747  1.00 16.72 ? 112 ILE A CD1 1 
ATOM   897  N  N   . HIS A 1 113 ? 9.985   -1.065  -2.486  1.00 16.54 ? 113 HIS A N   1 
ATOM   898  C  CA  . HIS A 1 113 ? 11.167  -0.230  -2.633  1.00 17.98 ? 113 HIS A CA  1 
ATOM   899  C  C   . HIS A 1 113 ? 11.586  0.394   -1.303  1.00 18.20 ? 113 HIS A C   1 
ATOM   900  O  O   . HIS A 1 113 ? 12.754  0.350   -0.936  1.00 18.42 ? 113 HIS A O   1 
ATOM   901  C  CB  . HIS A 1 113 ? 10.923  0.877   -3.658  1.00 20.99 ? 113 HIS A CB  1 
ATOM   902  C  CG  . HIS A 1 113 ? 12.038  1.876   -3.739  1.00 24.31 ? 113 HIS A CG  1 
ATOM   903  N  ND1 . HIS A 1 113 ? 13.117  1.765   -4.590  1.00 25.19 ? 113 HIS A ND1 1 
ATOM   904  C  CD2 . HIS A 1 113 ? 12.250  3.011   -3.024  1.00 25.13 ? 113 HIS A CD2 1 
ATOM   905  C  CE1 . HIS A 1 113 ? 13.930  2.807   -4.371  1.00 24.32 ? 113 HIS A CE1 1 
ATOM   906  N  NE2 . HIS A 1 113 ? 13.447  3.593   -3.429  1.00 26.63 ? 113 HIS A NE2 1 
ATOM   907  N  N   . VAL A 1 114 ? 10.635  1.004   -0.600  1.00 17.15 ? 114 VAL A N   1 
ATOM   908  C  CA  . VAL A 1 114 ? 10.910  1.636   0.694   1.00 15.88 ? 114 VAL A CA  1 
ATOM   909  C  C   . VAL A 1 114 ? 11.396  0.629   1.737   1.00 15.74 ? 114 VAL A C   1 
ATOM   910  O  O   . VAL A 1 114 ? 12.337  0.904   2.472   1.00 16.71 ? 114 VAL A O   1 
ATOM   911  C  CB  . VAL A 1 114 ? 9.662   2.404   1.206   1.00 14.61 ? 114 VAL A CB  1 
ATOM   912  C  CG1 . VAL A 1 114 ? 9.859   2.896   2.645   1.00 11.48 ? 114 VAL A CG1 1 
ATOM   913  C  CG2 . VAL A 1 114 ? 9.391   3.570   0.283   1.00 12.41 ? 114 VAL A CG2 1 
ATOM   914  N  N   . LEU A 1 115 ? 10.762  -0.535  1.797   1.00 14.79 ? 115 LEU A N   1 
ATOM   915  C  CA  . LEU A 1 115 ? 11.161  -1.565  2.742   1.00 16.31 ? 115 LEU A CA  1 
ATOM   916  C  C   . LEU A 1 115 ? 12.596  -1.996  2.434   1.00 18.01 ? 115 LEU A C   1 
ATOM   917  O  O   . LEU A 1 115 ? 13.400  -2.235  3.335   1.00 17.73 ? 115 LEU A O   1 
ATOM   918  C  CB  . LEU A 1 115 ? 10.212  -2.761  2.659   1.00 15.05 ? 115 LEU A CB  1 
ATOM   919  C  CG  . LEU A 1 115 ? 8.756   -2.487  3.043   1.00 16.29 ? 115 LEU A CG  1 
ATOM   920  C  CD1 . LEU A 1 115 ? 7.928   -3.751  2.922   1.00 15.78 ? 115 LEU A CD1 1 
ATOM   921  C  CD2 . LEU A 1 115 ? 8.696   -1.963  4.455   1.00 16.65 ? 115 LEU A CD2 1 
ATOM   922  N  N   . HIS A 1 116 ? 12.912  -2.084  1.152   1.00 18.74 ? 116 HIS A N   1 
ATOM   923  C  CA  . HIS A 1 116 ? 14.237  -2.469  0.730   1.00 20.44 ? 116 HIS A CA  1 
ATOM   924  C  C   . HIS A 1 116 ? 15.242  -1.389  1.117   1.00 21.00 ? 116 HIS A C   1 
ATOM   925  O  O   . HIS A 1 116 ? 16.325  -1.703  1.610   1.00 21.40 ? 116 HIS A O   1 
ATOM   926  C  CB  . HIS A 1 116 ? 14.264  -2.687  -0.776  1.00 21.10 ? 116 HIS A CB  1 
ATOM   927  C  CG  . HIS A 1 116 ? 15.553  -3.255  -1.272  1.00 23.84 ? 116 HIS A CG  1 
ATOM   928  N  ND1 . HIS A 1 116 ? 16.524  -2.518  -1.911  1.00 24.61 ? 116 HIS A ND1 1 
ATOM   929  C  CD2 . HIS A 1 116 ? 16.018  -4.529  -1.239  1.00 23.88 ? 116 HIS A CD2 1 
ATOM   930  C  CE1 . HIS A 1 116 ? 17.519  -3.352  -2.241  1.00 25.53 ? 116 HIS A CE1 1 
ATOM   931  N  NE2 . HIS A 1 116 ? 17.251  -4.582  -1.852  1.00 25.76 ? 116 HIS A NE2 1 
ATOM   932  N  N   . SER A 1 117 ? 14.878  -0.127  0.902   1.00 20.84 ? 117 SER A N   1 
ATOM   933  C  CA  . SER A 1 117 ? 15.740  1.001   1.241   1.00 22.48 ? 117 SER A CA  1 
ATOM   934  C  C   . SER A 1 117 ? 15.962  1.123   2.737   1.00 24.21 ? 117 SER A C   1 
ATOM   935  O  O   . SER A 1 117 ? 17.093  1.323   3.186   1.00 25.56 ? 117 SER A O   1 
ATOM   936  C  CB  . SER A 1 117 ? 15.147  2.323   0.752   1.00 21.98 ? 117 SER A CB  1 
ATOM   937  O  OG  . SER A 1 117 ? 15.032  2.350   -0.661  1.00 28.92 ? 117 SER A OG  1 
ATOM   938  N  N   . ARG A 1 118 ? 14.883  1.022   3.511   1.00 24.04 ? 118 ARG A N   1 
ATOM   939  C  CA  . ARG A 1 118 ? 14.976  1.162   4.963   1.00 23.54 ? 118 ARG A CA  1 
ATOM   940  C  C   . ARG A 1 118 ? 15.394  -0.066  5.758   1.00 23.47 ? 118 ARG A C   1 
ATOM   941  O  O   . ARG A 1 118 ? 16.024  0.083   6.806   1.00 24.03 ? 118 ARG A O   1 
ATOM   942  C  CB  . ARG A 1 118 ? 13.677  1.747   5.548   1.00 23.05 ? 118 ARG A CB  1 
ATOM   943  C  CG  . ARG A 1 118 ? 13.443  3.195   5.152   1.00 23.88 ? 118 ARG A CG  1 
ATOM   944  C  CD  . ARG A 1 118 ? 12.123  3.742   5.648   1.00 22.76 ? 118 ARG A CD  1 
ATOM   945  N  NE  . ARG A 1 118 ? 12.135  4.012   7.078   1.00 24.96 ? 118 ARG A NE  1 
ATOM   946  C  CZ  . ARG A 1 118 ? 11.498  5.028   7.653   1.00 22.52 ? 118 ARG A CZ  1 
ATOM   947  N  NH1 . ARG A 1 118 ? 10.784  5.866   6.925   1.00 21.79 ? 118 ARG A NH1 1 
ATOM   948  N  NH2 . ARG A 1 118 ? 11.563  5.191   8.965   1.00 23.68 ? 118 ARG A NH2 1 
ATOM   949  N  N   . HIS A 1 119 ? 15.083  -1.271  5.280   1.00 22.53 ? 119 HIS A N   1 
ATOM   950  C  CA  . HIS A 1 119 ? 15.429  -2.475  6.035   1.00 22.41 ? 119 HIS A CA  1 
ATOM   951  C  C   . HIS A 1 119 ? 16.158  -3.578  5.248   1.00 23.60 ? 119 HIS A C   1 
ATOM   952  O  O   . HIS A 1 119 ? 15.759  -4.743  5.319   1.00 23.96 ? 119 HIS A O   1 
ATOM   953  C  CB  . HIS A 1 119 ? 14.165  -3.058  6.695   1.00 19.90 ? 119 HIS A CB  1 
ATOM   954  C  CG  . HIS A 1 119 ? 13.306  -2.033  7.378   1.00 20.35 ? 119 HIS A CG  1 
ATOM   955  N  ND1 . HIS A 1 119 ? 13.686  -1.315  8.490   1.00 19.38 ? 119 HIS A ND1 1 
ATOM   956  C  CD2 . HIS A 1 119 ? 12.077  -1.563  7.045   1.00 19.70 ? 119 HIS A CD2 1 
ATOM   957  C  CE1 . HIS A 1 119 ? 12.709  -0.448  8.780   1.00 19.34 ? 119 HIS A CE1 1 
ATOM   958  N  NE2 . HIS A 1 119 ? 11.710  -0.562  7.930   1.00 20.24 ? 119 HIS A NE2 1 
ATOM   959  N  N   . PRO A 1 120 ? 17.290  -3.253  4.585   1.00 25.59 ? 120 PRO A N   1 
ATOM   960  C  CA  . PRO A 1 120 ? 18.057  -4.239  3.799   1.00 27.50 ? 120 PRO A CA  1 
ATOM   961  C  C   . PRO A 1 120 ? 18.343  -5.535  4.559   1.00 28.23 ? 120 PRO A C   1 
ATOM   962  O  O   . PRO A 1 120 ? 18.072  -6.632  4.071   1.00 30.19 ? 120 PRO A O   1 
ATOM   963  C  CB  . PRO A 1 120 ? 19.370  -3.507  3.505   1.00 26.84 ? 120 PRO A CB  1 
ATOM   964  C  CG  . PRO A 1 120 ? 19.015  -2.075  3.594   1.00 27.43 ? 120 PRO A CG  1 
ATOM   965  C  CD  . PRO A 1 120 ? 18.099  -2.041  4.790   1.00 25.91 ? 120 PRO A CD  1 
ATOM   966  N  N   . GLY A 1 121 ? 18.854  -5.392  5.776   1.00 29.21 ? 121 GLY A N   1 
ATOM   967  C  CA  . GLY A 1 121 ? 19.185  -6.550  6.587   1.00 30.20 ? 121 GLY A CA  1 
ATOM   968  C  C   . GLY A 1 121 ? 18.041  -7.489  6.903   1.00 30.76 ? 121 GLY A C   1 
ATOM   969  O  O   . GLY A 1 121 ? 18.258  -8.665  7.188   1.00 32.75 ? 121 GLY A O   1 
ATOM   970  N  N   . ASP A 1 122 ? 16.818  -6.988  6.863   1.00 30.85 ? 122 ASP A N   1 
ATOM   971  C  CA  . ASP A 1 122 ? 15.671  -7.829  7.175   1.00 30.35 ? 122 ASP A CA  1 
ATOM   972  C  C   . ASP A 1 122 ? 14.813  -8.078  5.941   1.00 29.24 ? 122 ASP A C   1 
ATOM   973  O  O   . ASP A 1 122 ? 13.914  -8.921  5.960   1.00 31.77 ? 122 ASP A O   1 
ATOM   974  C  CB  . ASP A 1 122 ? 14.834  -7.177  8.285   1.00 32.01 ? 122 ASP A CB  1 
ATOM   975  C  CG  . ASP A 1 122 ? 15.689  -6.706  9.456   1.00 34.33 ? 122 ASP A CG  1 
ATOM   976  O  OD1 . ASP A 1 122 ? 15.991  -7.525  10.353  1.00 35.07 ? 122 ASP A OD1 1 
ATOM   977  O  OD2 . ASP A 1 122 ? 16.079  -5.515  9.468   1.00 35.49 ? 122 ASP A OD2 1 
ATOM   978  N  N   . PHE A 1 123 ? 15.099  -7.364  4.858   1.00 25.96 ? 123 PHE A N   1 
ATOM   979  C  CA  . PHE A 1 123 ? 14.321  -7.521  3.641   1.00 22.20 ? 123 PHE A CA  1 
ATOM   980  C  C   . PHE A 1 123 ? 15.122  -8.229  2.550   1.00 21.11 ? 123 PHE A C   1 
ATOM   981  O  O   . PHE A 1 123 ? 15.423  -7.652  1.508   1.00 19.97 ? 123 PHE A O   1 
ATOM   982  C  CB  . PHE A 1 123 ? 13.823  -6.155  3.160   1.00 21.06 ? 123 PHE A CB  1 
ATOM   983  C  CG  . PHE A 1 123 ? 12.556  -6.220  2.365   1.00 19.63 ? 123 PHE A CG  1 
ATOM   984  C  CD1 . PHE A 1 123 ? 11.407  -6.781  2.913   1.00 18.56 ? 123 PHE A CD1 1 
ATOM   985  C  CD2 . PHE A 1 123 ? 12.505  -5.721  1.068   1.00 18.89 ? 123 PHE A CD2 1 
ATOM   986  C  CE1 . PHE A 1 123 ? 10.226  -6.837  2.183   1.00 19.22 ? 123 PHE A CE1 1 
ATOM   987  C  CE2 . PHE A 1 123 ? 11.322  -5.772  0.334   1.00 17.07 ? 123 PHE A CE2 1 
ATOM   988  C  CZ  . PHE A 1 123 ? 10.184  -6.331  0.889   1.00 17.07 ? 123 PHE A CZ  1 
ATOM   989  N  N   . GLY A 1 124 ? 15.487  -9.477  2.808   1.00 20.21 ? 124 GLY A N   1 
ATOM   990  C  CA  . GLY A 1 124 ? 16.230  -10.241 1.824   1.00 19.46 ? 124 GLY A CA  1 
ATOM   991  C  C   . GLY A 1 124 ? 15.306  -10.752 0.740   1.00 20.02 ? 124 GLY A C   1 
ATOM   992  O  O   . GLY A 1 124 ? 14.126  -10.427 0.733   1.00 19.84 ? 124 GLY A O   1 
ATOM   993  N  N   . ALA A 1 125 ? 15.835  -11.580 -0.155  1.00 19.34 ? 125 ALA A N   1 
ATOM   994  C  CA  . ALA A 1 125 ? 15.056  -12.145 -1.254  1.00 18.59 ? 125 ALA A CA  1 
ATOM   995  C  C   . ALA A 1 125 ? 13.805  -12.892 -0.798  1.00 19.02 ? 125 ALA A C   1 
ATOM   996  O  O   . ALA A 1 125 ? 12.735  -12.711 -1.366  1.00 19.30 ? 125 ALA A O   1 
ATOM   997  C  CB  . ALA A 1 125 ? 15.926  -13.055 -2.089  1.00 17.97 ? 125 ALA A CB  1 
ATOM   998  N  N   . ASP A 1 126 ? 13.944  -13.742 0.212   1.00 19.31 ? 126 ASP A N   1 
ATOM   999  C  CA  . ASP A 1 126 ? 12.817  -14.507 0.730   1.00 20.83 ? 126 ASP A CA  1 
ATOM   1000 C  C   . ASP A 1 126 ? 11.739  -13.646 1.358   1.00 19.90 ? 126 ASP A C   1 
ATOM   1001 O  O   . ASP A 1 126 ? 10.561  -13.914 1.170   1.00 21.07 ? 126 ASP A O   1 
ATOM   1002 C  CB  . ASP A 1 126 ? 13.276  -15.547 1.738   1.00 23.63 ? 126 ASP A CB  1 
ATOM   1003 C  CG  . ASP A 1 126 ? 13.960  -16.726 1.088   1.00 27.77 ? 126 ASP A CG  1 
ATOM   1004 O  OD1 . ASP A 1 126 ? 13.877  -16.891 -0.158  1.00 29.18 ? 126 ASP A OD1 1 
ATOM   1005 O  OD2 . ASP A 1 126 ? 14.592  -17.499 1.838   1.00 31.66 ? 126 ASP A OD2 1 
ATOM   1006 N  N   . ALA A 1 127 ? 12.140  -12.643 2.129   1.00 18.98 ? 127 ALA A N   1 
ATOM   1007 C  CA  . ALA A 1 127 ? 11.191  -11.735 2.776   1.00 18.59 ? 127 ALA A CA  1 
ATOM   1008 C  C   . ALA A 1 127 ? 10.466  -10.926 1.705   1.00 17.83 ? 127 ALA A C   1 
ATOM   1009 O  O   . ALA A 1 127 ? 9.253   -10.746 1.773   1.00 18.05 ? 127 ALA A O   1 
ATOM   1010 C  CB  . ALA A 1 127 ? 11.903  -10.809 3.741   1.00 16.14 ? 127 ALA A CB  1 
ATOM   1011 N  N   . GLN A 1 128 ? 11.213  -10.467 0.701   1.00 17.18 ? 128 GLN A N   1 
ATOM   1012 C  CA  . GLN A 1 128 ? 10.637  -9.695  -0.395  1.00 16.33 ? 128 GLN A CA  1 
ATOM   1013 C  C   . GLN A 1 128 ? 9.676   -10.574 -1.179  1.00 15.99 ? 128 GLN A C   1 
ATOM   1014 O  O   . GLN A 1 128 ? 8.645   -10.102 -1.642  1.00 16.98 ? 128 GLN A O   1 
ATOM   1015 C  CB  . GLN A 1 128 ? 11.720  -9.132  -1.316  1.00 14.28 ? 128 GLN A CB  1 
ATOM   1016 C  CG  . GLN A 1 128 ? 11.141  -8.348  -2.471  1.00 15.61 ? 128 GLN A CG  1 
ATOM   1017 C  CD  . GLN A 1 128 ? 12.160  -7.550  -3.249  1.00 17.26 ? 128 GLN A CD  1 
ATOM   1018 O  OE1 . GLN A 1 128 ? 12.020  -7.384  -4.456  1.00 21.75 ? 128 GLN A OE1 1 
ATOM   1019 N  NE2 . GLN A 1 128 ? 13.152  -7.010  -2.567  1.00 15.53 ? 128 GLN A NE2 1 
ATOM   1020 N  N   . GLY A 1 129 ? 10.020  -11.852 -1.305  1.00 15.78 ? 129 GLY A N   1 
ATOM   1021 C  CA  . GLY A 1 129 ? 9.172   -12.793 -2.010  1.00 15.33 ? 129 GLY A CA  1 
ATOM   1022 C  C   . GLY A 1 129 ? 7.856   -12.987 -1.275  1.00 16.16 ? 129 GLY A C   1 
ATOM   1023 O  O   . GLY A 1 129 ? 6.776   -12.998 -1.889  1.00 17.07 ? 129 GLY A O   1 
ATOM   1024 N  N   . ALA A 1 130 ? 7.944   -13.143 0.043   1.00 14.80 ? 130 ALA A N   1 
ATOM   1025 C  CA  . ALA A 1 130 ? 6.767   -13.307 0.881   1.00 14.11 ? 130 ALA A CA  1 
ATOM   1026 C  C   . ALA A 1 130 ? 5.918   -12.037 0.833   1.00 15.27 ? 130 ALA A C   1 
ATOM   1027 O  O   . ALA A 1 130 ? 4.697   -12.108 0.730   1.00 15.73 ? 130 ALA A O   1 
ATOM   1028 C  CB  . ALA A 1 130 ? 7.176   -13.605 2.306   1.00 14.24 ? 130 ALA A CB  1 
ATOM   1029 N  N   . MET A 1 131 ? 6.563   -10.877 0.871   1.00 14.35 ? 131 MET A N   1 
ATOM   1030 C  CA  . MET A 1 131 ? 5.829   -9.620  0.836   1.00 15.82 ? 131 MET A CA  1 
ATOM   1031 C  C   . MET A 1 131 ? 5.146   -9.452  -0.502  1.00 16.49 ? 131 MET A C   1 
ATOM   1032 O  O   . MET A 1 131 ? 3.991   -9.035  -0.558  1.00 16.01 ? 131 MET A O   1 
ATOM   1033 C  CB  . MET A 1 131 ? 6.745   -8.429  1.120   1.00 17.16 ? 131 MET A CB  1 
ATOM   1034 C  CG  . MET A 1 131 ? 6.027   -7.072  1.182   1.00 19.74 ? 131 MET A CG  1 
ATOM   1035 S  SD  . MET A 1 131 ? 4.751   -6.937  2.487   1.00 23.69 ? 131 MET A SD  1 
ATOM   1036 C  CE  . MET A 1 131 ? 5.713   -6.553  3.908   1.00 21.64 ? 131 MET A CE  1 
ATOM   1037 N  N   . ASN A 1 132 ? 5.851   -9.786  -1.580  1.00 15.60 ? 132 ASN A N   1 
ATOM   1038 C  CA  . ASN A 1 132 ? 5.283   -9.686  -2.920  1.00 15.78 ? 132 ASN A CA  1 
ATOM   1039 C  C   . ASN A 1 132 ? 4.065   -10.590 -3.028  1.00 15.42 ? 132 ASN A C   1 
ATOM   1040 O  O   . ASN A 1 132 ? 3.058   -10.197 -3.595  1.00 16.26 ? 132 ASN A O   1 
ATOM   1041 C  CB  . ASN A 1 132 ? 6.291   -10.082 -3.996  1.00 15.95 ? 132 ASN A CB  1 
ATOM   1042 C  CG  . ASN A 1 132 ? 5.688   -10.049 -5.385  1.00 16.20 ? 132 ASN A CG  1 
ATOM   1043 O  OD1 . ASN A 1 132 ? 5.663   -11.049 -6.096  1.00 17.86 ? 132 ASN A OD1 1 
ATOM   1044 N  ND2 . ASN A 1 132 ? 5.208   -8.891  -5.780  1.00 13.88 ? 132 ASN A ND2 1 
ATOM   1045 N  N   . LYS A 1 133 ? 4.172   -11.796 -2.487  1.00 15.18 ? 133 LYS A N   1 
ATOM   1046 C  CA  . LYS A 1 133 ? 3.080   -12.768 -2.478  1.00 17.30 ? 133 LYS A CA  1 
ATOM   1047 C  C   . LYS A 1 133 ? 1.833   -12.215 -1.804  1.00 15.87 ? 133 LYS A C   1 
ATOM   1048 O  O   . LYS A 1 133 ? 0.725   -12.398 -2.293  1.00 16.04 ? 133 LYS A O   1 
ATOM   1049 C  CB  . LYS A 1 133 ? 3.514   -14.020 -1.722  1.00 20.87 ? 133 LYS A CB  1 
ATOM   1050 C  CG  . LYS A 1 133 ? 4.141   -15.077 -2.577  1.00 26.08 ? 133 LYS A CG  1 
ATOM   1051 C  CD  . LYS A 1 133 ? 3.074   -15.904 -3.249  1.00 30.95 ? 133 LYS A CD  1 
ATOM   1052 C  CE  . LYS A 1 133 ? 2.600   -17.031 -2.335  1.00 33.17 ? 133 LYS A CE  1 
ATOM   1053 N  NZ  . LYS A 1 133 ? 3.665   -18.085 -2.187  1.00 36.99 ? 133 LYS A NZ  1 
ATOM   1054 N  N   . ALA A 1 134 ? 2.026   -11.581 -0.651  1.00 15.74 ? 134 ALA A N   1 
ATOM   1055 C  CA  . ALA A 1 134 ? 0.936   -11.002 0.129   1.00 14.74 ? 134 ALA A CA  1 
ATOM   1056 C  C   . ALA A 1 134 ? 0.259   -9.852  -0.616  1.00 13.97 ? 134 ALA A C   1 
ATOM   1057 O  O   . ALA A 1 134 ? -0.968  -9.768  -0.670  1.00 15.57 ? 134 ALA A O   1 
ATOM   1058 C  CB  . ALA A 1 134 ? 1.454   -10.531 1.484   1.00 12.91 ? 134 ALA A CB  1 
ATOM   1059 N  N   . LEU A 1 135 ? 1.059   -8.964  -1.190  1.00 13.96 ? 135 LEU A N   1 
ATOM   1060 C  CA  . LEU A 1 135 ? 0.526   -7.838  -1.933  1.00 14.05 ? 135 LEU A CA  1 
ATOM   1061 C  C   . LEU A 1 135 ? -0.205  -8.294  -3.194  1.00 16.30 ? 135 LEU A C   1 
ATOM   1062 O  O   . LEU A 1 135 ? -1.175  -7.656  -3.613  1.00 16.52 ? 135 LEU A O   1 
ATOM   1063 C  CB  . LEU A 1 135 ? 1.630   -6.849  -2.269  1.00 13.95 ? 135 LEU A CB  1 
ATOM   1064 C  CG  . LEU A 1 135 ? 2.200   -6.134  -1.053  1.00 14.87 ? 135 LEU A CG  1 
ATOM   1065 C  CD1 . LEU A 1 135 ? 3.396   -5.309  -1.458  1.00 13.39 ? 135 LEU A CD1 1 
ATOM   1066 C  CD2 . LEU A 1 135 ? 1.140   -5.260  -0.408  1.00 16.19 ? 135 LEU A CD2 1 
ATOM   1067 N  N   . GLU A 1 136 ? 0.247   -9.395  -3.795  1.00 16.74 ? 136 GLU A N   1 
ATOM   1068 C  CA  . GLU A 1 136 ? -0.412  -9.932  -4.991  1.00 19.08 ? 136 GLU A CA  1 
ATOM   1069 C  C   . GLU A 1 136 ? -1.778  -10.490 -4.611  1.00 17.55 ? 136 GLU A C   1 
ATOM   1070 O  O   . GLU A 1 136 ? -2.739  -10.317 -5.346  1.00 18.40 ? 136 GLU A O   1 
ATOM   1071 C  CB  . GLU A 1 136 ? 0.425   -11.025 -5.668  1.00 22.81 ? 136 GLU A CB  1 
ATOM   1072 C  CG  . GLU A 1 136 ? 1.515   -10.481 -6.606  1.00 31.39 ? 136 GLU A CG  1 
ATOM   1073 C  CD  . GLU A 1 136 ? 2.182   -11.560 -7.463  1.00 35.15 ? 136 GLU A CD  1 
ATOM   1074 O  OE1 . GLU A 1 136 ? 1.667   -12.712 -7.500  1.00 37.89 ? 136 GLU A OE1 1 
ATOM   1075 O  OE2 . GLU A 1 136 ? 3.220   -11.251 -8.111  1.00 35.56 ? 136 GLU A OE2 1 
ATOM   1076 N  N   . LEU A 1 137 ? -1.847  -11.162 -3.466  1.00 16.04 ? 137 LEU A N   1 
ATOM   1077 C  CA  . LEU A 1 137 ? -3.100  -11.712 -2.968  1.00 16.16 ? 137 LEU A CA  1 
ATOM   1078 C  C   . LEU A 1 137 ? -4.089  -10.551 -2.775  1.00 16.37 ? 137 LEU A C   1 
ATOM   1079 O  O   . LEU A 1 137 ? -5.231  -10.615 -3.219  1.00 16.93 ? 137 LEU A O   1 
ATOM   1080 C  CB  . LEU A 1 137 ? -2.861  -12.434 -1.642  1.00 14.67 ? 137 LEU A CB  1 
ATOM   1081 C  CG  . LEU A 1 137 ? -4.061  -13.116 -0.982  1.00 16.34 ? 137 LEU A CG  1 
ATOM   1082 C  CD1 . LEU A 1 137 ? -4.521  -14.272 -1.849  1.00 17.11 ? 137 LEU A CD1 1 
ATOM   1083 C  CD2 . LEU A 1 137 ? -3.696  -13.607 0.416   1.00 15.76 ? 137 LEU A CD2 1 
ATOM   1084 N  N   . PHE A 1 138 ? -3.620  -9.483  -2.134  1.00 16.57 ? 138 PHE A N   1 
ATOM   1085 C  CA  . PHE A 1 138 ? -4.416  -8.290  -1.886  1.00 15.70 ? 138 PHE A CA  1 
ATOM   1086 C  C   . PHE A 1 138 ? -4.971  -7.761  -3.198  1.00 15.70 ? 138 PHE A C   1 
ATOM   1087 O  O   . PHE A 1 138 ? -6.180  -7.573  -3.324  1.00 15.73 ? 138 PHE A O   1 
ATOM   1088 C  CB  . PHE A 1 138 ? -3.552  -7.218  -1.185  1.00 16.39 ? 138 PHE A CB  1 
ATOM   1089 C  CG  . PHE A 1 138 ? -4.109  -5.801  -1.264  1.00 17.53 ? 138 PHE A CG  1 
ATOM   1090 C  CD1 . PHE A 1 138 ? -5.205  -5.411  -0.491  1.00 19.23 ? 138 PHE A CD1 1 
ATOM   1091 C  CD2 . PHE A 1 138 ? -3.527  -4.859  -2.110  1.00 16.79 ? 138 PHE A CD2 1 
ATOM   1092 C  CE1 . PHE A 1 138 ? -5.710  -4.108  -0.562  1.00 17.17 ? 138 PHE A CE1 1 
ATOM   1093 C  CE2 . PHE A 1 138 ? -4.023  -3.558  -2.189  1.00 18.28 ? 138 PHE A CE2 1 
ATOM   1094 C  CZ  . PHE A 1 138 ? -5.119  -3.181  -1.413  1.00 17.58 ? 138 PHE A CZ  1 
ATOM   1095 N  N   . ARG A 1 139 ? -4.095  -7.550  -4.178  1.00 15.57 ? 139 ARG A N   1 
ATOM   1096 C  CA  . ARG A 1 139 ? -4.520  -7.031  -5.479  1.00 16.92 ? 139 ARG A CA  1 
ATOM   1097 C  C   . ARG A 1 139 ? -5.469  -7.973  -6.214  1.00 17.80 ? 139 ARG A C   1 
ATOM   1098 O  O   . ARG A 1 139 ? -6.387  -7.524  -6.880  1.00 16.53 ? 139 ARG A O   1 
ATOM   1099 C  CB  . ARG A 1 139 ? -3.320  -6.684  -6.369  1.00 16.87 ? 139 ARG A CB  1 
ATOM   1100 C  CG  . ARG A 1 139 ? -2.426  -5.573  -5.819  1.00 16.97 ? 139 ARG A CG  1 
ATOM   1101 C  CD  . ARG A 1 139 ? -1.481  -5.037  -6.883  1.00 16.53 ? 139 ARG A CD  1 
ATOM   1102 N  NE  . ARG A 1 139 ? -0.797  -6.110  -7.601  1.00 18.40 ? 139 ARG A NE  1 
ATOM   1103 C  CZ  . ARG A 1 139 ? 0.402   -6.599  -7.292  1.00 21.03 ? 139 ARG A CZ  1 
ATOM   1104 N  NH1 . ARG A 1 139 ? 1.081   -6.116  -6.265  1.00 21.67 ? 139 ARG A NH1 1 
ATOM   1105 N  NH2 . ARG A 1 139 ? 0.928   -7.575  -8.024  1.00 23.29 ? 139 ARG A NH2 1 
ATOM   1106 N  N   . LYS A 1 140 ? -5.267  -9.275  -6.059  1.00 17.90 ? 140 LYS A N   1 
ATOM   1107 C  CA  . LYS A 1 140 ? -6.114  -10.280 -6.698  1.00 20.06 ? 140 LYS A CA  1 
ATOM   1108 C  C   . LYS A 1 140 ? -7.532  -10.213 -6.123  1.00 20.23 ? 140 LYS A C   1 
ATOM   1109 O  O   . LYS A 1 140 ? -8.532  -10.150 -6.855  1.00 18.96 ? 140 LYS A O   1 
ATOM   1110 C  CB  . LYS A 1 140 ? -5.525  -11.666 -6.444  1.00 23.26 ? 140 LYS A CB  1 
ATOM   1111 C  CG  . LYS A 1 140 ? -6.397  -12.837 -6.855  1.00 30.10 ? 140 LYS A CG  1 
ATOM   1112 C  CD  . LYS A 1 140 ? -6.131  -13.276 -8.300  1.00 36.76 ? 140 LYS A CD  1 
ATOM   1113 C  CE  . LYS A 1 140 ? -6.840  -14.616 -8.617  1.00 38.45 ? 140 LYS A CE  1 
ATOM   1114 N  NZ  . LYS A 1 140 ? -6.485  -15.180 -9.966  1.00 40.24 ? 140 LYS A NZ  1 
ATOM   1115 N  N   . ASP A 1 141 ? -7.614  -10.243 -4.799  1.00 20.16 ? 141 ASP A N   1 
ATOM   1116 C  CA  . ASP A 1 141 ? -8.891  -10.176 -4.118  1.00 20.35 ? 141 ASP A CA  1 
ATOM   1117 C  C   . ASP A 1 141 ? -9.577  -8.826  -4.322  1.00 20.00 ? 141 ASP A C   1 
ATOM   1118 O  O   . ASP A 1 141 ? -10.789 -8.775  -4.481  1.00 19.82 ? 141 ASP A O   1 
ATOM   1119 C  CB  . ASP A 1 141 ? -8.725  -10.505 -2.629  1.00 19.80 ? 141 ASP A CB  1 
ATOM   1120 C  CG  . ASP A 1 141 ? -8.467  -11.985 -2.382  1.00 19.78 ? 141 ASP A CG  1 
ATOM   1121 O  OD1 . ASP A 1 141 ? -8.516  -12.787 -3.339  1.00 21.99 ? 141 ASP A OD1 1 
ATOM   1122 O  OD2 . ASP A 1 141 ? -8.220  -12.360 -1.223  1.00 23.00 ? 141 ASP A OD2 1 
ATOM   1123 N  N   . ILE A 1 142 ? -8.805  -7.747  -4.378  1.00 18.67 ? 142 ILE A N   1 
ATOM   1124 C  CA  . ILE A 1 142 ? -9.382  -6.421  -4.583  1.00 20.99 ? 142 ILE A CA  1 
ATOM   1125 C  C   . ILE A 1 142 ? -9.941  -6.305  -6.005  1.00 20.85 ? 142 ILE A C   1 
ATOM   1126 O  O   . ILE A 1 142 ? -10.968 -5.660  -6.214  1.00 20.56 ? 142 ILE A O   1 
ATOM   1127 C  CB  . ILE A 1 142 ? -8.341  -5.280  -4.325  1.00 23.23 ? 142 ILE A CB  1 
ATOM   1128 C  CG1 . ILE A 1 142 ? -9.032  -4.014  -3.815  1.00 26.77 ? 142 ILE A CG1 1 
ATOM   1129 C  CG2 . ILE A 1 142 ? -7.599  -4.921  -5.594  1.00 25.31 ? 142 ILE A CG2 1 
ATOM   1130 C  CD1 . ILE A 1 142 ? -9.333  -4.044  -2.342  1.00 26.16 ? 142 ILE A CD1 1 
ATOM   1131 N  N   . ALA A 1 143 ? -9.261  -6.933  -6.972  1.00 19.94 ? 143 ALA A N   1 
ATOM   1132 C  CA  . ALA A 1 143 ? -9.676  -6.915  -8.377  1.00 18.70 ? 143 ALA A CA  1 
ATOM   1133 C  C   . ALA A 1 143 ? -10.979 -7.681  -8.584  1.00 17.98 ? 143 ALA A C   1 
ATOM   1134 O  O   . ALA A 1 143 ? -11.799 -7.308  -9.419  1.00 17.39 ? 143 ALA A O   1 
ATOM   1135 C  CB  . ALA A 1 143 ? -8.588  -7.492  -9.262  1.00 18.73 ? 143 ALA A CB  1 
ATOM   1136 N  N   . ALA A 1 144 ? -11.146 -8.769  -7.837  1.00 16.88 ? 144 ALA A N   1 
ATOM   1137 C  CA  . ALA A 1 144 ? -12.356 -9.575  -7.915  1.00 16.94 ? 144 ALA A CA  1 
ATOM   1138 C  C   . ALA A 1 144 ? -13.529 -8.740  -7.408  1.00 17.72 ? 144 ALA A C   1 
ATOM   1139 O  O   . ALA A 1 144 ? -14.607 -8.746  -8.005  1.00 18.74 ? 144 ALA A O   1 
ATOM   1140 C  CB  . ALA A 1 144 ? -12.205 -10.827 -7.082  1.00 15.45 ? 144 ALA A CB  1 
ATOM   1141 N  N   . LYS A 1 145 ? -13.307 -8.011  -6.314  1.00 17.95 ? 145 LYS A N   1 
ATOM   1142 C  CA  . LYS A 1 145 ? -14.329 -7.150  -5.730  1.00 16.70 ? 145 LYS A CA  1 
ATOM   1143 C  C   . LYS A 1 145 ? -14.675 -6.060  -6.715  1.00 15.89 ? 145 LYS A C   1 
ATOM   1144 O  O   . LYS A 1 145 ? -15.821 -5.660  -6.828  1.00 17.47 ? 145 LYS A O   1 
ATOM   1145 C  CB  . LYS A 1 145 ? -13.847 -6.541  -4.417  1.00 18.61 ? 145 LYS A CB  1 
ATOM   1146 C  CG  . LYS A 1 145 ? -14.310 -7.306  -3.198  1.00 22.32 ? 145 LYS A CG  1 
ATOM   1147 C  CD  . LYS A 1 145 ? -15.811 -7.213  -3.092  1.00 26.21 ? 145 LYS A CD  1 
ATOM   1148 C  CE  . LYS A 1 145 ? -16.344 -8.027  -1.943  1.00 29.70 ? 145 LYS A CE  1 
ATOM   1149 N  NZ  . LYS A 1 145 ? -16.158 -9.483  -2.184  1.00 34.15 ? 145 LYS A NZ  1 
ATOM   1150 N  N   . TYR A 1 146 ? -13.675 -5.571  -7.428  1.00 16.98 ? 146 TYR A N   1 
ATOM   1151 C  CA  . TYR A 1 146 ? -13.894 -4.551  -8.443  1.00 17.64 ? 146 TYR A CA  1 
ATOM   1152 C  C   . TYR A 1 146 ? -14.916 -5.036  -9.462  1.00 17.92 ? 146 TYR A C   1 
ATOM   1153 O  O   . TYR A 1 146 ? -15.855 -4.309  -9.772  1.00 18.26 ? 146 TYR A O   1 
ATOM   1154 C  CB  . TYR A 1 146 ? -12.591 -4.219  -9.165  1.00 16.90 ? 146 TYR A CB  1 
ATOM   1155 C  CG  . TYR A 1 146 ? -11.824 -3.077  -8.571  1.00 16.26 ? 146 TYR A CG  1 
ATOM   1156 C  CD1 . TYR A 1 146 ? -12.042 -2.667  -7.262  1.00 16.41 ? 146 TYR A CD1 1 
ATOM   1157 C  CD2 . TYR A 1 146 ? -10.881 -2.393  -9.327  1.00 18.05 ? 146 TYR A CD2 1 
ATOM   1158 C  CE1 . TYR A 1 146 ? -11.337 -1.601  -6.720  1.00 16.84 ? 146 TYR A CE1 1 
ATOM   1159 C  CE2 . TYR A 1 146 ? -10.169 -1.324  -8.793  1.00 18.92 ? 146 TYR A CE2 1 
ATOM   1160 C  CZ  . TYR A 1 146 ? -10.405 -0.934  -7.489  1.00 18.09 ? 146 TYR A CZ  1 
ATOM   1161 O  OH  . TYR A 1 146 ? -9.693  0.111   -6.956  1.00 17.63 ? 146 TYR A OH  1 
ATOM   1162 N  N   . LYS A 1 147 ? -14.729 -6.249  -9.981  1.00 19.38 ? 147 LYS A N   1 
ATOM   1163 C  CA  . LYS A 1 147 ? -15.645 -6.813  -10.974 1.00 22.21 ? 147 LYS A CA  1 
ATOM   1164 C  C   . LYS A 1 147 ? -17.057 -6.882  -10.425 1.00 21.52 ? 147 LYS A C   1 
ATOM   1165 O  O   . LYS A 1 147 ? -17.993 -6.427  -11.065 1.00 21.33 ? 147 LYS A O   1 
ATOM   1166 C  CB  . LYS A 1 147 ? -15.203 -8.215  -11.405 1.00 25.88 ? 147 LYS A CB  1 
ATOM   1167 C  CG  . LYS A 1 147 ? -13.749 -8.319  -11.860 1.00 33.94 ? 147 LYS A CG  1 
ATOM   1168 C  CD  . LYS A 1 147 ? -13.453 -7.634  -13.208 1.00 37.43 ? 147 LYS A CD  1 
ATOM   1169 C  CE  . LYS A 1 147 ? -13.945 -8.455  -14.396 1.00 41.32 ? 147 LYS A CE  1 
ATOM   1170 N  NZ  . LYS A 1 147 ? -13.489 -7.870  -15.703 1.00 42.76 ? 147 LYS A NZ  1 
ATOM   1171 N  N   . GLU A 1 148 ? -17.206 -7.442  -9.228  1.00 22.27 ? 148 GLU A N   1 
ATOM   1172 C  CA  . GLU A 1 148 ? -18.513 -7.549  -8.585  1.00 22.94 ? 148 GLU A CA  1 
ATOM   1173 C  C   . GLU A 1 148 ? -19.213 -6.204  -8.399  1.00 22.39 ? 148 GLU A C   1 
ATOM   1174 O  O   . GLU A 1 148 ? -20.432 -6.154  -8.371  1.00 24.04 ? 148 GLU A O   1 
ATOM   1175 C  CB  . GLU A 1 148 ? -18.385 -8.184  -7.207  1.00 25.57 ? 148 GLU A CB  1 
ATOM   1176 C  CG  . GLU A 1 148 ? -17.857 -9.595  -7.187  1.00 31.16 ? 148 GLU A CG  1 
ATOM   1177 C  CD  . GLU A 1 148 ? -17.582 -10.079 -5.771  1.00 33.07 ? 148 GLU A CD  1 
ATOM   1178 O  OE1 . GLU A 1 148 ? -18.544 -10.206 -4.983  1.00 37.07 ? 148 GLU A OE1 1 
ATOM   1179 O  OE2 . GLU A 1 148 ? -16.401 -10.337 -5.442  1.00 37.47 ? 148 GLU A OE2 1 
ATOM   1180 N  N   . LEU A 1 149 ? -18.454 -5.134  -8.192  1.00 20.97 ? 149 LEU A N   1 
ATOM   1181 C  CA  . LEU A 1 149 ? -19.030 -3.805  -7.982  1.00 21.33 ? 149 LEU A CA  1 
ATOM   1182 C  C   . LEU A 1 149 ? -19.283 -3.038  -9.272  1.00 22.20 ? 149 LEU A C   1 
ATOM   1183 O  O   . LEU A 1 149 ? -19.794 -1.915  -9.246  1.00 21.02 ? 149 LEU A O   1 
ATOM   1184 C  CB  . LEU A 1 149 ? -18.127 -2.977  -7.062  1.00 22.14 ? 149 LEU A CB  1 
ATOM   1185 C  CG  . LEU A 1 149 ? -17.841 -3.557  -5.672  1.00 21.70 ? 149 LEU A CG  1 
ATOM   1186 C  CD1 . LEU A 1 149 ? -16.714 -2.794  -5.026  1.00 23.41 ? 149 LEU A CD1 1 
ATOM   1187 C  CD2 . LEU A 1 149 ? -19.086 -3.517  -4.817  1.00 21.64 ? 149 LEU A CD2 1 
ATOM   1188 N  N   . GLY A 1 150 ? -18.896 -3.642  -10.395 1.00 23.01 ? 150 GLY A N   1 
ATOM   1189 C  CA  . GLY A 1 150 ? -19.090 -3.015  -11.686 1.00 25.07 ? 150 GLY A CA  1 
ATOM   1190 C  C   . GLY A 1 150 ? -17.975 -2.110  -12.183 1.00 26.66 ? 150 GLY A C   1 
ATOM   1191 O  O   . GLY A 1 150 ? -18.211 -1.323  -13.098 1.00 28.16 ? 150 GLY A O   1 
ATOM   1192 N  N   . TYR A 1 151 ? -16.770 -2.224  -11.625 1.00 28.31 ? 151 TYR A N   1 
ATOM   1193 C  CA  . TYR A 1 151 ? -15.646 -1.387  -12.055 1.00 31.15 ? 151 TYR A CA  1 
ATOM   1194 C  C   . TYR A 1 151 ? -14.699 -2.139  -12.981 1.00 34.28 ? 151 TYR A C   1 
ATOM   1195 O  O   . TYR A 1 151 ? -14.219 -1.578  -13.976 1.00 35.53 ? 151 TYR A O   1 
ATOM   1196 C  CB  . TYR A 1 151 ? -14.872 -0.851  -10.851 1.00 30.95 ? 151 TYR A CB  1 
ATOM   1197 C  CG  . TYR A 1 151 ? -13.720 0.085   -11.196 1.00 31.53 ? 151 TYR A CG  1 
ATOM   1198 C  CD1 . TYR A 1 151 ? -13.759 0.893   -12.330 1.00 31.56 ? 151 TYR A CD1 1 
ATOM   1199 C  CD2 . TYR A 1 151 ? -12.609 0.187   -10.360 1.00 32.49 ? 151 TYR A CD2 1 
ATOM   1200 C  CE1 . TYR A 1 151 ? -12.730 1.776   -12.622 1.00 31.33 ? 151 TYR A CE1 1 
ATOM   1201 C  CE2 . TYR A 1 151 ? -11.570 1.070   -10.639 1.00 31.48 ? 151 TYR A CE2 1 
ATOM   1202 C  CZ  . TYR A 1 151 ? -11.638 1.862   -11.771 1.00 32.30 ? 151 TYR A CZ  1 
ATOM   1203 O  OH  . TYR A 1 151 ? -10.620 2.745   -12.060 1.00 33.78 ? 151 TYR A OH  1 
ATOM   1204 N  N   . GLN A 1 152 ? -14.416 -3.395  -12.641 1.00 36.74 ? 152 GLN A N   1 
ATOM   1205 C  CA  . GLN A 1 152 ? -13.534 -4.256  -13.442 1.00 41.79 ? 152 GLN A CA  1 
ATOM   1206 C  C   . GLN A 1 152 ? -12.041 -4.239  -13.061 1.00 42.31 ? 152 GLN A C   1 
ATOM   1207 O  O   . GLN A 1 152 ? -11.567 -5.159  -12.364 1.00 44.03 ? 152 GLN A O   1 
ATOM   1208 C  CB  . GLN A 1 152 ? -13.728 -3.994  -14.948 1.00 43.39 ? 152 GLN A CB  1 
ATOM   1209 C  CG  . GLN A 1 152 ? -14.925 -4.747  -15.589 1.00 47.02 ? 152 GLN A CG  1 
ATOM   1210 C  CD  . GLN A 1 152 ? -16.217 -4.710  -14.752 1.00 49.32 ? 152 GLN A CD  1 
ATOM   1211 O  OE1 . GLN A 1 152 ? -16.488 -5.631  -13.963 1.00 48.79 ? 152 GLN A OE1 1 
ATOM   1212 N  NE2 . GLN A 1 152 ? -17.037 -3.665  -14.952 1.00 49.12 ? 152 GLN A NE2 1 
ATOM   1213 N  N   . GLY A 1 153 ? -11.309 -3.208  -13.480 1.00 42.48 ? 153 GLY A N   1 
ATOM   1214 C  CA  . GLY A 1 153 ? -9.891  -3.152  -13.155 1.00 41.68 ? 153 GLY A CA  1 
ATOM   1215 C  C   . GLY A 1 153 ? -9.310  -1.760  -13.243 1.00 41.27 ? 153 GLY A C   1 
ATOM   1216 O  O   . GLY A 1 153 ? -10.048 -0.801  -12.938 1.00 42.76 ? 153 GLY A O   1 
ATOM   1217 O  OXT . GLY A 1 153 ? -8.119  -1.619  -13.612 1.00 40.63 ? 153 GLY A OXT 1 
HETATM 1218 C  C   . CYN B 2 .   ? -4.765  5.757   -0.583  1.00 14.53 ? 155 CYN A C   1 
HETATM 1219 N  N   . CYN B 2 .   ? -3.706  6.419   -0.502  1.00 15.87 ? 155 CYN A N   1 
HETATM 1220 S  S   . SO4 C 3 .   ? 12.355  18.213  -5.480  1.00 49.34 ? 300 SO4 A S   1 
HETATM 1221 O  O1  . SO4 C 3 .   ? 12.025  19.198  -6.461  1.00 49.34 ? 300 SO4 A O1  1 
HETATM 1222 O  O2  . SO4 C 3 .   ? 13.612  17.590  -5.858  1.00 49.51 ? 300 SO4 A O2  1 
HETATM 1223 O  O3  . SO4 C 3 .   ? 12.414  18.731  -4.115  1.00 47.66 ? 300 SO4 A O3  1 
HETATM 1224 O  O4  . SO4 C 3 .   ? 11.374  17.186  -5.590  1.00 48.95 ? 300 SO4 A O4  1 
HETATM 1225 FE FE  . HE6 D 4 .   ? -6.246  4.763   -1.195  1.00 15.59 ? 154 HE6 A FE  1 
HETATM 1226 N  NA  . HE6 D 4 .   ? -6.990  4.911   0.598   1.00 14.57 ? 154 HE6 A NA  1 
HETATM 1227 N  NB  . HE6 D 4 .   ? -5.438  3.087   -0.664  1.00 12.73 ? 154 HE6 A NB  1 
HETATM 1228 N  NC  . HE6 D 4 .   ? -5.401  4.686   -2.987  1.00 13.81 ? 154 HE6 A NC  1 
HETATM 1229 N  ND  . HE6 D 4 .   ? -6.972  6.540   -1.692  1.00 15.76 ? 154 HE6 A ND  1 
HETATM 1230 C  C1A . HE6 D 4 .   ? -6.956  4.005   1.638   1.00 14.26 ? 154 HE6 A C1A 1 
HETATM 1231 C  CHA . HE6 D 4 .   ? -6.340  2.790   1.580   1.00 12.79 ? 154 HE6 A CHA 1 
HETATM 1232 C  C4D . HE6 D 4 .   ? -6.877  7.208   -2.897  1.00 15.88 ? 154 HE6 A C4D 1 
HETATM 1233 C  C1B . HE6 D 4 .   ? -4.610  2.286   -1.435  1.00 12.56 ? 154 HE6 A C1B 1 
HETATM 1234 C  CHB . HE6 D 4 .   ? -4.097  2.623   -2.676  1.00 12.71 ? 154 HE6 A CHB 1 
HETATM 1235 C  C4A . HE6 D 4 .   ? -7.697  5.998   1.101   1.00 15.81 ? 154 HE6 A C4A 1 
HETATM 1236 C  C1C . HE6 D 4 .   ? -5.371  5.651   -3.970  1.00 13.33 ? 154 HE6 A C1C 1 
HETATM 1237 C  CHC . HE6 D 4 .   ? -6.114  6.799   -3.970  1.00 13.81 ? 154 HE6 A CHC 1 
HETATM 1238 C  C4B . HE6 D 4 .   ? -5.647  2.370   0.488   1.00 12.18 ? 154 HE6 A C4B 1 
HETATM 1239 C  C1D . HE6 D 4 .   ? -7.733  7.393   -0.910  1.00 15.35 ? 154 HE6 A C1D 1 
HETATM 1240 C  CHD . HE6 D 4 .   ? -8.046  7.125   0.401   1.00 14.88 ? 154 HE6 A CHD 1 
HETATM 1241 C  C4C . HE6 D 4 .   ? -4.480  3.743   -3.408  1.00 13.17 ? 154 HE6 A C4C 1 
HETATM 1242 C  C2A . HE6 D 4 .   ? -7.571  4.530   2.728   1.00 15.40 ? 154 HE6 A C2A 1 
HETATM 1243 C  CMA . HE6 D 4 .   ? -7.875  3.785   4.008   1.00 14.12 ? 154 HE6 A CMA 1 
HETATM 1244 C  C3A . HE6 D 4 .   ? -8.032  5.771   2.399   1.00 16.93 ? 154 HE6 A C3A 1 
HETATM 1245 C  CAA . HE6 D 4 .   ? -8.865  6.699   3.299   1.00 19.12 ? 154 HE6 A CAA 1 
HETATM 1246 O  O1A . HE6 D 4 .   ? -9.900  6.165   3.746   1.00 22.26 ? 154 HE6 A O1A 1 
HETATM 1247 O  O2A . HE6 D 4 .   ? -8.775  7.936   3.155   1.00 21.90 ? 154 HE6 A O2A 1 
HETATM 1248 C  C2B . HE6 D 4 .   ? -4.330  1.162   -0.743  1.00 13.17 ? 154 HE6 A C2B 1 
HETATM 1249 C  CMB . HE6 D 4 .   ? -3.318  0.094   -1.109  1.00 12.85 ? 154 HE6 A CMB 1 
HETATM 1250 C  C3B . HE6 D 4 .   ? -4.985  1.210   0.434   1.00 12.52 ? 154 HE6 A C3B 1 
HETATM 1251 C  CNB . HE6 D 4 .   ? -4.866  0.179   1.549   1.00 14.11 ? 154 HE6 A CNB 1 
HETATM 1252 C  C2C . HE6 D 4 .   ? -4.435  5.347   -4.898  1.00 14.35 ? 154 HE6 A C2C 1 
HETATM 1253 C  CMC . HE6 D 4 .   ? -3.988  6.230   -6.076  1.00 13.62 ? 154 HE6 A CMC 1 
HETATM 1254 C  C3C . HE6 D 4 .   ? -3.943  4.143   -4.571  1.00 13.15 ? 154 HE6 A C3C 1 
HETATM 1255 C  CNC . HE6 D 4 .   ? -2.999  3.331   -5.425  1.00 13.48 ? 154 HE6 A CNC 1 
HETATM 1256 C  C2D . HE6 D 4 .   ? -8.030  8.516   -1.584  1.00 16.03 ? 154 HE6 A C2D 1 
HETATM 1257 C  CMD . HE6 D 4 .   ? -7.784  9.269   -4.045  1.00 15.65 ? 154 HE6 A CMD 1 
HETATM 1258 C  C3D . HE6 D 4 .   ? -7.545  8.372   -2.834  1.00 15.17 ? 154 HE6 A C3D 1 
HETATM 1259 C  CAD . HE6 D 4 .   ? -8.866  9.702   -1.089  1.00 18.62 ? 154 HE6 A CAD 1 
HETATM 1260 O  O1D . HE6 D 4 .   ? -9.375  9.604   0.036   1.00 23.38 ? 154 HE6 A O1D 1 
HETATM 1261 O  O2D . HE6 D 4 .   ? -8.650  10.823  -1.576  1.00 22.57 ? 154 HE6 A O2D 1 
HETATM 1262 O  O   . HOH E 5 .   ? -4.097  -10.536 4.368   1.00 18.54 ? 156 HOH A O   1 
HETATM 1263 O  O   . HOH E 5 .   ? 11.657  0.857   11.614  1.00 22.05 ? 157 HOH A O   1 
HETATM 1264 O  O   . HOH E 5 .   ? 2.643   9.058   6.592   1.00 23.32 ? 158 HOH A O   1 
HETATM 1265 O  O   . HOH E 5 .   ? -3.128  -16.635 2.087   1.00 19.58 ? 159 HOH A O   1 
HETATM 1266 O  O   . HOH E 5 .   ? 4.299   3.979   14.849  1.00 22.85 ? 160 HOH A O   1 
HETATM 1267 O  O   . HOH E 5 .   ? -7.567  2.947   8.515   1.00 37.73 ? 161 HOH A O   1 
HETATM 1268 O  O   . HOH E 5 .   ? -3.277  -17.756 6.884   1.00 27.80 ? 162 HOH A O   1 
HETATM 1269 O  O   . HOH E 5 .   ? -20.191 0.592   -12.572 1.00 49.48 ? 163 HOH A O   1 
HETATM 1270 O  O   . HOH E 5 .   ? -9.070  -11.335 -9.376  1.00 43.56 ? 164 HOH A O   1 
HETATM 1271 O  O   . HOH E 5 .   ? 10.545  8.492   -0.622  1.00 28.53 ? 165 HOH A O   1 
HETATM 1272 O  O   . HOH E 5 .   ? -2.638  -18.579 4.318   1.00 27.47 ? 166 HOH A O   1 
HETATM 1273 O  O   . HOH E 5 .   ? 15.127  -12.824 3.760   1.00 24.49 ? 167 HOH A O   1 
HETATM 1274 O  O   . HOH E 5 .   ? 11.917  -15.278 -3.070  1.00 43.50 ? 168 HOH A O   1 
HETATM 1275 O  O   . HOH E 5 .   ? -2.023  -10.477 -8.187  1.00 46.17 ? 169 HOH A O   1 
HETATM 1276 O  O   . HOH E 5 .   ? 6.136   7.660   14.240  1.00 43.09 ? 170 HOH A O   1 
HETATM 1277 O  O   . HOH E 5 .   ? -21.925 -8.353  -8.678  1.00 38.53 ? 171 HOH A O   1 
HETATM 1278 O  O   . HOH E 5 .   ? 13.030  2.500   9.878   1.00 30.80 ? 172 HOH A O   1 
HETATM 1279 O  O   . HOH E 5 .   ? -0.199  -14.571 -3.791  1.00 27.11 ? 173 HOH A O   1 
HETATM 1280 O  O   . HOH E 5 .   ? 4.322   -13.800 -8.920  1.00 46.28 ? 174 HOH A O   1 
HETATM 1281 O  O   . HOH E 5 .   ? 18.924  -11.303 -0.517  1.00 47.04 ? 175 HOH A O   1 
HETATM 1282 O  O   . HOH E 5 .   ? 15.049  -11.291 9.247   1.00 50.53 ? 176 HOH A O   1 
HETATM 1283 O  O   . HOH E 5 .   ? -2.854  -10.290 1.358   1.00 50.92 ? 177 HOH A O   1 
HETATM 1284 O  O   . HOH E 5 .   ? 6.327   2.955   -7.244  1.00 36.90 ? 178 HOH A O   1 
HETATM 1285 O  O   . HOH E 5 .   ? -0.019  21.678  3.008   1.00 54.33 ? 179 HOH A O   1 
HETATM 1286 O  O   . HOH E 5 .   ? -11.766 6.739   6.228   1.00 50.17 ? 180 HOH A O   1 
HETATM 1287 O  O   . HOH E 5 .   ? 5.420   -9.950  14.285  1.00 46.69 ? 181 HOH A O   1 
HETATM 1288 O  O   . HOH E 5 .   ? -12.471 -10.819 -3.279  1.00 30.56 ? 182 HOH A O   1 
HETATM 1289 O  O   . HOH E 5 .   ? -15.992 -14.245 4.870   1.00 48.06 ? 183 HOH A O   1 
HETATM 1290 O  O   . HOH E 5 .   ? 7.912   -9.488  4.184   1.00 48.86 ? 184 HOH A O   1 
HETATM 1291 O  O   . HOH E 5 .   ? 1.594   -7.571  -11.133 1.00 47.13 ? 185 HOH A O   1 
HETATM 1292 O  O   . HOH E 5 .   ? -1.386  17.509  -9.880  1.00 57.85 ? 186 HOH A O   1 
HETATM 1293 O  O   . HOH E 5 .   ? -17.917 -8.151  -17.859 1.00 52.50 ? 187 HOH A O   1 
HETATM 1294 O  O   . HOH E 5 .   ? -4.404  9.963   10.317  1.00 46.26 ? 188 HOH A O   1 
HETATM 1295 O  O   . HOH E 5 .   ? 18.819  -6.921  0.577   1.00 40.35 ? 189 HOH A O   1 
HETATM 1296 O  O   . HOH E 5 .   ? -5.492  13.639  5.286   1.00 45.69 ? 190 HOH A O   1 
HETATM 1297 O  O   . HOH E 5 .   ? -13.519 -8.087  10.501  1.00 50.29 ? 191 HOH A O   1 
HETATM 1298 O  O   . HOH E 5 .   ? 4.768   16.613  7.903   1.00 46.53 ? 192 HOH A O   1 
HETATM 1299 O  O   . HOH E 5 .   ? 3.449   -7.305  12.682  1.00 33.58 ? 193 HOH A O   1 
HETATM 1300 O  O   . HOH E 5 .   ? 5.457   -4.395  16.684  1.00 44.18 ? 194 HOH A O   1 
HETATM 1301 O  O   . HOH E 5 .   ? 10.893  -14.404 10.794  1.00 45.75 ? 195 HOH A O   1 
HETATM 1302 O  O   . HOH E 5 .   ? -2.514  -14.528 -5.679  1.00 45.72 ? 196 HOH A O   1 
HETATM 1303 O  O   . HOH E 5 .   ? -10.981 -12.461 0.054   1.00 43.32 ? 197 HOH A O   1 
HETATM 1304 O  O   . HOH E 5 .   ? -8.446  -2.466  6.945   1.00 25.89 ? 198 HOH A O   1 
HETATM 1305 O  O   . HOH E 5 .   ? 2.402   -19.404 -4.737  1.00 51.17 ? 199 HOH A O   1 
HETATM 1306 O  O   . HOH E 5 .   ? 8.052   -19.188 10.887  1.00 49.08 ? 200 HOH A O   1 
HETATM 1307 O  O   . HOH E 5 .   ? 9.490   -17.752 7.852   1.00 41.88 ? 201 HOH A O   1 
HETATM 1308 O  O   . HOH E 5 .   ? 10.117  -16.408 -0.223  1.00 38.10 ? 202 HOH A O   1 
HETATM 1309 O  O   . HOH E 5 .   ? 3.515   -16.745 -11.617 1.00 48.22 ? 203 HOH A O   1 
HETATM 1310 O  O   . HOH E 5 .   ? 1.611   24.320  -0.645  1.00 49.31 ? 204 HOH A O   1 
HETATM 1311 O  O   . HOH E 5 .   ? 3.431   -5.433  -11.190 1.00 47.69 ? 205 HOH A O   1 
HETATM 1312 O  O   . HOH E 5 .   ? 15.378  5.293   -1.831  1.00 41.88 ? 206 HOH A O   1 
HETATM 1313 O  O   . HOH E 5 .   ? 5.066   -20.554 -6.550  1.00 45.97 ? 207 HOH A O   1 
HETATM 1314 O  O   . HOH E 5 .   ? -11.816 -13.574 3.368   1.00 41.07 ? 208 HOH A O   1 
HETATM 1315 O  O   . HOH E 5 .   ? -6.679  -6.933  11.535  1.00 30.35 ? 209 HOH A O   1 
HETATM 1316 O  O   . HOH E 5 .   ? -3.175  -2.117  11.837  1.00 36.02 ? 210 HOH A O   1 
HETATM 1317 O  O   . HOH E 5 .   ? 9.721   10.054  6.326   1.00 41.91 ? 211 HOH A O   1 
HETATM 1318 O  O   . HOH E 5 .   ? 4.106   14.657  4.715   1.00 20.50 ? 212 HOH A O   1 
HETATM 1319 O  O   . HOH E 5 .   ? 9.235   0.565   -7.436  1.00 50.60 ? 213 HOH A O   1 
HETATM 1320 O  O   . HOH E 5 .   ? 11.861  18.989  -9.477  1.00 50.97 ? 214 HOH A O   1 
HETATM 1321 O  O   . HOH E 5 .   ? 3.142   22.624  5.756   1.00 47.76 ? 215 HOH A O   1 
HETATM 1322 O  O   . HOH E 5 .   ? 3.734   21.903  2.031   1.00 39.35 ? 216 HOH A O   1 
HETATM 1323 O  O   . HOH E 5 .   ? -5.979  22.948  -3.656  1.00 54.05 ? 217 HOH A O   1 
HETATM 1324 O  O   . HOH E 5 .   ? 0.955   -9.742  14.305  1.00 48.76 ? 218 HOH A O   1 
HETATM 1325 O  O   . HOH E 5 .   ? -0.863  20.391  5.572   1.00 37.09 ? 219 HOH A O   1 
HETATM 1326 O  O   . HOH E 5 .   ? 18.759  -9.091  11.307  1.00 48.89 ? 220 HOH A O   1 
HETATM 1327 O  O   . HOH E 5 .   ? -1.731  -11.573 13.136  1.00 45.48 ? 221 HOH A O   1 
HETATM 1328 O  O   . HOH E 5 .   ? 5.626   25.861  -0.784  1.00 49.38 ? 222 HOH A O   1 
HETATM 1329 O  O   . HOH E 5 .   ? 2.216   -2.412  16.515  1.00 54.39 ? 223 HOH A O   1 
HETATM 1330 O  O   . HOH E 5 .   ? -7.809  -12.579 13.099  1.00 48.99 ? 224 HOH A O   1 
HETATM 1331 O  O   . HOH E 5 .   ? -12.510 -14.224 6.222   1.00 50.37 ? 225 HOH A O   1 
HETATM 1332 O  O   . HOH E 5 .   ? -15.602 -4.742  8.869   1.00 54.01 ? 226 HOH A O   1 
HETATM 1333 O  O   . HOH E 5 .   ? 2.091   0.722   15.273  1.00 42.53 ? 227 HOH A O   1 
HETATM 1334 O  O   . HOH E 5 .   ? -5.370  -4.852  13.294  1.00 50.50 ? 228 HOH A O   1 
HETATM 1335 O  O   . HOH E 5 .   ? -1.227  8.989   -17.383 1.00 48.70 ? 229 HOH A O   1 
HETATM 1336 O  O   . HOH E 5 .   ? -5.781  -16.455 0.849   1.00 40.66 ? 230 HOH A O   1 
HETATM 1337 O  O   . HOH E 5 .   ? -3.990  -17.127 -3.818  1.00 52.72 ? 231 HOH A O   1 
HETATM 1338 O  O   . HOH E 5 .   ? 4.074   26.246  1.854   1.00 51.97 ? 232 HOH A O   1 
HETATM 1339 O  O   . HOH E 5 .   ? 15.766  -7.955  13.525  1.00 44.30 ? 233 HOH A O   1 
HETATM 1340 O  O   . HOH E 5 .   ? -18.386 -6.606  8.702   1.00 51.13 ? 234 HOH A O   1 
HETATM 1341 O  O   . HOH E 5 .   ? -10.719 -1.553  5.155   1.00 34.94 ? 235 HOH A O   1 
HETATM 1342 O  O   . HOH E 5 .   ? 8.471   9.795   11.967  1.00 36.34 ? 236 HOH A O   1 
HETATM 1343 O  O   . HOH E 5 .   ? 1.465   -6.881  18.070  1.00 44.61 ? 237 HOH A O   1 
HETATM 1344 O  O   . HOH E 5 .   ? -2.559  -7.345  16.425  1.00 54.64 ? 238 HOH A O   1 
HETATM 1345 O  O   . HOH E 5 .   ? 1.453   19.796  -9.064  1.00 48.15 ? 239 HOH A O   1 
HETATM 1346 O  O   . HOH E 5 .   ? 5.075   14.012  -8.494  1.00 42.75 ? 240 HOH A O   1 
HETATM 1347 O  O   . HOH E 5 .   ? -6.768  -17.761 -2.129  1.00 52.90 ? 241 HOH A O   1 
HETATM 1348 O  O   . HOH E 5 .   ? 9.478   23.454  -3.602  1.00 39.40 ? 242 HOH A O   1 
HETATM 1349 O  O   . HOH E 5 .   ? 8.397   11.583  9.588   1.00 43.54 ? 243 HOH A O   1 
HETATM 1350 O  O   . HOH E 5 .   ? -9.285  -15.202 11.110  1.00 45.62 ? 244 HOH A O   1 
HETATM 1351 O  O   . HOH E 5 .   ? -12.854 -11.044 6.805   1.00 52.71 ? 245 HOH A O   1 
HETATM 1352 O  O   . HOH E 5 .   ? -20.871 -7.751  6.856   1.00 51.60 ? 246 HOH A O   1 
HETATM 1353 O  O   . HOH E 5 .   ? -11.668 3.632   2.227   1.00 38.81 ? 247 HOH A O   1 
HETATM 1354 O  O   . HOH E 5 .   ? -12.236 6.846   1.037   1.00 46.12 ? 248 HOH A O   1 
HETATM 1355 O  O   . HOH E 5 .   ? -14.068 4.513   6.030   1.00 53.40 ? 249 HOH A O   1 
HETATM 1356 O  O   . HOH E 5 .   ? -7.641  9.717   8.720   1.00 52.64 ? 250 HOH A O   1 
HETATM 1357 O  O   . HOH E 5 .   ? -10.388 10.655  -6.951  1.00 43.98 ? 251 HOH A O   1 
HETATM 1358 O  O   . HOH E 5 .   ? -15.059 5.141   2.672   1.00 51.45 ? 252 HOH A O   1 
HETATM 1359 O  O   . HOH E 5 .   ? -20.642 0.769   3.827   1.00 51.99 ? 253 HOH A O   1 
HETATM 1360 O  O   . HOH E 5 .   ? -17.102 5.258   -0.352  1.00 40.39 ? 254 HOH A O   1 
HETATM 1361 O  O   . HOH E 5 .   ? 12.728  5.763   -1.204  1.00 46.89 ? 255 HOH A O   1 
HETATM 1362 O  O   . HOH E 5 .   ? 17.140  -14.196 2.037   1.00 31.59 ? 256 HOH A O   1 
HETATM 1363 O  O   . HOH E 5 .   ? -19.570 3.751   -10.468 1.00 47.87 ? 257 HOH A O   1 
HETATM 1364 O  O   . HOH E 5 .   ? -17.400 2.108   -13.112 1.00 45.89 ? 258 HOH A O   1 
HETATM 1365 O  O   . HOH E 5 .   ? -18.303 1.387   -9.990  1.00 40.12 ? 259 HOH A O   1 
HETATM 1366 O  O   . HOH E 5 .   ? -18.574 6.650   -10.013 1.00 49.68 ? 260 HOH A O   1 
HETATM 1367 O  O   . HOH E 5 .   ? -6.330  10.843  6.151   1.00 36.01 ? 261 HOH A O   1 
HETATM 1368 O  O   . HOH E 5 .   ? -6.437  -14.185 10.845  1.00 39.81 ? 262 HOH A O   1 
HETATM 1369 O  O   . HOH E 5 .   ? -7.775  -14.518 0.385   1.00 36.37 ? 263 HOH A O   1 
HETATM 1370 O  O   . HOH E 5 .   ? 7.291   -21.717 3.626   1.00 48.59 ? 264 HOH A O   1 
HETATM 1371 O  O   . HOH E 5 .   ? 10.254  -18.504 2.632   1.00 46.37 ? 265 HOH A O   1 
HETATM 1372 O  O   . HOH E 5 .   ? 3.626   6.727   13.369  1.00 48.83 ? 266 HOH A O   1 
HETATM 1373 O  O   . HOH E 5 .   ? 7.538   15.051  10.349  1.00 48.70 ? 267 HOH A O   1 
HETATM 1374 O  O   . HOH E 5 .   ? 13.480  12.916  2.074   1.00 57.38 ? 268 HOH A O   1 
HETATM 1375 O  O   . HOH E 5 .   ? 3.937   -6.561  -5.445  1.00 33.69 ? 269 HOH A O   1 
HETATM 1376 O  O   . HOH E 5 .   ? 3.854   -8.583  -8.621  1.00 32.88 ? 270 HOH A O   1 
HETATM 1377 O  O   . HOH E 5 .   ? -2.128  -6.956  -10.031 1.00 34.16 ? 271 HOH A O   1 
HETATM 1378 O  O   . HOH E 5 .   ? 7.390   -16.242 -0.457  1.00 52.29 ? 272 HOH A O   1 
HETATM 1379 O  O   . HOH E 5 .   ? -18.266 -11.265 -10.485 1.00 47.61 ? 273 HOH A O   1 
HETATM 1380 O  O   . HOH E 5 .   ? 6.848   14.780  -12.109 1.00 49.16 ? 274 HOH A O   1 
HETATM 1381 O  O   . HOH E 5 .   ? 11.884  11.084  -5.480  1.00 46.35 ? 275 HOH A O   1 
HETATM 1382 O  O   . HOH E 5 .   ? 0.177   21.064  -12.019 1.00 57.08 ? 276 HOH A O   1 
HETATM 1383 O  O   . HOH E 5 .   ? -0.635  24.286  -12.014 1.00 55.78 ? 277 HOH A O   1 
HETATM 1384 O  O   . HOH E 5 .   ? 15.537  14.391  0.469   1.00 54.49 ? 278 HOH A O   1 
HETATM 1385 O  O   . HOH E 5 .   ? -6.671  -9.138  13.550  1.00 52.06 ? 279 HOH A O   1 
HETATM 1386 O  O   . HOH E 5 .   ? -16.966 2.529   1.417   1.00 48.39 ? 280 HOH A O   1 
HETATM 1387 O  O   . HOH E 5 .   ? -3.274  4.041   -17.093 1.00 48.87 ? 281 HOH A O   1 
HETATM 1388 O  O   . HOH E 5 .   ? -5.470  -1.457  -14.724 1.00 42.30 ? 282 HOH A O   1 
HETATM 1389 O  O   . HOH E 5 .   ? -5.375  2.412   -20.342 1.00 54.63 ? 283 HOH A O   1 
HETATM 1390 O  O   . HOH E 5 .   ? 15.266  0.052   -2.825  1.00 38.61 ? 284 HOH A O   1 
HETATM 1391 O  O   . HOH E 5 .   ? 17.508  8.679   3.037   1.00 55.47 ? 285 HOH A O   1 
HETATM 1392 O  O   . HOH E 5 .   ? -15.680 -11.302 -9.254  1.00 36.15 ? 286 HOH A O   1 
HETATM 1393 O  O   . HOH E 5 .   ? -2.388  -4.618  15.639  1.00 50.10 ? 287 HOH A O   1 
HETATM 1394 O  O   . HOH E 5 .   ? 7.839   -20.452 0.612   1.00 53.48 ? 288 HOH A O   1 
HETATM 1395 O  O   . HOH E 5 .   ? 9.046   17.790  -12.979 1.00 58.91 ? 289 HOH A O   1 
HETATM 1396 O  O   . HOH E 5 .   ? -9.630  10.614  3.674   1.00 51.24 ? 290 HOH A O   1 
HETATM 1397 O  O   . HOH E 5 .   ? -9.580  12.701  -3.959  1.00 49.57 ? 291 HOH A O   1 
# 
